data_6DUW
# 
_entry.id   6DUW 
# 
_audit_conform.dict_name       mmcif_pdbx.dic 
_audit_conform.dict_version    5.379 
_audit_conform.dict_location   http://mmcif.pdb.org/dictionaries/ascii/mmcif_pdbx.dic 
# 
loop_
_database_2.database_id 
_database_2.database_code 
_database_2.pdbx_database_accession 
_database_2.pdbx_DOI 
PDB   6DUW         pdb_00006duw 10.2210/pdb6duw/pdb 
WWPDB D_1000235282 ?            ?                   
# 
_pdbx_database_status.status_code                     REL 
_pdbx_database_status.status_code_sf                  REL 
_pdbx_database_status.status_code_mr                  ? 
_pdbx_database_status.entry_id                        6DUW 
_pdbx_database_status.recvd_initial_deposition_date   2018-06-22 
_pdbx_database_status.SG_entry                        N 
_pdbx_database_status.deposit_site                    RCSB 
_pdbx_database_status.process_site                    RCSB 
_pdbx_database_status.status_code_cs                  ? 
_pdbx_database_status.methods_development_category    ? 
_pdbx_database_status.pdb_format_compatible           Y 
_pdbx_database_status.status_code_nmr_data            ? 
# 
loop_
_audit_author.name 
_audit_author.pdbx_ordinal 
_audit_author.identifier_ORCID 
'Ishiyama, N.' 1 ? 
'Ikura, M.'    2 ? 
# 
_citation.abstract                  ? 
_citation.abstract_id_CAS           ? 
_citation.book_id_ISBN              ? 
_citation.book_publisher            ? 
_citation.book_publisher_city       ? 
_citation.book_title                ? 
_citation.coordinate_linkage        ? 
_citation.country                   UK 
_citation.database_id_Medline       ? 
_citation.details                   ? 
_citation.id                        primary 
_citation.journal_abbrev            'Nat Commun' 
_citation.journal_id_ASTM           ? 
_citation.journal_id_CSD            ? 
_citation.journal_id_ISSN           2041-1723 
_citation.journal_full              ? 
_citation.journal_issue             ? 
_citation.journal_volume            9 
_citation.language                  ? 
_citation.page_first                5121 
_citation.page_last                 5121 
_citation.title                     
'Force-dependent allostery of the alpha-catenin actin-binding domain controls adherens junction dynamics and functions.' 
_citation.year                      2018 
_citation.database_id_CSD           ? 
_citation.pdbx_database_id_DOI      10.1038/s41467-018-07481-7 
_citation.pdbx_database_id_PubMed   30504777 
_citation.unpublished_flag          ? 
# 
loop_
_citation_author.citation_id 
_citation_author.name 
_citation_author.ordinal 
_citation_author.identifier_ORCID 
primary 'Ishiyama, N.'           1  0000-0002-1426-6083 
primary 'Sarpal, R.'             2  ?                   
primary 'Wood, M.N.'             3  ?                   
primary 'Barrick, S.K.'          4  ?                   
primary 'Nishikawa, T.'          5  ?                   
primary 'Hayashi, H.'            6  ?                   
primary 'Kobb, A.B.'             7  ?                   
primary 'Flozak, A.S.'           8  ?                   
primary 'Yemelyanov, A.'         9  ?                   
primary 'Fernandez-Gonzalez, R.' 10 0000-0003-0770-744X 
primary 'Yonemura, S.'           11 ?                   
primary 'Leckband, D.E.'         12 ?                   
primary 'Gottardi, C.J.'         13 0000-0003-0912-7617 
primary 'Tepass, U.'             14 ?                   
primary 'Ikura, M.'              15 ?                   
# 
_cell.angle_alpha                  90.000 
_cell.angle_alpha_esd              ? 
_cell.angle_beta                   90.000 
_cell.angle_beta_esd               ? 
_cell.angle_gamma                  120.000 
_cell.angle_gamma_esd              ? 
_cell.entry_id                     6DUW 
_cell.details                      ? 
_cell.formula_units_Z              ? 
_cell.length_a                     108.652 
_cell.length_a_esd                 ? 
_cell.length_b                     108.652 
_cell.length_b_esd                 ? 
_cell.length_c                     133.078 
_cell.length_c_esd                 ? 
_cell.volume                       1360543.234 
_cell.volume_esd                   ? 
_cell.Z_PDB                        12 
_cell.reciprocal_angle_alpha       ? 
_cell.reciprocal_angle_beta        ? 
_cell.reciprocal_angle_gamma       ? 
_cell.reciprocal_angle_alpha_esd   ? 
_cell.reciprocal_angle_beta_esd    ? 
_cell.reciprocal_angle_gamma_esd   ? 
_cell.reciprocal_length_a          ? 
_cell.reciprocal_length_b          ? 
_cell.reciprocal_length_c          ? 
_cell.reciprocal_length_a_esd      ? 
_cell.reciprocal_length_b_esd      ? 
_cell.reciprocal_length_c_esd      ? 
_cell.pdbx_unique_axis             ? 
# 
_symmetry.entry_id                         6DUW 
_symmetry.cell_setting                     ? 
_symmetry.Int_Tables_number                179 
_symmetry.space_group_name_Hall            'P 65 2 (x,y,z+1/12)' 
_symmetry.space_group_name_H-M             'P 65 2 2' 
_symmetry.pdbx_full_space_group_name_H-M   ? 
# 
loop_
_entity.id 
_entity.type 
_entity.src_method 
_entity.pdbx_description 
_entity.formula_weight 
_entity.pdbx_number_of_molecules 
_entity.pdbx_ec 
_entity.pdbx_mutation 
_entity.pdbx_fragment 
_entity.details 
1 polymer man 'Catenin alpha-2' 28120.342 1  ? ? ? ? 
2 water   nat water             18.015    89 ? ? ? ? 
# 
_entity_name_com.entity_id   1 
_entity_name_com.name        'Alpha N-catenin, Alpha-catenin-related protein' 
# 
_entity_poly.entity_id                      1 
_entity_poly.type                           'polypeptide(L)' 
_entity_poly.nstd_linkage                   no 
_entity_poly.nstd_monomer                   no 
_entity_poly.pdbx_seq_one_letter_code       
;GSSRTSVQTEDDQLIAGQSAGSGSAQLPQEEKAKIAEQVEIFHQEKSKLDAEVAKWDDSGNDIIVLAKQMCMIMMEMTDF
TRGKGPLKNTSDVINAAKKIAEAGSRMDKLARAVADQCPDSACKQDLLAYLQRIALYCHQLNICSKVKAEVQNLGGELIV
SGLDSATSLIQAAKNLMNAVVLTVKASYVASTKYQKVYGTAAVNSPVVSWKMKAPEKKPLVKREKPEEFQTRVRRGSQKK
HISPVQALSEFKAMDSF
;
_entity_poly.pdbx_seq_one_letter_code_can   
;GSSRTSVQTEDDQLIAGQSAGSGSAQLPQEEKAKIAEQVEIFHQEKSKLDAEVAKWDDSGNDIIVLAKQMCMIMMEMTDF
TRGKGPLKNTSDVINAAKKIAEAGSRMDKLARAVADQCPDSACKQDLLAYLQRIALYCHQLNICSKVKAEVQNLGGELIV
SGLDSATSLIQAAKNLMNAVVLTVKASYVASTKYQKVYGTAAVNSPVVSWKMKAPEKKPLVKREKPEEFQTRVRRGSQKK
HISPVQALSEFKAMDSF
;
_entity_poly.pdbx_strand_id                 A 
_entity_poly.pdbx_target_identifier         ? 
# 
loop_
_entity_poly_seq.entity_id 
_entity_poly_seq.num 
_entity_poly_seq.mon_id 
_entity_poly_seq.hetero 
1 1   GLY n 
1 2   SER n 
1 3   SER n 
1 4   ARG n 
1 5   THR n 
1 6   SER n 
1 7   VAL n 
1 8   GLN n 
1 9   THR n 
1 10  GLU n 
1 11  ASP n 
1 12  ASP n 
1 13  GLN n 
1 14  LEU n 
1 15  ILE n 
1 16  ALA n 
1 17  GLY n 
1 18  GLN n 
1 19  SER n 
1 20  ALA n 
1 21  GLY n 
1 22  SER n 
1 23  GLY n 
1 24  SER n 
1 25  ALA n 
1 26  GLN n 
1 27  LEU n 
1 28  PRO n 
1 29  GLN n 
1 30  GLU n 
1 31  GLU n 
1 32  LYS n 
1 33  ALA n 
1 34  LYS n 
1 35  ILE n 
1 36  ALA n 
1 37  GLU n 
1 38  GLN n 
1 39  VAL n 
1 40  GLU n 
1 41  ILE n 
1 42  PHE n 
1 43  HIS n 
1 44  GLN n 
1 45  GLU n 
1 46  LYS n 
1 47  SER n 
1 48  LYS n 
1 49  LEU n 
1 50  ASP n 
1 51  ALA n 
1 52  GLU n 
1 53  VAL n 
1 54  ALA n 
1 55  LYS n 
1 56  TRP n 
1 57  ASP n 
1 58  ASP n 
1 59  SER n 
1 60  GLY n 
1 61  ASN n 
1 62  ASP n 
1 63  ILE n 
1 64  ILE n 
1 65  VAL n 
1 66  LEU n 
1 67  ALA n 
1 68  LYS n 
1 69  GLN n 
1 70  MET n 
1 71  CYS n 
1 72  MET n 
1 73  ILE n 
1 74  MET n 
1 75  MET n 
1 76  GLU n 
1 77  MET n 
1 78  THR n 
1 79  ASP n 
1 80  PHE n 
1 81  THR n 
1 82  ARG n 
1 83  GLY n 
1 84  LYS n 
1 85  GLY n 
1 86  PRO n 
1 87  LEU n 
1 88  LYS n 
1 89  ASN n 
1 90  THR n 
1 91  SER n 
1 92  ASP n 
1 93  VAL n 
1 94  ILE n 
1 95  ASN n 
1 96  ALA n 
1 97  ALA n 
1 98  LYS n 
1 99  LYS n 
1 100 ILE n 
1 101 ALA n 
1 102 GLU n 
1 103 ALA n 
1 104 GLY n 
1 105 SER n 
1 106 ARG n 
1 107 MET n 
1 108 ASP n 
1 109 LYS n 
1 110 LEU n 
1 111 ALA n 
1 112 ARG n 
1 113 ALA n 
1 114 VAL n 
1 115 ALA n 
1 116 ASP n 
1 117 GLN n 
1 118 CYS n 
1 119 PRO n 
1 120 ASP n 
1 121 SER n 
1 122 ALA n 
1 123 CYS n 
1 124 LYS n 
1 125 GLN n 
1 126 ASP n 
1 127 LEU n 
1 128 LEU n 
1 129 ALA n 
1 130 TYR n 
1 131 LEU n 
1 132 GLN n 
1 133 ARG n 
1 134 ILE n 
1 135 ALA n 
1 136 LEU n 
1 137 TYR n 
1 138 CYS n 
1 139 HIS n 
1 140 GLN n 
1 141 LEU n 
1 142 ASN n 
1 143 ILE n 
1 144 CYS n 
1 145 SER n 
1 146 LYS n 
1 147 VAL n 
1 148 LYS n 
1 149 ALA n 
1 150 GLU n 
1 151 VAL n 
1 152 GLN n 
1 153 ASN n 
1 154 LEU n 
1 155 GLY n 
1 156 GLY n 
1 157 GLU n 
1 158 LEU n 
1 159 ILE n 
1 160 VAL n 
1 161 SER n 
1 162 GLY n 
1 163 LEU n 
1 164 ASP n 
1 165 SER n 
1 166 ALA n 
1 167 THR n 
1 168 SER n 
1 169 LEU n 
1 170 ILE n 
1 171 GLN n 
1 172 ALA n 
1 173 ALA n 
1 174 LYS n 
1 175 ASN n 
1 176 LEU n 
1 177 MET n 
1 178 ASN n 
1 179 ALA n 
1 180 VAL n 
1 181 VAL n 
1 182 LEU n 
1 183 THR n 
1 184 VAL n 
1 185 LYS n 
1 186 ALA n 
1 187 SER n 
1 188 TYR n 
1 189 VAL n 
1 190 ALA n 
1 191 SER n 
1 192 THR n 
1 193 LYS n 
1 194 TYR n 
1 195 GLN n 
1 196 LYS n 
1 197 VAL n 
1 198 TYR n 
1 199 GLY n 
1 200 THR n 
1 201 ALA n 
1 202 ALA n 
1 203 VAL n 
1 204 ASN n 
1 205 SER n 
1 206 PRO n 
1 207 VAL n 
1 208 VAL n 
1 209 SER n 
1 210 TRP n 
1 211 LYS n 
1 212 MET n 
1 213 LYS n 
1 214 ALA n 
1 215 PRO n 
1 216 GLU n 
1 217 LYS n 
1 218 LYS n 
1 219 PRO n 
1 220 LEU n 
1 221 VAL n 
1 222 LYS n 
1 223 ARG n 
1 224 GLU n 
1 225 LYS n 
1 226 PRO n 
1 227 GLU n 
1 228 GLU n 
1 229 PHE n 
1 230 GLN n 
1 231 THR n 
1 232 ARG n 
1 233 VAL n 
1 234 ARG n 
1 235 ARG n 
1 236 GLY n 
1 237 SER n 
1 238 GLN n 
1 239 LYS n 
1 240 LYS n 
1 241 HIS n 
1 242 ILE n 
1 243 SER n 
1 244 PRO n 
1 245 VAL n 
1 246 GLN n 
1 247 ALA n 
1 248 LEU n 
1 249 SER n 
1 250 GLU n 
1 251 PHE n 
1 252 LYS n 
1 253 ALA n 
1 254 MET n 
1 255 ASP n 
1 256 SER n 
1 257 PHE n 
# 
_entity_src_gen.entity_id                          1 
_entity_src_gen.pdbx_src_id                        1 
_entity_src_gen.pdbx_alt_source_flag               sample 
_entity_src_gen.pdbx_seq_type                      'Biological sequence' 
_entity_src_gen.pdbx_beg_seq_num                   1 
_entity_src_gen.pdbx_end_seq_num                   257 
_entity_src_gen.gene_src_common_name               Human 
_entity_src_gen.gene_src_genus                     ? 
_entity_src_gen.pdbx_gene_src_gene                 'CTNNA2, CAPR' 
_entity_src_gen.gene_src_species                   ? 
_entity_src_gen.gene_src_strain                    ? 
_entity_src_gen.gene_src_tissue                    ? 
_entity_src_gen.gene_src_tissue_fraction           ? 
_entity_src_gen.gene_src_details                   ? 
_entity_src_gen.pdbx_gene_src_fragment             ? 
_entity_src_gen.pdbx_gene_src_scientific_name      'Homo sapiens' 
_entity_src_gen.pdbx_gene_src_ncbi_taxonomy_id     9606 
_entity_src_gen.pdbx_gene_src_variant              ? 
_entity_src_gen.pdbx_gene_src_cell_line            ? 
_entity_src_gen.pdbx_gene_src_atcc                 ? 
_entity_src_gen.pdbx_gene_src_organ                ? 
_entity_src_gen.pdbx_gene_src_organelle            ? 
_entity_src_gen.pdbx_gene_src_cell                 ? 
_entity_src_gen.pdbx_gene_src_cellular_location    ? 
_entity_src_gen.host_org_common_name               ? 
_entity_src_gen.pdbx_host_org_scientific_name      'Escherichia coli BL21' 
_entity_src_gen.pdbx_host_org_ncbi_taxonomy_id     511693 
_entity_src_gen.host_org_genus                     ? 
_entity_src_gen.pdbx_host_org_gene                 ? 
_entity_src_gen.pdbx_host_org_organ                ? 
_entity_src_gen.host_org_species                   ? 
_entity_src_gen.pdbx_host_org_tissue               ? 
_entity_src_gen.pdbx_host_org_tissue_fraction      ? 
_entity_src_gen.pdbx_host_org_strain               ? 
_entity_src_gen.pdbx_host_org_variant              ? 
_entity_src_gen.pdbx_host_org_cell_line            ? 
_entity_src_gen.pdbx_host_org_atcc                 ? 
_entity_src_gen.pdbx_host_org_culture_collection   ? 
_entity_src_gen.pdbx_host_org_cell                 ? 
_entity_src_gen.pdbx_host_org_organelle            ? 
_entity_src_gen.pdbx_host_org_cellular_location    ? 
_entity_src_gen.pdbx_host_org_vector_type          ? 
_entity_src_gen.pdbx_host_org_vector               ? 
_entity_src_gen.host_org_details                   ? 
_entity_src_gen.expression_system_id               ? 
_entity_src_gen.plasmid_name                       ? 
_entity_src_gen.plasmid_details                    ? 
_entity_src_gen.pdbx_description                   ? 
# 
_struct_ref.id                         1 
_struct_ref.db_name                    UNP 
_struct_ref.db_code                    CTNA2_HUMAN 
_struct_ref.pdbx_db_accession          P26232 
_struct_ref.pdbx_db_isoform            P26232-5 
_struct_ref.entity_id                  1 
_struct_ref.pdbx_seq_one_letter_code   
;SRTSVQTEDDQLIAGQSARAIMAQLPQEEKAKIAEQVEIFHQEKSKLDAEVAKWDDSGNDIIVLAKQMCMIMMEMTDFTR
GKGPLKNTSDVINAAKKIAEAGSRMDKLARAVADQCPDSACKQDLLAYLQRIALYCHQLNICSKVKAEVQNLGGELIVSG
LDSATSLIQAAKNLMNAVVLTVKASYVASTKYQKVYGTAAVNSPVVSWKMKAPEKKPLVKREKPEEFQTRVRRGSQKKHI
SPVQALSEFKAMDSF
;
_struct_ref.pdbx_align_begin           685 
# 
_struct_ref_seq.align_id                      1 
_struct_ref_seq.ref_id                        1 
_struct_ref_seq.pdbx_PDB_id_code              6DUW 
_struct_ref_seq.pdbx_strand_id                A 
_struct_ref_seq.seq_align_beg                 3 
_struct_ref_seq.pdbx_seq_align_beg_ins_code   ? 
_struct_ref_seq.seq_align_end                 257 
_struct_ref_seq.pdbx_seq_align_end_ins_code   ? 
_struct_ref_seq.pdbx_db_accession             P26232 
_struct_ref_seq.db_align_beg                  685 
_struct_ref_seq.pdbx_db_align_beg_ins_code    ? 
_struct_ref_seq.db_align_end                  939 
_struct_ref_seq.pdbx_db_align_end_ins_code    ? 
_struct_ref_seq.pdbx_auth_seq_align_beg       651 
_struct_ref_seq.pdbx_auth_seq_align_end       905 
# 
loop_
_struct_ref_seq_dif.align_id 
_struct_ref_seq_dif.pdbx_pdb_id_code 
_struct_ref_seq_dif.mon_id 
_struct_ref_seq_dif.pdbx_pdb_strand_id 
_struct_ref_seq_dif.seq_num 
_struct_ref_seq_dif.pdbx_pdb_ins_code 
_struct_ref_seq_dif.pdbx_seq_db_name 
_struct_ref_seq_dif.pdbx_seq_db_accession_code 
_struct_ref_seq_dif.db_mon_id 
_struct_ref_seq_dif.pdbx_seq_db_seq_num 
_struct_ref_seq_dif.details 
_struct_ref_seq_dif.pdbx_auth_seq_num 
_struct_ref_seq_dif.pdbx_ordinal 
1 6DUW GLY A 1  ? UNP P26232 ?   ?   'expression tag' 649 1 
1 6DUW SER A 2  ? UNP P26232 ?   ?   'expression tag' 650 2 
1 6DUW GLY A 21 ? UNP P26232 ARG 703 conflict         669 3 
1 6DUW SER A 22 ? UNP P26232 ALA 704 conflict         670 4 
1 6DUW GLY A 23 ? UNP P26232 ILE 705 conflict         671 5 
1 6DUW SER A 24 ? UNP P26232 MET 706 conflict         672 6 
# 
loop_
_chem_comp.id 
_chem_comp.type 
_chem_comp.mon_nstd_flag 
_chem_comp.name 
_chem_comp.pdbx_synonyms 
_chem_comp.formula 
_chem_comp.formula_weight 
ALA 'L-peptide linking' y ALANINE         ? 'C3 H7 N O2'     89.093  
ARG 'L-peptide linking' y ARGININE        ? 'C6 H15 N4 O2 1' 175.209 
ASN 'L-peptide linking' y ASPARAGINE      ? 'C4 H8 N2 O3'    132.118 
ASP 'L-peptide linking' y 'ASPARTIC ACID' ? 'C4 H7 N O4'     133.103 
CYS 'L-peptide linking' y CYSTEINE        ? 'C3 H7 N O2 S'   121.158 
GLN 'L-peptide linking' y GLUTAMINE       ? 'C5 H10 N2 O3'   146.144 
GLU 'L-peptide linking' y 'GLUTAMIC ACID' ? 'C5 H9 N O4'     147.129 
GLY 'peptide linking'   y GLYCINE         ? 'C2 H5 N O2'     75.067  
HIS 'L-peptide linking' y HISTIDINE       ? 'C6 H10 N3 O2 1' 156.162 
HOH non-polymer         . WATER           ? 'H2 O'           18.015  
ILE 'L-peptide linking' y ISOLEUCINE      ? 'C6 H13 N O2'    131.173 
LEU 'L-peptide linking' y LEUCINE         ? 'C6 H13 N O2'    131.173 
LYS 'L-peptide linking' y LYSINE          ? 'C6 H15 N2 O2 1' 147.195 
MET 'L-peptide linking' y METHIONINE      ? 'C5 H11 N O2 S'  149.211 
PHE 'L-peptide linking' y PHENYLALANINE   ? 'C9 H11 N O2'    165.189 
PRO 'L-peptide linking' y PROLINE         ? 'C5 H9 N O2'     115.130 
SER 'L-peptide linking' y SERINE          ? 'C3 H7 N O3'     105.093 
THR 'L-peptide linking' y THREONINE       ? 'C4 H9 N O3'     119.119 
TRP 'L-peptide linking' y TRYPTOPHAN      ? 'C11 H12 N2 O2'  204.225 
TYR 'L-peptide linking' y TYROSINE        ? 'C9 H11 N O3'    181.189 
VAL 'L-peptide linking' y VALINE          ? 'C5 H11 N O2'    117.146 
# 
_exptl.absorpt_coefficient_mu     ? 
_exptl.absorpt_correction_T_max   ? 
_exptl.absorpt_correction_T_min   ? 
_exptl.absorpt_correction_type    ? 
_exptl.absorpt_process_details    ? 
_exptl.entry_id                   6DUW 
_exptl.crystals_number            1 
_exptl.details                    ? 
_exptl.method                     'X-RAY DIFFRACTION' 
_exptl.method_details             ? 
# 
_exptl_crystal.colour                      ? 
_exptl_crystal.density_diffrn              ? 
_exptl_crystal.density_Matthews            4.03 
_exptl_crystal.density_method              ? 
_exptl_crystal.density_percent_sol         69.49 
_exptl_crystal.description                 ? 
_exptl_crystal.F_000                       ? 
_exptl_crystal.id                          1 
_exptl_crystal.preparation                 ? 
_exptl_crystal.size_max                    ? 
_exptl_crystal.size_mid                    ? 
_exptl_crystal.size_min                    ? 
_exptl_crystal.size_rad                    ? 
_exptl_crystal.colour_lustre               ? 
_exptl_crystal.colour_modifier             ? 
_exptl_crystal.colour_primary              ? 
_exptl_crystal.density_meas                ? 
_exptl_crystal.density_meas_esd            ? 
_exptl_crystal.density_meas_gt             ? 
_exptl_crystal.density_meas_lt             ? 
_exptl_crystal.density_meas_temp           ? 
_exptl_crystal.density_meas_temp_esd       ? 
_exptl_crystal.density_meas_temp_gt        ? 
_exptl_crystal.density_meas_temp_lt        ? 
_exptl_crystal.pdbx_crystal_image_url      ? 
_exptl_crystal.pdbx_crystal_image_format   ? 
_exptl_crystal.pdbx_mosaicity              ? 
_exptl_crystal.pdbx_mosaicity_esd          ? 
# 
_exptl_crystal_grow.apparatus       ? 
_exptl_crystal_grow.atmosphere      ? 
_exptl_crystal_grow.crystal_id      1 
_exptl_crystal_grow.details         ? 
_exptl_crystal_grow.method          'VAPOR DIFFUSION, SITTING DROP' 
_exptl_crystal_grow.method_ref      ? 
_exptl_crystal_grow.pH              ? 
_exptl_crystal_grow.pressure        ? 
_exptl_crystal_grow.pressure_esd    ? 
_exptl_crystal_grow.seeding         ? 
_exptl_crystal_grow.seeding_ref     ? 
_exptl_crystal_grow.temp            277 
_exptl_crystal_grow.temp_details    ? 
_exptl_crystal_grow.temp_esd        ? 
_exptl_crystal_grow.time            ? 
_exptl_crystal_grow.pdbx_details    '2.0 M ammonium sulfate, 10 mM cobalt chloride' 
_exptl_crystal_grow.pdbx_pH_range   ? 
# 
_diffrn.ambient_environment    ? 
_diffrn.ambient_temp           100 
_diffrn.ambient_temp_details   ? 
_diffrn.ambient_temp_esd       ? 
_diffrn.crystal_id             1 
_diffrn.crystal_support        ? 
_diffrn.crystal_treatment      ? 
_diffrn.details                ? 
_diffrn.id                     1 
_diffrn.ambient_pressure       ? 
_diffrn.ambient_pressure_esd   ? 
_diffrn.ambient_pressure_gt    ? 
_diffrn.ambient_pressure_lt    ? 
_diffrn.ambient_temp_gt        ? 
_diffrn.ambient_temp_lt        ? 
# 
_diffrn_detector.details                      ? 
_diffrn_detector.detector                     CCD 
_diffrn_detector.diffrn_id                    1 
_diffrn_detector.type                         'RAYONIX MX-300' 
_diffrn_detector.area_resol_mean              ? 
_diffrn_detector.dtime                        ? 
_diffrn_detector.pdbx_frames_total            ? 
_diffrn_detector.pdbx_collection_time_total   ? 
_diffrn_detector.pdbx_collection_date         2016-04-15 
# 
_diffrn_radiation.collimation                      ? 
_diffrn_radiation.diffrn_id                        1 
_diffrn_radiation.filter_edge                      ? 
_diffrn_radiation.inhomogeneity                    ? 
_diffrn_radiation.monochromator                    ? 
_diffrn_radiation.polarisn_norm                    ? 
_diffrn_radiation.polarisn_ratio                   ? 
_diffrn_radiation.probe                            ? 
_diffrn_radiation.type                             ? 
_diffrn_radiation.xray_symbol                      ? 
_diffrn_radiation.wavelength_id                    1 
_diffrn_radiation.pdbx_monochromatic_or_laue_m_l   M 
_diffrn_radiation.pdbx_wavelength_list             ? 
_diffrn_radiation.pdbx_wavelength                  ? 
_diffrn_radiation.pdbx_diffrn_protocol             'SINGLE WAVELENGTH' 
_diffrn_radiation.pdbx_analyzer                    ? 
_diffrn_radiation.pdbx_scattering_type             x-ray 
# 
_diffrn_radiation_wavelength.id           1 
_diffrn_radiation_wavelength.wavelength   1 
_diffrn_radiation_wavelength.wt           1.0 
# 
_diffrn_source.current                     ? 
_diffrn_source.details                     ? 
_diffrn_source.diffrn_id                   1 
_diffrn_source.power                       ? 
_diffrn_source.size                        ? 
_diffrn_source.source                      SYNCHROTRON 
_diffrn_source.target                      ? 
_diffrn_source.type                        'CLSI BEAMLINE 08ID-1' 
_diffrn_source.voltage                     ? 
_diffrn_source.take-off_angle              ? 
_diffrn_source.pdbx_wavelength_list        1 
_diffrn_source.pdbx_wavelength             ? 
_diffrn_source.pdbx_synchrotron_beamline   08ID-1 
_diffrn_source.pdbx_synchrotron_site       CLSI 
# 
_reflns.B_iso_Wilson_estimate            47.58 
_reflns.entry_id                         6DUW 
_reflns.data_reduction_details           ? 
_reflns.data_reduction_method            ? 
_reflns.d_resolution_high                2.2 
_reflns.d_resolution_low                 42.08 
_reflns.details                          ? 
_reflns.limit_h_max                      ? 
_reflns.limit_h_min                      ? 
_reflns.limit_k_max                      ? 
_reflns.limit_k_min                      ? 
_reflns.limit_l_max                      ? 
_reflns.limit_l_min                      ? 
_reflns.number_all                       ? 
_reflns.number_obs                       24191 
_reflns.observed_criterion               ? 
_reflns.observed_criterion_F_max         ? 
_reflns.observed_criterion_F_min         ? 
_reflns.observed_criterion_I_max         ? 
_reflns.observed_criterion_I_min         ? 
_reflns.observed_criterion_sigma_F       ? 
_reflns.observed_criterion_sigma_I       ? 
_reflns.percent_possible_obs             99.8 
_reflns.R_free_details                   ? 
_reflns.Rmerge_F_all                     ? 
_reflns.Rmerge_F_obs                     ? 
_reflns.Friedel_coverage                 ? 
_reflns.number_gt                        ? 
_reflns.threshold_expression             ? 
_reflns.pdbx_redundancy                  13.1 
_reflns.pdbx_Rmerge_I_obs                0.076 
_reflns.pdbx_Rmerge_I_all                ? 
_reflns.pdbx_Rsym_value                  ? 
_reflns.pdbx_netI_over_av_sigmaI         ? 
_reflns.pdbx_netI_over_sigmaI            31.7 
_reflns.pdbx_res_netI_over_av_sigmaI_2   ? 
_reflns.pdbx_res_netI_over_sigmaI_2      ? 
_reflns.pdbx_chi_squared                 ? 
_reflns.pdbx_scaling_rejects             ? 
_reflns.pdbx_d_res_high_opt              ? 
_reflns.pdbx_d_res_low_opt               ? 
_reflns.pdbx_d_res_opt_method            ? 
_reflns.phase_calculation_details        ? 
_reflns.pdbx_Rrim_I_all                  ? 
_reflns.pdbx_Rpim_I_all                  ? 
_reflns.pdbx_d_opt                       ? 
_reflns.pdbx_number_measured_all         ? 
_reflns.pdbx_diffrn_id                   1 
_reflns.pdbx_ordinal                     1 
_reflns.pdbx_CC_half                     0.98 
_reflns.pdbx_R_split                     ? 
# 
_reflns_shell.d_res_high                  2.20 
_reflns_shell.d_res_low                   2.28 
_reflns_shell.meanI_over_sigI_all         ? 
_reflns_shell.meanI_over_sigI_obs         3.6 
_reflns_shell.number_measured_all         ? 
_reflns_shell.number_measured_obs         ? 
_reflns_shell.number_possible             ? 
_reflns_shell.number_unique_all           ? 
_reflns_shell.number_unique_obs           ? 
_reflns_shell.percent_possible_all        100 
_reflns_shell.percent_possible_obs        ? 
_reflns_shell.Rmerge_F_all                ? 
_reflns_shell.Rmerge_F_obs                ? 
_reflns_shell.Rmerge_I_all                ? 
_reflns_shell.Rmerge_I_obs                0.68 
_reflns_shell.meanI_over_sigI_gt          ? 
_reflns_shell.meanI_over_uI_all           ? 
_reflns_shell.meanI_over_uI_gt            ? 
_reflns_shell.number_measured_gt          ? 
_reflns_shell.number_unique_gt            ? 
_reflns_shell.percent_possible_gt         ? 
_reflns_shell.Rmerge_F_gt                 ? 
_reflns_shell.Rmerge_I_gt                 ? 
_reflns_shell.pdbx_redundancy             13.3 
_reflns_shell.pdbx_Rsym_value             ? 
_reflns_shell.pdbx_chi_squared            ? 
_reflns_shell.pdbx_netI_over_sigmaI_all   ? 
_reflns_shell.pdbx_netI_over_sigmaI_obs   ? 
_reflns_shell.pdbx_Rrim_I_all             ? 
_reflns_shell.pdbx_Rpim_I_all             ? 
_reflns_shell.pdbx_rejects                ? 
_reflns_shell.pdbx_ordinal                1 
_reflns_shell.pdbx_diffrn_id              1 
_reflns_shell.pdbx_CC_half                0.89 
_reflns_shell.pdbx_R_split                ? 
# 
_refine.aniso_B[1][1]                            ? 
_refine.aniso_B[1][2]                            ? 
_refine.aniso_B[1][3]                            ? 
_refine.aniso_B[2][2]                            ? 
_refine.aniso_B[2][3]                            ? 
_refine.aniso_B[3][3]                            ? 
_refine.B_iso_max                                ? 
_refine.B_iso_mean                               54.58 
_refine.B_iso_min                                ? 
_refine.correlation_coeff_Fo_to_Fc               ? 
_refine.correlation_coeff_Fo_to_Fc_free          ? 
_refine.details                                  ? 
_refine.diff_density_max                         ? 
_refine.diff_density_max_esd                     ? 
_refine.diff_density_min                         ? 
_refine.diff_density_min_esd                     ? 
_refine.diff_density_rms                         ? 
_refine.diff_density_rms_esd                     ? 
_refine.entry_id                                 6DUW 
_refine.pdbx_refine_id                           'X-RAY DIFFRACTION' 
_refine.ls_abs_structure_details                 ? 
_refine.ls_abs_structure_Flack                   ? 
_refine.ls_abs_structure_Flack_esd               ? 
_refine.ls_abs_structure_Rogers                  ? 
_refine.ls_abs_structure_Rogers_esd              ? 
_refine.ls_d_res_high                            2.20 
_refine.ls_d_res_low                             42.08 
_refine.ls_extinction_coef                       ? 
_refine.ls_extinction_coef_esd                   ? 
_refine.ls_extinction_expression                 ? 
_refine.ls_extinction_method                     ? 
_refine.ls_goodness_of_fit_all                   ? 
_refine.ls_goodness_of_fit_all_esd               ? 
_refine.ls_goodness_of_fit_obs                   ? 
_refine.ls_goodness_of_fit_obs_esd               ? 
_refine.ls_hydrogen_treatment                    ? 
_refine.ls_matrix_type                           ? 
_refine.ls_number_constraints                    ? 
_refine.ls_number_parameters                     ? 
_refine.ls_number_reflns_all                     ? 
_refine.ls_number_reflns_obs                     24141 
_refine.ls_number_reflns_R_free                  2413 
_refine.ls_number_reflns_R_work                  ? 
_refine.ls_number_restraints                     ? 
_refine.ls_percent_reflns_obs                    99.64 
_refine.ls_percent_reflns_R_free                 10.00 
_refine.ls_R_factor_all                          ? 
_refine.ls_R_factor_obs                          0.2040 
_refine.ls_R_factor_R_free                       0.2263 
_refine.ls_R_factor_R_free_error                 ? 
_refine.ls_R_factor_R_free_error_details         ? 
_refine.ls_R_factor_R_work                       0.2015 
_refine.ls_R_Fsqd_factor_obs                     ? 
_refine.ls_R_I_factor_obs                        ? 
_refine.ls_redundancy_reflns_all                 ? 
_refine.ls_redundancy_reflns_obs                 ? 
_refine.ls_restrained_S_all                      ? 
_refine.ls_restrained_S_obs                      ? 
_refine.ls_shift_over_esd_max                    ? 
_refine.ls_shift_over_esd_mean                   ? 
_refine.ls_structure_factor_coef                 ? 
_refine.ls_weighting_details                     ? 
_refine.ls_weighting_scheme                      ? 
_refine.ls_wR_factor_all                         ? 
_refine.ls_wR_factor_obs                         ? 
_refine.ls_wR_factor_R_free                      ? 
_refine.ls_wR_factor_R_work                      ? 
_refine.occupancy_max                            ? 
_refine.occupancy_min                            ? 
_refine.solvent_model_details                    ? 
_refine.solvent_model_param_bsol                 ? 
_refine.solvent_model_param_ksol                 ? 
_refine.ls_R_factor_gt                           ? 
_refine.ls_goodness_of_fit_gt                    ? 
_refine.ls_goodness_of_fit_ref                   ? 
_refine.ls_shift_over_su_max                     ? 
_refine.ls_shift_over_su_max_lt                  ? 
_refine.ls_shift_over_su_mean                    ? 
_refine.ls_shift_over_su_mean_lt                 ? 
_refine.pdbx_ls_sigma_I                          ? 
_refine.pdbx_ls_sigma_F                          1.35 
_refine.pdbx_ls_sigma_Fsqd                       ? 
_refine.pdbx_data_cutoff_high_absF               ? 
_refine.pdbx_data_cutoff_high_rms_absF           ? 
_refine.pdbx_data_cutoff_low_absF                ? 
_refine.pdbx_isotropic_thermal_model             ? 
_refine.pdbx_ls_cross_valid_method               'FREE R-VALUE' 
_refine.pdbx_method_to_determine_struct          'MOLECULAR REPLACEMENT' 
_refine.pdbx_starting_model                      'PDB entry 4K1O' 
_refine.pdbx_stereochemistry_target_values       ? 
_refine.pdbx_R_Free_selection_details            ? 
_refine.pdbx_stereochem_target_val_spec_case     ? 
_refine.pdbx_overall_ESU_R                       ? 
_refine.pdbx_overall_ESU_R_Free                  ? 
_refine.pdbx_solvent_vdw_probe_radii             1.1100 
_refine.pdbx_solvent_ion_probe_radii             ? 
_refine.pdbx_solvent_shrinkage_radii             0.9000 
_refine.pdbx_real_space_R                        ? 
_refine.pdbx_density_correlation                 ? 
_refine.pdbx_pd_number_of_powder_patterns        ? 
_refine.pdbx_pd_number_of_points                 ? 
_refine.pdbx_pd_meas_number_of_points            ? 
_refine.pdbx_pd_proc_ls_prof_R_factor            ? 
_refine.pdbx_pd_proc_ls_prof_wR_factor           ? 
_refine.pdbx_pd_Marquardt_correlation_coeff      ? 
_refine.pdbx_pd_Fsqrd_R_factor                   ? 
_refine.pdbx_pd_ls_matrix_band_width             ? 
_refine.pdbx_overall_phase_error                 22.4348 
_refine.pdbx_overall_SU_R_free_Cruickshank_DPI   ? 
_refine.pdbx_overall_SU_R_free_Blow_DPI          ? 
_refine.pdbx_overall_SU_R_Blow_DPI               ? 
_refine.pdbx_TLS_residual_ADP_flag               ? 
_refine.pdbx_diffrn_id                           1 
_refine.overall_SU_B                             ? 
_refine.overall_SU_ML                            0.2047 
_refine.overall_SU_R_Cruickshank_DPI             ? 
_refine.overall_SU_R_free                        ? 
_refine.overall_FOM_free_R_set                   ? 
_refine.overall_FOM_work_R_set                   ? 
_refine.pdbx_average_fsc_overall                 ? 
_refine.pdbx_average_fsc_work                    ? 
_refine.pdbx_average_fsc_free                    ? 
# 
_refine_hist.pdbx_refine_id                   'X-RAY DIFFRACTION' 
_refine_hist.cycle_id                         LAST 
_refine_hist.pdbx_number_atoms_protein        1454 
_refine_hist.pdbx_number_atoms_nucleic_acid   0 
_refine_hist.pdbx_number_atoms_ligand         0 
_refine_hist.number_atoms_solvent             89 
_refine_hist.number_atoms_total               1543 
_refine_hist.d_res_high                       2.20 
_refine_hist.d_res_low                        42.08 
# 
loop_
_refine_ls_restr.pdbx_refine_id 
_refine_ls_restr.criterion 
_refine_ls_restr.dev_ideal 
_refine_ls_restr.dev_ideal_target 
_refine_ls_restr.number 
_refine_ls_restr.rejects 
_refine_ls_restr.type 
_refine_ls_restr.weight 
_refine_ls_restr.pdbx_restraint_function 
'X-RAY DIFFRACTION' ? 0.0076 ? 1492 ? f_bond_d           ? ? 
'X-RAY DIFFRACTION' ? 0.7890 ? 2014 ? f_angle_d          ? ? 
'X-RAY DIFFRACTION' ? 0.0490 ? 236  ? f_chiral_restr     ? ? 
'X-RAY DIFFRACTION' ? 0.0044 ? 257  ? f_plane_restr      ? ? 
'X-RAY DIFFRACTION' ? 2.1263 ? 1288 ? f_dihedral_angle_d ? ? 
# 
loop_
_refine_ls_shell.pdbx_refine_id 
_refine_ls_shell.d_res_high 
_refine_ls_shell.d_res_low 
_refine_ls_shell.number_reflns_all 
_refine_ls_shell.number_reflns_obs 
_refine_ls_shell.number_reflns_R_free 
_refine_ls_shell.number_reflns_R_work 
_refine_ls_shell.percent_reflns_obs 
_refine_ls_shell.percent_reflns_R_free 
_refine_ls_shell.R_factor_all 
_refine_ls_shell.R_factor_obs 
_refine_ls_shell.R_factor_R_free 
_refine_ls_shell.R_factor_R_free_error 
_refine_ls_shell.R_factor_R_work 
_refine_ls_shell.redundancy_reflns_all 
_refine_ls_shell.redundancy_reflns_obs 
_refine_ls_shell.wR_factor_all 
_refine_ls_shell.wR_factor_obs 
_refine_ls_shell.wR_factor_R_free 
_refine_ls_shell.wR_factor_R_work 
_refine_ls_shell.pdbx_total_number_of_bins_used 
_refine_ls_shell.pdbx_phase_error 
_refine_ls_shell.pdbx_fsc_work 
_refine_ls_shell.pdbx_fsc_free 
'X-RAY DIFFRACTION' 2.20 2.24  . . 138 1244 97.81  . . . 0.2715 . 0.2447 . . . . . . . . . . 
'X-RAY DIFFRACTION' 2.24 2.29  . . 139 1248 100.00 . . . 0.2918 . 0.2352 . . . . . . . . . . 
'X-RAY DIFFRACTION' 2.29 2.35  . . 140 1252 100.00 . . . 0.2658 . 0.2296 . . . . . . . . . . 
'X-RAY DIFFRACTION' 2.35 2.40  . . 139 1250 100.00 . . . 0.2528 . 0.2405 . . . . . . . . . . 
'X-RAY DIFFRACTION' 2.40 2.47  . . 139 1260 100.00 . . . 0.2593 . 0.2207 . . . . . . . . . . 
'X-RAY DIFFRACTION' 2.47 2.54  . . 140 1264 100.00 . . . 0.2834 . 0.2225 . . . . . . . . . . 
'X-RAY DIFFRACTION' 2.54 2.62  . . 138 1241 100.00 . . . 0.2490 . 0.2067 . . . . . . . . . . 
'X-RAY DIFFRACTION' 2.62 2.72  . . 143 1289 100.00 . . . 0.2783 . 0.2297 . . . . . . . . . . 
'X-RAY DIFFRACTION' 2.72 2.83  . . 140 1251 100.00 . . . 0.2454 . 0.2262 . . . . . . . . . . 
'X-RAY DIFFRACTION' 2.83 2.96  . . 141 1273 100.00 . . . 0.2660 . 0.2315 . . . . . . . . . . 
'X-RAY DIFFRACTION' 2.96 3.11  . . 142 1282 99.93  . . . 0.2555 . 0.2311 . . . . . . . . . . 
'X-RAY DIFFRACTION' 3.11 3.31  . . 143 1273 100.00 . . . 0.2479 . 0.2122 . . . . . . . . . . 
'X-RAY DIFFRACTION' 3.31 3.56  . . 141 1278 100.00 . . . 0.2162 . 0.2104 . . . . . . . . . . 
'X-RAY DIFFRACTION' 3.56 3.92  . . 145 1306 100.00 . . . 0.2035 . 0.1798 . . . . . . . . . . 
'X-RAY DIFFRACTION' 3.92 4.49  . . 144 1298 100.00 . . . 0.1666 . 0.1632 . . . . . . . . . . 
'X-RAY DIFFRACTION' 4.49 5.65  . . 149 1339 100.00 . . . 0.2252 . 0.1869 . . . . . . . . . . 
'X-RAY DIFFRACTION' 5.65 42.09 . . 152 1380 96.60  . . . 0.2194 . 0.1997 . . . . . . . . . . 
# 
_struct.entry_id                     6DUW 
_struct.title                        'Crystal structure of the alpha-N-catenin actin-binding domain H1 mutant' 
_struct.pdbx_model_details           ? 
_struct.pdbx_formula_weight          ? 
_struct.pdbx_formula_weight_method   ? 
_struct.pdbx_model_type_details      ? 
_struct.pdbx_CASP_flag               N 
# 
_struct_keywords.entry_id        6DUW 
_struct_keywords.text            'five-helix bundle, F-actin-binding, mechanosensor, CELL ADHESION' 
_struct_keywords.pdbx_keywords   'CELL ADHESION' 
# 
loop_
_struct_asym.id 
_struct_asym.pdbx_blank_PDB_chainid_flag 
_struct_asym.pdbx_modified 
_struct_asym.entity_id 
_struct_asym.details 
A N N 1 ? 
B N N 2 ? 
# 
loop_
_struct_conf.conf_type_id 
_struct_conf.id 
_struct_conf.pdbx_PDB_helix_id 
_struct_conf.beg_label_comp_id 
_struct_conf.beg_label_asym_id 
_struct_conf.beg_label_seq_id 
_struct_conf.pdbx_beg_PDB_ins_code 
_struct_conf.end_label_comp_id 
_struct_conf.end_label_asym_id 
_struct_conf.end_label_seq_id 
_struct_conf.pdbx_end_PDB_ins_code 
_struct_conf.beg_auth_comp_id 
_struct_conf.beg_auth_asym_id 
_struct_conf.beg_auth_seq_id 
_struct_conf.end_auth_comp_id 
_struct_conf.end_auth_asym_id 
_struct_conf.end_auth_seq_id 
_struct_conf.pdbx_PDB_helix_class 
_struct_conf.details 
_struct_conf.pdbx_PDB_helix_length 
HELX_P HELX_P1 AA1 PRO A 28  ? LYS A 55  ? PRO A 676 LYS A 703 1 ? 28 
HELX_P HELX_P2 AA2 ASN A 61  ? ARG A 82  ? ASN A 709 ARG A 730 1 ? 22 
HELX_P HELX_P3 AA3 ASN A 89  ? CYS A 118 ? ASN A 737 CYS A 766 1 ? 30 
HELX_P HELX_P4 AA4 ASP A 120 ? SER A 145 ? ASP A 768 SER A 793 1 ? 26 
HELX_P HELX_P5 AA5 ASP A 164 ? GLY A 199 ? ASP A 812 GLY A 847 1 ? 36 
# 
_struct_conf_type.id          HELX_P 
_struct_conf_type.criteria    ? 
_struct_conf_type.reference   ? 
# 
loop_
_struct_sheet.id 
_struct_sheet.type 
_struct_sheet.number_strands 
_struct_sheet.details 
AA1 ? 2 ? 
AA2 ? 2 ? 
# 
loop_
_struct_sheet_order.sheet_id 
_struct_sheet_order.range_id_1 
_struct_sheet_order.range_id_2 
_struct_sheet_order.offset 
_struct_sheet_order.sense 
AA1 1 2 ? anti-parallel 
AA2 1 2 ? anti-parallel 
# 
loop_
_struct_sheet_range.sheet_id 
_struct_sheet_range.id 
_struct_sheet_range.beg_label_comp_id 
_struct_sheet_range.beg_label_asym_id 
_struct_sheet_range.beg_label_seq_id 
_struct_sheet_range.pdbx_beg_PDB_ins_code 
_struct_sheet_range.end_label_comp_id 
_struct_sheet_range.end_label_asym_id 
_struct_sheet_range.end_label_seq_id 
_struct_sheet_range.pdbx_end_PDB_ins_code 
_struct_sheet_range.beg_auth_comp_id 
_struct_sheet_range.beg_auth_asym_id 
_struct_sheet_range.beg_auth_seq_id 
_struct_sheet_range.end_auth_comp_id 
_struct_sheet_range.end_auth_asym_id 
_struct_sheet_range.end_auth_seq_id 
AA1 1 TRP A 56  ? ASP A 57  ? TRP A 704 ASP A 705 
AA1 2 LYS A 211 ? MET A 212 ? LYS A 859 MET A 860 
AA2 1 GLU A 150 ? LEU A 154 ? GLU A 798 LEU A 802 
AA2 2 GLU A 157 ? SER A 161 ? GLU A 805 SER A 809 
# 
loop_
_pdbx_struct_sheet_hbond.sheet_id 
_pdbx_struct_sheet_hbond.range_id_1 
_pdbx_struct_sheet_hbond.range_id_2 
_pdbx_struct_sheet_hbond.range_1_label_atom_id 
_pdbx_struct_sheet_hbond.range_1_label_comp_id 
_pdbx_struct_sheet_hbond.range_1_label_asym_id 
_pdbx_struct_sheet_hbond.range_1_label_seq_id 
_pdbx_struct_sheet_hbond.range_1_PDB_ins_code 
_pdbx_struct_sheet_hbond.range_1_auth_atom_id 
_pdbx_struct_sheet_hbond.range_1_auth_comp_id 
_pdbx_struct_sheet_hbond.range_1_auth_asym_id 
_pdbx_struct_sheet_hbond.range_1_auth_seq_id 
_pdbx_struct_sheet_hbond.range_2_label_atom_id 
_pdbx_struct_sheet_hbond.range_2_label_comp_id 
_pdbx_struct_sheet_hbond.range_2_label_asym_id 
_pdbx_struct_sheet_hbond.range_2_label_seq_id 
_pdbx_struct_sheet_hbond.range_2_PDB_ins_code 
_pdbx_struct_sheet_hbond.range_2_auth_atom_id 
_pdbx_struct_sheet_hbond.range_2_auth_comp_id 
_pdbx_struct_sheet_hbond.range_2_auth_asym_id 
_pdbx_struct_sheet_hbond.range_2_auth_seq_id 
AA1 1 2 N ASP A 57  ? N ASP A 705 O LYS A 211 ? O LYS A 859 
AA2 1 2 N GLU A 150 ? N GLU A 798 O SER A 161 ? O SER A 809 
# 
_atom_sites.entry_id                    6DUW 
_atom_sites.fract_transf_matrix[1][1]   0.00087988 
_atom_sites.fract_transf_matrix[1][2]   0.00656254 
_atom_sites.fract_transf_matrix[1][3]   0.00831331 
_atom_sites.fract_transf_matrix[2][1]   -0.00602091 
_atom_sites.fract_transf_matrix[2][2]   -0.00151418 
_atom_sites.fract_transf_matrix[2][3]   0.00862614 
_atom_sites.fract_transf_matrix[3][1]   0.00531535 
_atom_sites.fract_transf_matrix[3][2]   -0.00442787 
_atom_sites.fract_transf_matrix[3][3]   0.00293279 
_atom_sites.fract_transf_vector[1]      0.016841 
_atom_sites.fract_transf_vector[2]      -0.464368 
_atom_sites.fract_transf_vector[3]      0.075424 
# 
loop_
_atom_type.symbol 
_atom_type.scat_dispersion_real 
_atom_type.scat_dispersion_imag 
_atom_type.scat_Cromer_Mann_a1 
_atom_type.scat_Cromer_Mann_a2 
_atom_type.scat_Cromer_Mann_b1 
_atom_type.scat_Cromer_Mann_b2 
_atom_type.scat_Cromer_Mann_c 
_atom_type.scat_source 
_atom_type.scat_dispersion_source 
C ? ? 3.54356 2.42580 25.62398 1.50364  0.0 
;2-Gaussian fit: Grosse-Kunstleve RW, Sauter NK, Adams PD: Newsletter of the IUCr Commission on Crystallographic Computing 2004, 3, 22-31.
;
? 
N ? ? 4.01032 2.96436 19.97189 1.75589  0.0 
;2-Gaussian fit: Grosse-Kunstleve RW, Sauter NK, Adams PD: Newsletter of the IUCr Commission on Crystallographic Computing 2004, 3, 22-31.
;
? 
O ? ? 4.49882 3.47563 15.80542 1.70748  0.0 
;2-Gaussian fit: Grosse-Kunstleve RW, Sauter NK, Adams PD: Newsletter of the IUCr Commission on Crystallographic Computing 2004, 3, 22-31.
;
? 
S ? ? 9.55732 6.39887 1.23737  29.19336 0.0 
;2-Gaussian fit: Grosse-Kunstleve RW, Sauter NK, Adams PD: Newsletter of the IUCr Commission on Crystallographic Computing 2004, 3, 22-31.
;
? 
# 
loop_
_atom_site.group_PDB 
_atom_site.id 
_atom_site.type_symbol 
_atom_site.label_atom_id 
_atom_site.label_alt_id 
_atom_site.label_comp_id 
_atom_site.label_asym_id 
_atom_site.label_entity_id 
_atom_site.label_seq_id 
_atom_site.pdbx_PDB_ins_code 
_atom_site.Cartn_x 
_atom_site.Cartn_y 
_atom_site.Cartn_z 
_atom_site.occupancy 
_atom_site.B_iso_or_equiv 
_atom_site.pdbx_formal_charge 
_atom_site.auth_seq_id 
_atom_site.auth_comp_id 
_atom_site.auth_asym_id 
_atom_site.auth_atom_id 
_atom_site.pdbx_PDB_model_num 
ATOM   1    N N   . SER A 1 22  ? -6.78966  26.74653  23.90073  1.000 69.71773  ? 670  SER A N   1 
ATOM   2    C CA  . SER A 1 22  ? -5.46415  26.34075  23.42849  1.000 76.04952  ? 670  SER A CA  1 
ATOM   3    C C   . SER A 1 22  ? -5.35769  24.79810  23.37052  1.000 77.27256  ? 670  SER A C   1 
ATOM   4    O O   . SER A 1 22  ? -6.16433  24.14268  22.71708  1.000 76.65722  ? 670  SER A O   1 
ATOM   5    C CB  . SER A 1 22  ? -4.36621  26.93574  24.32535  1.000 68.88026  ? 670  SER A CB  1 
ATOM   6    O OG  . SER A 1 22  ? -3.14684  27.10205  23.62628  1.000 67.57211  ? 670  SER A OG  1 
ATOM   7    N N   . GLY A 1 23  ? -4.36643  24.22034  24.04929  1.000 72.89965  ? 671  GLY A N   1 
ATOM   8    C CA  . GLY A 1 23  ? -4.26777  22.78066  24.16934  1.000 63.74156  ? 671  GLY A CA  1 
ATOM   9    C C   . GLY A 1 23  ? -3.42636  22.05728  23.12827  1.000 66.06966  ? 671  GLY A C   1 
ATOM   10   O O   . GLY A 1 23  ? -3.26367  20.83411  23.23912  1.000 56.22043  ? 671  GLY A O   1 
ATOM   11   N N   . SER A 1 24  ? -2.89035  22.75181  22.12261  1.000 59.29004  ? 672  SER A N   1 
ATOM   12   C CA  . SER A 1 24  ? -2.15469  22.10135  21.04362  1.000 58.81840  ? 672  SER A CA  1 
ATOM   13   C C   . SER A 1 24  ? -0.76779  22.71237  20.87692  1.000 61.51737  ? 672  SER A C   1 
ATOM   14   O O   . SER A 1 24  ? -0.51254  23.85052  21.27412  1.000 67.90951  ? 672  SER A O   1 
ATOM   15   C CB  . SER A 1 24  ? -2.90184  22.18595  19.71204  1.000 60.39728  ? 672  SER A CB  1 
ATOM   16   O OG  . SER A 1 24  ? -4.21768  21.68671  19.83505  1.000 66.17277  ? 672  SER A OG  1 
ATOM   17   N N   . ALA A 1 25  ? 0.12602   21.93411  20.26449  1.000 58.88513  ? 673  ALA A N   1 
ATOM   18   C CA  . ALA A 1 25  ? 1.49573   22.35421  19.99430  1.000 58.31964  ? 673  ALA A CA  1 
ATOM   19   C C   . ALA A 1 25  ? 1.99375   21.66062  18.73385  1.000 68.31765  ? 673  ALA A C   1 
ATOM   20   O O   . ALA A 1 25  ? 1.52292   20.57643  18.38185  1.000 60.55483  ? 673  ALA A O   1 
ATOM   21   C CB  . ALA A 1 25  ? 2.43101   22.03430  21.15443  1.000 51.96566  ? 673  ALA A CB  1 
ATOM   22   N N   . GLN A 1 26  ? 2.94874   22.29553  18.05511  1.000 68.98368  ? 674  GLN A N   1 
ATOM   23   C CA  . GLN A 1 26  ? 3.53897   21.70710  16.86133  1.000 69.03307  ? 674  GLN A CA  1 
ATOM   24   C C   . GLN A 1 26  ? 4.52165   20.61772  17.25660  1.000 58.30124  ? 674  GLN A C   1 
ATOM   25   O O   . GLN A 1 26  ? 5.10529   20.64496  18.34256  1.000 54.98915  ? 674  GLN A O   1 
ATOM   26   C CB  . GLN A 1 26  ? 4.25696   22.76350  16.01311  1.000 74.66235  ? 674  GLN A CB  1 
ATOM   27   C CG  . GLN A 1 26  ? 3.37584   23.92863  15.58158  1.000 80.77322  ? 674  GLN A CG  1 
ATOM   28   C CD  . GLN A 1 26  ? 3.01284   23.89958  14.10216  1.000 89.78139  ? 674  GLN A CD  1 
ATOM   29   O OE1 . GLN A 1 26  ? 3.82091   23.51071  13.24543  1.000 88.12092  ? 674  GLN A OE1 1 
ATOM   30   N NE2 . GLN A 1 26  ? 1.78817   24.32508  13.79421  1.000 85.13045  ? 674  GLN A NE2 1 
ATOM   31   N N   . LEU A 1 27  ? 4.68448   19.63793  16.37361  1.000 63.30925  ? 675  LEU A N   1 
ATOM   32   C CA  . LEU A 1 27  ? 5.69195   18.61763  16.60779  1.000 61.89108  ? 675  LEU A CA  1 
ATOM   33   C C   . LEU A 1 27  ? 7.07634   19.26693  16.65776  1.000 61.09423  ? 675  LEU A C   1 
ATOM   34   O O   . LEU A 1 27  ? 7.31256   20.27953  15.99368  1.000 62.25025  ? 675  LEU A O   1 
ATOM   35   C CB  . LEU A 1 27  ? 5.64062   17.56427  15.50449  1.000 66.69374  ? 675  LEU A CB  1 
ATOM   36   C CG  . LEU A 1 27  ? 4.50645   16.54486  15.56501  1.000 63.98475  ? 675  LEU A CG  1 
ATOM   37   C CD1 . LEU A 1 27  ? 4.55913   15.65313  14.35745  1.000 62.31967  ? 675  LEU A CD1 1 
ATOM   38   C CD2 . LEU A 1 27  ? 4.65092   15.72121  16.80749  1.000 65.51590  ? 675  LEU A CD2 1 
ATOM   39   N N   . PRO A 1 28  ? 8.00843   18.71828  17.43978  1.000 58.30400  ? 676  PRO A N   1 
ATOM   40   C CA  . PRO A 1 28  ? 9.37095   19.27235  17.44041  1.000 69.11577  ? 676  PRO A CA  1 
ATOM   41   C C   . PRO A 1 28  ? 9.95610   19.27086  16.03427  1.000 76.08773  ? 676  PRO A C   1 
ATOM   42   O O   . PRO A 1 28  ? 9.72884   18.34384  15.25363  1.000 74.01512  ? 676  PRO A O   1 
ATOM   43   C CB  . PRO A 1 28  ? 10.14183  18.33585  18.37607  1.000 55.89710  ? 676  PRO A CB  1 
ATOM   44   C CG  . PRO A 1 28  ? 9.08924   17.66514  19.21162  1.000 59.13869  ? 676  PRO A CG  1 
ATOM   45   C CD  . PRO A 1 28  ? 7.89122   17.53790  18.31439  1.000 53.25854  ? 676  PRO A CD  1 
ATOM   46   N N   . GLN A 1 29  ? 10.69667  20.34050  15.71023  1.000 80.80678  ? 677  GLN A N   1 
ATOM   47   C CA  . GLN A 1 29  ? 11.20199  20.52775  14.34883  1.000 80.09358  ? 677  GLN A CA  1 
ATOM   48   C C   . GLN A 1 29  ? 12.02081  19.33431  13.87975  1.000 73.53462  ? 677  GLN A C   1 
ATOM   49   O O   . GLN A 1 29  ? 12.00308  19.00056  12.68887  1.000 71.80679  ? 677  GLN A O   1 
ATOM   50   C CB  . GLN A 1 29  ? 12.03422  21.81160  14.25454  1.000 78.56338  ? 677  GLN A CB  1 
ATOM   51   C CG  . GLN A 1 29  ? 11.27624  23.07758  14.65478  1.000 92.22561  ? 677  GLN A CG  1 
ATOM   52   C CD  . GLN A 1 29  ? 10.49506  23.71040  13.50326  1.000 97.43531  ? 677  GLN A CD  1 
ATOM   53   O OE1 . GLN A 1 29  ? 10.09609  23.03056  12.55421  1.000 98.74987  ? 677  GLN A OE1 1 
ATOM   54   N NE2 . GLN A 1 29  ? 10.26065  25.02006  13.59586  1.000 98.48301  ? 677  GLN A NE2 1 
ATOM   55   N N   . GLU A 1 30  ? 12.72279  18.67289  14.79918  1.000 68.26652  ? 678  GLU A N   1 
ATOM   56   C CA  . GLU A 1 30  ? 13.40814  17.43268  14.46320  1.000 69.02602  ? 678  GLU A CA  1 
ATOM   57   C C   . GLU A 1 30  ? 12.43158  16.40304  13.90766  1.000 77.66737  ? 678  GLU A C   1 
ATOM   58   O O   . GLU A 1 30  ? 12.68671  15.78188  12.86802  1.000 77.48172  ? 678  GLU A O   1 
ATOM   59   C CB  . GLU A 1 30  ? 14.12393  16.88848  15.69956  1.000 72.45579  ? 678  GLU A CB  1 
ATOM   60   C CG  . GLU A 1 30  ? 14.29458  15.37950  15.69784  1.000 84.82053  ? 678  GLU A CG  1 
ATOM   61   C CD  . GLU A 1 30  ? 14.43066  14.79056  17.09772  1.000 100.65766 ? 678  GLU A CD  1 
ATOM   62   O OE1 . GLU A 1 30  ? 13.42152  14.25870  17.61544  1.000 100.02928 ? 678  GLU A OE1 1 
ATOM   63   O OE2 . GLU A 1 30  ? 15.54351  14.85186  17.67558  1.000 99.37932  ? 678  GLU A OE2 1 
ATOM   64   N N   . GLU A 1 31  ? 11.29741  16.21473  14.58903  1.000 76.84584  ? 679  GLU A N   1 
ATOM   65   C CA  A GLU A 1 31  ? 10.31772  15.23349  14.13812  0.027 68.53693  ? 679  GLU A CA  1 
ATOM   66   C CA  B GLU A 1 31  ? 10.32191  15.23204  14.13393  0.973 68.24894  ? 679  GLU A CA  1 
ATOM   67   C C   . GLU A 1 31  ? 9.74076   15.61460  12.78295  1.000 63.92389  ? 679  GLU A C   1 
ATOM   68   O O   . GLU A 1 31  ? 9.55329   14.75088  11.92030  1.000 68.65262  ? 679  GLU A O   1 
ATOM   69   C CB  A GLU A 1 31  ? 9.20324   15.08565  15.17325  0.027 70.03945  ? 679  GLU A CB  1 
ATOM   70   C CB  B GLU A 1 31  ? 9.21077   15.07260  15.16642  0.973 70.11064  ? 679  GLU A CB  1 
ATOM   71   C CG  A GLU A 1 31  ? 8.23608   13.95487  14.87222  0.027 68.85843  ? 679  GLU A CG  1 
ATOM   72   C CG  B GLU A 1 31  ? 8.37277   13.84603  14.93327  0.973 68.93936  ? 679  GLU A CG  1 
ATOM   73   C CD  A GLU A 1 31  ? 8.92301   12.60436  14.82781  0.027 72.14864  ? 679  GLU A CD  1 
ATOM   74   C CD  B GLU A 1 31  ? 9.19690   12.57256  15.03316  0.973 75.96614  ? 679  GLU A CD  1 
ATOM   75   O OE1 A GLU A 1 31  ? 9.79642   12.35305  15.68562  0.027 72.41459  ? 679  GLU A OE1 1 
ATOM   76   O OE1 B GLU A 1 31  ? 9.95685   12.43976  16.03244  0.973 74.43569  ? 679  GLU A OE1 1 
ATOM   77   O OE2 A GLU A 1 31  ? 8.59406   11.79716  13.93254  0.027 68.35028  ? 679  GLU A OE2 1 
ATOM   78   O OE2 B GLU A 1 31  ? 9.08692   11.71863  14.10878  0.973 71.52685  ? 679  GLU A OE2 1 
ATOM   79   N N   . LYS A 1 32  ? 9.44550   16.90172  12.57963  1.000 62.27666  ? 680  LYS A N   1 
ATOM   80   C CA  . LYS A 1 32  ? 8.96776   17.34203  11.27451  1.000 66.71100  ? 680  LYS A CA  1 
ATOM   81   C C   . LYS A 1 32  ? 9.97828   17.03011  10.17902  1.000 72.46851  ? 680  LYS A C   1 
ATOM   82   O O   . LYS A 1 32  ? 9.59008   16.72888  9.04383   1.000 70.18224  ? 680  LYS A O   1 
ATOM   83   C CB  . LYS A 1 32  ? 8.66123   18.83819  11.28824  1.000 66.69995  ? 680  LYS A CB  1 
ATOM   84   C CG  . LYS A 1 32  ? 7.78435   19.29398  12.42609  1.000 76.12967  ? 680  LYS A CG  1 
ATOM   85   C CD  . LYS A 1 32  ? 7.65251   20.80772  12.42725  1.000 75.47404  ? 680  LYS A CD  1 
ATOM   86   C CE  . LYS A 1 32  ? 6.49615   21.25543  11.55404  1.000 80.05104  ? 680  LYS A CE  1 
ATOM   87   N NZ  . LYS A 1 32  ? 6.88610   22.40578  10.67082  1.000 78.23232  ? 680  LYS A NZ  1 
ATOM   88   N N   . ALA A 1 33  ? 11.27314  17.08857  10.50132  1.000 75.89577  ? 681  ALA A N   1 
ATOM   89   C CA  . ALA A 1 33  ? 12.30585  16.79307  9.51410   1.000 74.30834  ? 681  ALA A CA  1 
ATOM   90   C C   . ALA A 1 33  ? 12.32876  15.30660  9.17888   1.000 70.02205  ? 681  ALA A C   1 
ATOM   91   O O   . ALA A 1 33  ? 12.32465  14.92517  8.00281   1.000 75.38705  ? 681  ALA A O   1 
ATOM   92   C CB  . ALA A 1 33  ? 13.67041  17.25780  10.03110  1.000 68.51976  ? 681  ALA A CB  1 
ATOM   93   N N   . LYS A 1 34  ? 12.34962  14.45148  10.20566  1.000 69.40269  ? 682  LYS A N   1 
ATOM   94   C CA  . LYS A 1 34  ? 12.31010  13.00933  9.98323   1.000 65.09482  ? 682  LYS A CA  1 
ATOM   95   C C   . LYS A 1 34  ? 11.07107  12.58500  9.19325   1.000 77.36646  ? 682  LYS A C   1 
ATOM   96   O O   . LYS A 1 34  ? 11.12134  11.60423  8.44011   1.000 72.69471  ? 682  LYS A O   1 
ATOM   97   C CB  . LYS A 1 34  ? 12.36212  12.29012  11.32607  1.000 64.33404  ? 682  LYS A CB  1 
ATOM   98   C CG  . LYS A 1 34  ? 12.48066  10.78047  11.22556  1.000 77.62536  ? 682  LYS A CG  1 
ATOM   99   C CD  . LYS A 1 34  ? 13.51530  10.35957  10.17767  1.000 85.38600  ? 682  LYS A CD  1 
ATOM   100  C CE  . LYS A 1 34  ? 13.76900  8.85166   10.20298  1.000 82.01806  ? 682  LYS A CE  1 
ATOM   101  N NZ  . LYS A 1 34  ? 15.22157  8.51082   10.33303  1.000 87.76770  ? 682  LYS A NZ  1 
ATOM   102  N N   . ILE A 1 35  ? 9.95724   13.31112  9.34215   1.000 69.00141  ? 683  ILE A N   1 
ATOM   103  C CA  . ILE A 1 35  ? 8.73887   12.97565  8.61098   1.000 61.42079  ? 683  ILE A CA  1 
ATOM   104  C C   . ILE A 1 35  ? 8.89986   13.30480  7.13135   1.000 68.86389  ? 683  ILE A C   1 
ATOM   105  O O   . ILE A 1 35  ? 8.58442   12.48415  6.26172   1.000 64.91136  ? 683  ILE A O   1 
ATOM   106  C CB  . ILE A 1 35  ? 7.52590   13.70625  9.22197   1.000 63.73057  ? 683  ILE A CB  1 
ATOM   107  C CG1 . ILE A 1 35  ? 7.05970   13.02169  10.51451  1.000 58.18715  ? 683  ILE A CG1 1 
ATOM   108  C CG2 . ILE A 1 35  ? 6.38996   13.83473  8.20063   1.000 52.34073  ? 683  ILE A CG2 1 
ATOM   109  C CD1 . ILE A 1 35  ? 5.99668   13.80646  11.26340  1.000 57.58480  ? 683  ILE A CD1 1 
ATOM   110  N N   . ALA A 1 36  ? 9.38030   14.51827  6.82204   1.000 63.50641  ? 684  ALA A N   1 
ATOM   111  C CA  . ALA A 1 36  ? 9.58410   14.89866  5.42445   1.000 68.45681  ? 684  ALA A CA  1 
ATOM   112  C C   . ALA A 1 36  ? 10.58633  13.98089  4.74169   1.000 69.15850  ? 684  ALA A C   1 
ATOM   113  O O   . ALA A 1 36  ? 10.51166  13.76951  3.52568   1.000 73.45423  ? 684  ALA A O   1 
ATOM   114  C CB  . ALA A 1 36  ? 10.05118  16.34917  5.33255   1.000 70.95246  ? 684  ALA A CB  1 
ATOM   115  N N   . GLU A 1 37  ? 11.51544  13.42169  5.51457   1.000 64.22513  ? 685  GLU A N   1 
ATOM   116  C CA  . GLU A 1 37  ? 12.48713  12.47528  4.98345   1.000 76.21657  ? 685  GLU A CA  1 
ATOM   117  C C   . GLU A 1 37  ? 11.82402  11.14477  4.63868   1.000 77.65333  ? 685  GLU A C   1 
ATOM   118  O O   . GLU A 1 37  ? 12.01351  10.61554  3.53708   1.000 73.01821  ? 685  GLU A O   1 
ATOM   119  C CB  . GLU A 1 37  ? 13.61440  12.28661  6.00212   1.000 72.57908  ? 685  GLU A CB  1 
ATOM   120  C CG  . GLU A 1 37  ? 14.16681  10.87194  6.12114   1.000 84.04639  ? 685  GLU A CG  1 
ATOM   121  C CD  . GLU A 1 37  ? 15.21780  10.74599  7.21667   1.000 90.47589  ? 685  GLU A CD  1 
ATOM   122  O OE1 . GLU A 1 37  ? 15.77648  9.63933   7.39336   1.000 90.34304  ? 685  GLU A OE1 1 
ATOM   123  O OE2 . GLU A 1 37  ? 15.47384  11.76086  7.90894   1.000 93.97834  ? 685  GLU A OE2 1 
ATOM   124  N N   . GLN A 1 38  ? 11.02309  10.59799  5.56308   1.000 70.40238  ? 686  GLN A N   1 
ATOM   125  C CA  . GLN A 1 38  ? 10.32145  9.35149   5.28016   1.000 54.21106  ? 686  GLN A CA  1 
ATOM   126  C C   . GLN A 1 38  ? 9.29862   9.52788   4.16621   1.000 58.99632  ? 686  GLN A C   1 
ATOM   127  O O   . GLN A 1 38  ? 9.08368   8.60627   3.37035   1.000 59.31598  ? 686  GLN A O   1 
ATOM   128  C CB  . GLN A 1 38  ? 9.65134   8.82409   6.54081   1.000 56.99266  ? 686  GLN A CB  1 
ATOM   129  C CG  . GLN A 1 38  ? 10.62027  8.29906   7.56010   1.000 68.03977  ? 686  GLN A CG  1 
ATOM   130  C CD  . GLN A 1 38  ? 11.57176  7.28013   6.97415   1.000 75.99146  ? 686  GLN A CD  1 
ATOM   131  O OE1 . GLN A 1 38  ? 12.78683  7.37911   7.15108   1.000 80.37020  ? 686  GLN A OE1 1 
ATOM   132  N NE2 . GLN A 1 38  ? 11.02657  6.29678   6.26368   1.000 68.92730  ? 686  GLN A NE2 1 
ATOM   133  N N   . VAL A 1 39  ? 8.65440   10.69759  4.09096   1.000 56.78163  ? 687  VAL A N   1 
ATOM   134  C CA  . VAL A 1 39  ? 7.68135   10.92685  3.02643   1.000 62.77877  ? 687  VAL A CA  1 
ATOM   135  C C   . VAL A 1 39  ? 8.36800   10.89753  1.66626   1.000 68.07820  ? 687  VAL A C   1 
ATOM   136  O O   . VAL A 1 39  ? 7.79689   10.41806  0.67589   1.000 60.24865  ? 687  VAL A O   1 
ATOM   137  C CB  . VAL A 1 39  ? 6.92078   12.24820  3.25104   1.000 59.98054  ? 687  VAL A CB  1 
ATOM   138  C CG1 . VAL A 1 39  ? 6.08449   12.58812  2.03066   1.000 56.56247  ? 687  VAL A CG1 1 
ATOM   139  C CG2 . VAL A 1 39  ? 6.00304   12.14171  4.47997   1.000 62.15124  ? 687  VAL A CG2 1 
ATOM   140  N N   . GLU A 1 40  ? 9.60881   11.39689  1.59773   1.000 70.68946  ? 688  GLU A N   1 
ATOM   141  C CA  . GLU A 1 40  ? 10.35328  11.36956  0.34008   1.000 71.03335  ? 688  GLU A CA  1 
ATOM   142  C C   . GLU A 1 40  ? 10.64154  9.93560   -0.08639  1.000 64.00261  ? 688  GLU A C   1 
ATOM   143  O O   . GLU A 1 40  ? 10.42440  9.56189   -1.24421  1.000 65.79676  ? 688  GLU A O   1 
ATOM   144  C CB  . GLU A 1 40  ? 11.65166  12.17101  0.48048   1.000 82.16289  ? 688  GLU A CB  1 
ATOM   145  C CG  . GLU A 1 40  ? 12.36567  12.50445  -0.84319  1.000 74.90910  ? 688  GLU A CG  1 
ATOM   146  C CD  . GLU A 1 40  ? 11.41701  12.93688  -1.95490  1.000 86.26811  ? 688  GLU A CD  1 
ATOM   147  O OE1 . GLU A 1 40  ? 10.52266  13.78094  -1.70321  1.000 86.67879  ? 688  GLU A OE1 1 
ATOM   148  O OE2 . GLU A 1 40  ? 11.57121  12.42950  -3.08997  1.000 90.96298  ? 688  GLU A OE2 1 
ATOM   149  N N   . ILE A 1 41  ? 11.11340  9.11123   0.84996   1.000 64.34937  ? 689  ILE A N   1 
ATOM   150  C CA  . ILE A 1 41  ? 11.32546  7.69620   0.56769   1.000 57.93563  ? 689  ILE A CA  1 
ATOM   151  C C   . ILE A 1 41  ? 10.02460  7.04217   0.11446   1.000 67.45377  ? 689  ILE A C   1 
ATOM   152  O O   . ILE A 1 41  ? 10.00296  6.27992   -0.86174  1.000 63.88275  ? 689  ILE A O   1 
ATOM   153  C CB  . ILE A 1 41  ? 11.91317  6.99998   1.80854   1.000 66.25762  ? 689  ILE A CB  1 
ATOM   154  C CG1 . ILE A 1 41  ? 13.28434  7.59180   2.14826   1.000 64.84979  ? 689  ILE A CG1 1 
ATOM   155  C CG2 . ILE A 1 41  ? 11.97284  5.48754   1.61065   1.000 60.32381  ? 689  ILE A CG2 1 
ATOM   156  C CD1 . ILE A 1 41  ? 13.86406  7.09667   3.46729   1.000 61.93923  ? 689  ILE A CD1 1 
ATOM   157  N N   . PHE A 1 42  ? 8.91607   7.33486   0.80594   1.000 61.37213  ? 690  PHE A N   1 
ATOM   158  C CA  . PHE A 1 42  ? 7.62273   6.81034   0.37513   1.000 59.35560  ? 690  PHE A CA  1 
ATOM   159  C C   . PHE A 1 42  ? 7.30644   7.24115   -1.05179  1.000 54.99434  ? 690  PHE A C   1 
ATOM   160  O O   . PHE A 1 42  ? 6.85224   6.43395   -1.86988  1.000 55.05287  ? 690  PHE A O   1 
ATOM   161  C CB  . PHE A 1 42  ? 6.50821   7.27179   1.31906   1.000 50.16799  ? 690  PHE A CB  1 
ATOM   162  C CG  . PHE A 1 42  ? 5.12117   7.02985   0.77917   1.000 47.34958  ? 690  PHE A CG  1 
ATOM   163  C CD1 . PHE A 1 42  ? 4.49502   5.79759   0.95773   1.000 43.68877  ? 690  PHE A CD1 1 
ATOM   164  C CD2 . PHE A 1 42  ? 4.44616   8.02532   0.08711   1.000 47.72946  ? 690  PHE A CD2 1 
ATOM   165  C CE1 . PHE A 1 42  ? 3.21290   5.56553   0.46494   1.000 44.62124  ? 690  PHE A CE1 1 
ATOM   166  C CE2 . PHE A 1 42  ? 3.16026   7.80594   -0.41874  1.000 50.97872  ? 690  PHE A CE2 1 
ATOM   167  C CZ  . PHE A 1 42  ? 2.54272   6.57704   -0.22717  1.000 51.61368  ? 690  PHE A CZ  1 
ATOM   168  N N   . HIS A 1 43  ? 7.51783   8.52449   -1.35741  1.000 55.63018  ? 691  HIS A N   1 
ATOM   169  C CA  A HIS A 1 43  ? 7.17325   9.01791   -2.68500  0.507 60.17174  ? 691  HIS A CA  1 
ATOM   170  C CA  B HIS A 1 43  ? 7.19031   9.03068   -2.68608  0.493 60.18360  ? 691  HIS A CA  1 
ATOM   171  C C   . HIS A 1 43  ? 7.96541   8.29410   -3.77370  1.000 59.27696  ? 691  HIS A C   1 
ATOM   172  O O   . HIS A 1 43  ? 7.44621   8.08032   -4.87615  1.000 60.08673  ? 691  HIS A O   1 
ATOM   173  C CB  A HIS A 1 43  ? 7.38677   10.53540  -2.75196  0.507 61.95258  ? 691  HIS A CB  1 
ATOM   174  C CB  B HIS A 1 43  ? 7.47136   10.53241  -2.75833  0.493 61.95065  ? 691  HIS A CB  1 
ATOM   175  C CG  A HIS A 1 43  ? 6.22028   11.33318  -2.24322  0.507 67.00812  ? 691  HIS A CG  1 
ATOM   176  C CG  B HIS A 1 43  ? 7.26408   11.11569  -4.11980  0.493 63.48050  ? 691  HIS A CG  1 
ATOM   177  N ND1 A HIS A 1 43  ? 6.27862   12.69679  -2.04305  0.507 68.72875  ? 691  HIS A ND1 1 
ATOM   178  N ND1 B HIS A 1 43  ? 6.03439   11.13262  -4.74143  0.493 65.66096  ? 691  HIS A ND1 1 
ATOM   179  C CD2 A HIS A 1 43  ? 4.96678   10.95683  -1.88919  0.507 61.22966  ? 691  HIS A CD2 1 
ATOM   180  C CD2 B HIS A 1 43  ? 8.13248   11.69169  -4.98473  0.493 64.11094  ? 691  HIS A CD2 1 
ATOM   181  C CE1 A HIS A 1 43  ? 5.11172   13.12587  -1.59379  0.507 64.65019  ? 691  HIS A CE1 1 
ATOM   182  C CE1 B HIS A 1 43  ? 6.15184   11.70319  -5.92780  0.493 66.41311  ? 691  HIS A CE1 1 
ATOM   183  N NE2 A HIS A 1 43  ? 4.29851   12.09021  -1.49116  0.507 59.80717  ? 691  HIS A NE2 1 
ATOM   184  N NE2 B HIS A 1 43  ? 7.41441   12.05089  -6.09935  0.493 64.20782  ? 691  HIS A NE2 1 
ATOM   185  N N   . GLN A 1 44  ? 9.20244   7.88735   -3.48493  1.000 58.53296  ? 692  GLN A N   1 
ATOM   186  C CA  . GLN A 1 44  ? 9.96140   7.13798   -4.48319  1.000 62.44950  ? 692  GLN A CA  1 
ATOM   187  C C   . GLN A 1 44  ? 9.35941   5.76131   -4.72978  1.000 63.91501  ? 692  GLN A C   1 
ATOM   188  O O   . GLN A 1 44  ? 9.31230   5.30781   -5.87735  1.000 65.14870  ? 692  GLN A O   1 
ATOM   189  C CB  . GLN A 1 44  ? 11.43238  7.04344   -4.07945  1.000 61.02604  ? 692  GLN A CB  1 
ATOM   190  C CG  . GLN A 1 44  ? 12.05734  8.43427   -3.95013  1.000 73.16620  ? 692  GLN A CG  1 
ATOM   191  C CD  . GLN A 1 44  ? 13.40488  8.43341   -3.23768  1.000 88.82412  ? 692  GLN A CD  1 
ATOM   192  O OE1 . GLN A 1 44  ? 14.10261  9.45374   -3.20689  1.000 91.54275  ? 692  GLN A OE1 1 
ATOM   193  N NE2 . GLN A 1 44  ? 13.78266  7.28687   -2.67259  1.000 82.83773  ? 692  GLN A NE2 1 
ATOM   194  N N   . GLU A 1 45  ? 8.86935   5.08259   -3.68509  1.000 57.60034  ? 693  GLU A N   1 
ATOM   195  C CA  . GLU A 1 45  ? 8.15480   3.83218   -3.93448  1.000 55.31889  ? 693  GLU A CA  1 
ATOM   196  C C   . GLU A 1 45  ? 6.85150   4.08851   -4.67821  1.000 53.23876  ? 693  GLU A C   1 
ATOM   197  O O   . GLU A 1 45  ? 6.45531   3.29558   -5.53726  1.000 53.96942  ? 693  GLU A O   1 
ATOM   198  C CB  . GLU A 1 45  ? 7.87828   3.07416   -2.63174  1.000 52.18272  ? 693  GLU A CB  1 
ATOM   199  C CG  . GLU A 1 45  ? 9.06066   2.28786   -2.08814  1.000 63.56011  ? 693  GLU A CG  1 
ATOM   200  C CD  . GLU A 1 45  ? 9.45049   1.08059   -2.94358  1.000 64.28137  ? 693  GLU A CD  1 
ATOM   201  O OE1 . GLU A 1 45  ? 10.59052  0.60573   -2.75997  1.000 77.38349  ? 693  GLU A OE1 1 
ATOM   202  O OE2 . GLU A 1 45  ? 8.63634   0.59886   -3.77910  1.000 60.98693  ? 693  GLU A OE2 1 
ATOM   203  N N   . LYS A 1 46  ? 6.16465   5.18270   -4.35551  1.000 53.84707  ? 694  LYS A N   1 
ATOM   204  C CA  . LYS A 1 46  ? 4.92375   5.50392   -5.05104  1.000 52.87763  ? 694  LYS A CA  1 
ATOM   205  C C   . LYS A 1 46  ? 5.16758   5.75537   -6.53651  1.000 58.36996  ? 694  LYS A C   1 
ATOM   206  O O   . LYS A 1 46  ? 4.32840   5.40939   -7.38215  1.000 51.02134  ? 694  LYS A O   1 
ATOM   207  C CB  . LYS A 1 46  ? 4.27392   6.72625   -4.40788  1.000 53.10037  ? 694  LYS A CB  1 
ATOM   208  C CG  . LYS A 1 46  ? 2.88243   7.01125   -4.91089  1.000 59.08278  ? 694  LYS A CG  1 
ATOM   209  C CD  . LYS A 1 46  ? 2.82005   8.33930   -5.61352  1.000 63.50809  ? 694  LYS A CD  1 
ATOM   210  C CE  . LYS A 1 46  ? 1.37710   8.70801   -5.92619  1.000 64.70361  ? 694  LYS A CE  1 
ATOM   211  N NZ  . LYS A 1 46  ? 1.31117   9.74893   -6.97838  1.000 62.28863  ? 694  LYS A NZ  1 
ATOM   212  N N   . SER A 1 47  ? 6.30308   6.37818   -6.87140  1.000 53.24315  ? 695  SER A N   1 
ATOM   213  C CA  . SER A 1 47  ? 6.63386   6.60701   -8.27669  1.000 61.39483  ? 695  SER A CA  1 
ATOM   214  C C   . SER A 1 47  ? 6.76349   5.29113   -9.03034  1.000 54.31877  ? 695  SER A C   1 
ATOM   215  O O   . SER A 1 47  ? 6.30637   5.18036   -10.17441 1.000 55.49737  ? 695  SER A O   1 
ATOM   216  C CB  . SER A 1 47  ? 7.92553   7.41765   -8.38994  1.000 65.40869  ? 695  SER A CB  1 
ATOM   217  O OG  . SER A 1 47  ? 7.73385   8.72786   -7.88696  1.000 74.17492  ? 695  SER A OG  1 
ATOM   218  N N   . LYS A 1 48  ? 7.37448   4.27809   -8.39694  1.000 53.57628  ? 696  LYS A N   1 
ATOM   219  C CA  . LYS A 1 48  ? 7.46277   2.95724   -9.01673  1.000 53.25828  ? 696  LYS A CA  1 
ATOM   220  C C   . LYS A 1 48  ? 6.08049   2.42641   -9.37175  1.000 55.70725  ? 696  LYS A C   1 
ATOM   221  O O   . LYS A 1 48  ? 5.89242   1.82690   -10.43677 1.000 55.19003  ? 696  LYS A O   1 
ATOM   222  C CB  . LYS A 1 48  ? 8.17171   1.97138   -8.08723  1.000 54.11170  ? 696  LYS A CB  1 
ATOM   223  C CG  . LYS A 1 48  ? 9.65970   2.17654   -7.90039  1.000 58.99075  ? 696  LYS A CG  1 
ATOM   224  C CD  . LYS A 1 48  ? 10.22193  1.00215   -7.09195  1.000 63.04703  ? 696  LYS A CD  1 
ATOM   225  C CE  . LYS A 1 48  ? 11.51362  1.34655   -6.35871  1.000 74.99064  ? 696  LYS A CE  1 
ATOM   226  N NZ  . LYS A 1 48  ? 11.85371  0.29320   -5.32968  1.000 71.49963  ? 696  LYS A NZ  1 
ATOM   227  N N   . LEU A 1 49  ? 5.09637   2.62811   -8.48753  1.000 52.16312  ? 697  LEU A N   1 
ATOM   228  C CA  . LEU A 1 49  ? 3.74527   2.17396   -8.80338  1.000 47.93930  ? 697  LEU A CA  1 
ATOM   229  C C   . LEU A 1 49  ? 3.14979   2.97097   -9.95675  1.000 53.27468  ? 697  LEU A C   1 
ATOM   230  O O   . LEU A 1 49  ? 2.52724   2.38891   -10.85514 1.000 53.30393  ? 697  LEU A O   1 
ATOM   231  C CB  . LEU A 1 49  ? 2.83745   2.26314   -7.57968  1.000 44.07322  ? 697  LEU A CB  1 
ATOM   232  C CG  . LEU A 1 49  ? 1.43043   1.70301   -7.82284  1.000 48.59509  ? 697  LEU A CG  1 
ATOM   233  C CD1 . LEU A 1 49  ? 1.47094   0.29123   -8.41765  1.000 49.91306  ? 697  LEU A CD1 1 
ATOM   234  C CD2 . LEU A 1 49  ? 0.65215   1.70348   -6.53625  1.000 56.15297  ? 697  LEU A CD2 1 
ATOM   235  N N   . ASP A 1 50  ? 3.32185   4.30075   -9.94467  1.000 52.97762  ? 698  ASP A N   1 
ATOM   236  C CA  . ASP A 1 50  ? 2.80660   5.13116   -11.03738 1.000 56.84476  ? 698  ASP A CA  1 
ATOM   237  C C   . ASP A 1 50  ? 3.39120   4.69398   -12.37351 1.000 52.03742  ? 698  ASP A C   1 
ATOM   238  O O   . ASP A 1 50  ? 2.66263   4.48620   -13.34874 1.000 56.73985  ? 698  ASP A O   1 
ATOM   239  C CB  . ASP A 1 50  ? 3.12029   6.61191   -10.78793 1.000 53.66032  ? 698  ASP A CB  1 
ATOM   240  C CG  . ASP A 1 50  ? 2.33184   7.19908   -9.62617  1.000 55.35783  ? 698  ASP A CG  1 
ATOM   241  O OD1 . ASP A 1 50  ? 1.18273   6.77347   -9.38533  1.000 61.22198  ? 698  ASP A OD1 1 
ATOM   242  O OD2 . ASP A 1 50  ? 2.86814   8.10306   -8.95429  1.000 62.91250  ? 698  ASP A OD2 1 
ATOM   243  N N   . ALA A 1 51  ? 4.71295   4.52845   -12.42812 1.000 53.06277  ? 699  ALA A N   1 
ATOM   244  C CA  . ALA A 1 51  ? 5.34642   4.08233   -13.66101 1.000 50.12233  ? 699  ALA A CA  1 
ATOM   245  C C   . ALA A 1 51  ? 4.77989   2.74165   -14.12176 1.000 66.92970  ? 699  ALA A C   1 
ATOM   246  O O   . ALA A 1 51  ? 4.46091   2.56688   -15.30449 1.000 67.32221  ? 699  ALA A O   1 
ATOM   247  C CB  . ALA A 1 51  ? 6.85816   4.00387   -13.45947 1.000 52.01114  ? 699  ALA A CB  1 
ATOM   248  N N   . GLU A 1 52  ? 4.62075   1.79141   -13.19717 1.000 58.06377  ? 700  GLU A N   1 
ATOM   249  C CA  . GLU A 1 52  ? 4.11296   0.47629   -13.56642 1.000 58.33900  ? 700  GLU A CA  1 
ATOM   250  C C   . GLU A 1 52  ? 2.67222   0.55628   -14.05612 1.000 61.74641  ? 700  GLU A C   1 
ATOM   251  O O   . GLU A 1 52  ? 2.31064   -0.05675  -15.06658 1.000 63.41329  ? 700  GLU A O   1 
ATOM   252  C CB  . GLU A 1 52  ? 4.22187   -0.47180  -12.36919 1.000 63.74382  ? 700  GLU A CB  1 
ATOM   253  C CG  . GLU A 1 52  ? 3.66041   -1.86576  -12.62796 1.000 66.44373  ? 700  GLU A CG  1 
ATOM   254  C CD  . GLU A 1 52  ? 4.26633   -2.52467  -13.86281 1.000 72.85602  ? 700  GLU A CD  1 
ATOM   255  O OE1 . GLU A 1 52  ? 5.51241   -2.53201  -13.96200 1.000 75.84721  ? 700  GLU A OE1 1 
ATOM   256  O OE2 . GLU A 1 52  ? 3.50615   -3.03621  -14.72439 1.000 73.71602  ? 700  GLU A OE2 1 
ATOM   257  N N   . VAL A 1 53  ? 1.83462   1.31212   -13.34708 1.000 60.42160  ? 701  VAL A N   1 
ATOM   258  C CA  . VAL A 1 53  ? 0.41358   1.38829   -13.67227 1.000 61.18197  ? 701  VAL A CA  1 
ATOM   259  C C   . VAL A 1 53  ? 0.17324   2.20055   -14.95029 1.000 69.09164  ? 701  VAL A C   1 
ATOM   260  O O   . VAL A 1 53  ? -0.84117  2.00754   -15.64023 1.000 63.40596  ? 701  VAL A O   1 
ATOM   261  C CB  . VAL A 1 53  ? -0.33460  1.95868   -12.44832 1.000 59.83492  ? 701  VAL A CB  1 
ATOM   262  C CG1 . VAL A 1 53  ? -1.57778  2.67694   -12.84859 1.000 70.76089  ? 701  VAL A CG1 1 
ATOM   263  C CG2 . VAL A 1 53  ? -0.68505  0.82891   -11.50197 1.000 63.08738  ? 701  VAL A CG2 1 
ATOM   264  N N   . ALA A 1 54  ? 1.10141   3.09953   -15.30076 1.000 64.99672  ? 702  ALA A N   1 
ATOM   265  C CA  . ALA A 1 54  ? 0.89556   3.98224   -16.44923 1.000 73.98445  ? 702  ALA A CA  1 
ATOM   266  C C   . ALA A 1 54  ? 0.86808   3.21312   -17.76441 1.000 73.55502  ? 702  ALA A C   1 
ATOM   267  O O   . ALA A 1 54  ? 0.25972   3.67309   -18.73704 1.000 76.20219  ? 702  ALA A O   1 
ATOM   268  C CB  . ALA A 1 54  ? 1.98526   5.05174   -16.49378 1.000 60.64478  ? 702  ALA A CB  1 
ATOM   269  N N   . LYS A 1 55  ? 1.50177   2.03685   -17.80851 1.000 73.92886  ? 703  LYS A N   1 
ATOM   270  C CA  . LYS A 1 55  ? 1.56688   1.24247   -19.03429 1.000 75.59641  ? 703  LYS A CA  1 
ATOM   271  C C   . LYS A 1 55  ? 0.21652   0.66863   -19.46484 1.000 76.72050  ? 703  LYS A C   1 
ATOM   272  O O   . LYS A 1 55  ? 0.03236   0.37561   -20.65171 1.000 81.70523  ? 703  LYS A O   1 
ATOM   273  C CB  . LYS A 1 55  ? 2.55391   0.08694   -18.85805 1.000 71.13482  ? 703  LYS A CB  1 
ATOM   274  C CG  . LYS A 1 55  ? 3.81874   0.44294   -18.08529 1.000 73.88476  ? 703  LYS A CG  1 
ATOM   275  C CD  . LYS A 1 55  ? 4.89200   -0.65163  -18.22851 1.000 71.30699  ? 703  LYS A CD  1 
ATOM   276  C CE  . LYS A 1 55  ? 5.30543   -1.21082  -16.87180 1.000 75.85627  ? 703  LYS A CE  1 
ATOM   277  N NZ  . LYS A 1 55  ? 6.67869   -1.81294  -16.84491 1.000 74.78085  ? 703  LYS A NZ  1 
ATOM   278  N N   . TRP A 1 56  ? -0.72787  0.50012   -18.54552 1.000 73.90865  ? 704  TRP A N   1 
ATOM   279  C CA  . TRP A 1 56  ? -1.86808  -0.37482  -18.76852 1.000 74.33073  ? 704  TRP A CA  1 
ATOM   280  C C   . TRP A 1 56  ? -3.18094  0.39036   -18.82559 1.000 73.65827  ? 704  TRP A C   1 
ATOM   281  O O   . TRP A 1 56  ? -3.36256  1.40473   -18.14846 1.000 78.44649  ? 704  TRP A O   1 
ATOM   282  C CB  . TRP A 1 56  ? -1.93886  -1.44071  -17.66735 1.000 67.39133  ? 704  TRP A CB  1 
ATOM   283  C CG  . TRP A 1 56  ? -0.66890  -2.20832  -17.57647 1.000 67.57750  ? 704  TRP A CG  1 
ATOM   284  C CD1 . TRP A 1 56  ? 0.21893   -2.22077  -16.53781 1.000 67.77395  ? 704  TRP A CD1 1 
ATOM   285  C CD2 . TRP A 1 56  ? -0.11365  -3.04548  -18.59090 1.000 63.90843  ? 704  TRP A CD2 1 
ATOM   286  N NE1 . TRP A 1 56  ? 1.28579   -3.03335  -16.83859 1.000 68.98152  ? 704  TRP A NE1 1 
ATOM   287  C CE2 . TRP A 1 56  ? 1.10577   -3.54895  -18.09654 1.000 67.16045  ? 704  TRP A CE2 1 
ATOM   288  C CE3 . TRP A 1 56  ? -0.53514  -3.42835  -19.86862 1.000 61.32361  ? 704  TRP A CE3 1 
ATOM   289  C CZ2 . TRP A 1 56  ? 1.91082   -4.41361  -18.83932 1.000 67.77438  ? 704  TRP A CZ2 1 
ATOM   290  C CZ3 . TRP A 1 56  ? 0.26291   -4.28716  -20.60163 1.000 64.11066  ? 704  TRP A CZ3 1 
ATOM   291  C CH2 . TRP A 1 56  ? 1.47040   -4.77013  -20.08748 1.000 61.44555  ? 704  TRP A CH2 1 
ATOM   292  N N   . ASP A 1 57  ? -4.09796  -0.12037  -19.64152 1.000 71.61989  ? 705  ASP A N   1 
ATOM   293  C CA  . ASP A 1 57  ? -5.49077  0.29846   -19.60589 1.000 74.24835  ? 705  ASP A CA  1 
ATOM   294  C C   . ASP A 1 57  ? -6.20764  -0.54412  -18.55983 1.000 74.66851  ? 705  ASP A C   1 
ATOM   295  O O   . ASP A 1 57  ? -6.33516  -1.76293  -18.72009 1.000 79.44317  ? 705  ASP A O   1 
ATOM   296  C CB  . ASP A 1 57  ? -6.14354  0.14868   -20.98302 1.000 80.85019  ? 705  ASP A CB  1 
ATOM   297  C CG  . ASP A 1 57  ? -7.66979  0.15815   -20.92132 1.000 83.07559  ? 705  ASP A CG  1 
ATOM   298  O OD1 . ASP A 1 57  ? -8.28786  -0.81066  -21.41658 1.000 89.59880  ? 705  ASP A OD1 1 
ATOM   299  O OD2 . ASP A 1 57  ? -8.25500  1.12566   -20.37987 1.000 81.53476  ? 705  ASP A OD2 1 
ATOM   300  N N   . ASP A 1 58  ? -6.67402  0.10134   -17.49190 1.000 77.51552  ? 706  ASP A N   1 
ATOM   301  C CA  . ASP A 1 58  ? -7.21852  -0.61921  -16.34702 1.000 69.71940  ? 706  ASP A CA  1 
ATOM   302  C C   . ASP A 1 58  ? -8.66470  -1.06242  -16.53955 1.000 73.12814  ? 706  ASP A C   1 
ATOM   303  O O   . ASP A 1 58  ? -9.27233  -1.58138  -15.59350 1.000 65.07519  ? 706  ASP A O   1 
ATOM   304  C CB  . ASP A 1 58  ? -7.07926  0.22744   -15.07853 1.000 69.85558  ? 706  ASP A CB  1 
ATOM   305  C CG  . ASP A 1 58  ? -7.78327  1.55380   -15.17231 1.000 80.52778  ? 706  ASP A CG  1 
ATOM   306  O OD1 . ASP A 1 58  ? -8.09632  2.00332   -16.30025 1.000 94.65952  ? 706  ASP A OD1 1 
ATOM   307  O OD2 . ASP A 1 58  ? -8.00171  2.15892   -14.10228 1.000 87.66794  ? 706  ASP A OD2 1 
ATOM   308  N N   . SER A 1 59  ? -9.22325  -0.88195  -17.73258 1.000 73.40396  ? 707  SER A N   1 
ATOM   309  C CA  . SER A 1 59  ? -10.47197 -1.54347  -18.08121 1.000 66.90179  ? 707  SER A CA  1 
ATOM   310  C C   . SER A 1 59  ? -10.22465 -3.04371  -18.21079 1.000 70.17243  ? 707  SER A C   1 
ATOM   311  O O   . SER A 1 59  ? -9.26042  -3.47031  -18.85873 1.000 81.29386  ? 707  SER A O   1 
ATOM   312  C CB  . SER A 1 59  ? -11.01825 -0.96940  -19.39077 1.000 75.48118  ? 707  SER A CB  1 
ATOM   313  O OG  . SER A 1 59  ? -11.70375 -1.96454  -20.13789 1.000 77.25905  ? 707  SER A OG  1 
ATOM   314  N N   . GLY A 1 60  ? -11.08131 -3.84930  -17.58655 1.000 64.28408  ? 708  GLY A N   1 
ATOM   315  C CA  . GLY A 1 60  ? -10.85299 -5.28423  -17.55946 1.000 62.33775  ? 708  GLY A CA  1 
ATOM   316  C C   . GLY A 1 60  ? -9.72322  -5.76335  -16.65738 1.000 68.38276  ? 708  GLY A C   1 
ATOM   317  O O   . GLY A 1 60  ? -9.41679  -6.96677  -16.66389 1.000 54.34428  ? 708  GLY A O   1 
ATOM   318  N N   . ASN A 1 61  ? -9.08656  -4.87542  -15.88476 1.000 60.93407  ? 709  ASN A N   1 
ATOM   319  C CA  . ASN A 1 61  ? -8.02214  -5.25428  -14.94482 1.000 51.11536  ? 709  ASN A CA  1 
ATOM   320  C C   . ASN A 1 61  ? -8.27062  -4.55685  -13.60497 1.000 43.37089  ? 709  ASN A C   1 
ATOM   321  O O   . ASN A 1 61  ? -7.76484  -3.45651  -13.36498 1.000 44.67851  ? 709  ASN A O   1 
ATOM   322  C CB  . ASN A 1 61  ? -6.63781  -4.91424  -15.50121 1.000 53.97325  ? 709  ASN A CB  1 
ATOM   323  C CG  . ASN A 1 61  ? -5.51089  -5.60900  -14.72736 1.000 56.16211  ? 709  ASN A CG  1 
ATOM   324  O OD1 . ASN A 1 61  ? -5.60630  -5.80548  -13.51798 1.000 49.85407  ? 709  ASN A OD1 1 
ATOM   325  N ND2 . ASN A 1 61  ? -4.45789  -6.00579  -15.43167 1.000 54.17825  ? 709  ASN A ND2 1 
ATOM   326  N N   . ASP A 1 62  ? -9.03265  -5.22037  -12.72898 1.000 41.13588  ? 710  ASP A N   1 
ATOM   327  C CA  . ASP A 1 62  ? -9.30932  -4.69248  -11.40011 1.000 47.03306  ? 710  ASP A CA  1 
ATOM   328  C C   . ASP A 1 62  ? -8.09644  -4.73604  -10.46445 1.000 55.22364  ? 710  ASP A C   1 
ATOM   329  O O   . ASP A 1 62  ? -8.08368  -4.00602  -9.46451  1.000 49.40020  ? 710  ASP A O   1 
ATOM   330  C CB  . ASP A 1 62  ? -10.48018 -5.45587  -10.78254 1.000 43.25207  ? 710  ASP A CB  1 
ATOM   331  C CG  . ASP A 1 62  ? -11.82247 -4.83483  -11.14744 1.000 61.62063  ? 710  ASP A CG  1 
ATOM   332  O OD1 . ASP A 1 62  ? -11.81048 -3.80105  -11.85404 1.000 56.02162  ? 710  ASP A OD1 1 
ATOM   333  O OD2 . ASP A 1 62  ? -12.87695 -5.37381  -10.74070 1.000 66.71509  ? 710  ASP A OD2 1 
ATOM   334  N N   . ILE A 1 63  ? -7.07980  -5.55851  -10.75542 1.000 45.10535  ? 711  ILE A N   1 
ATOM   335  C CA  . ILE A 1 63  ? -5.84779  -5.49409  -9.96858  1.000 48.44578  ? 711  ILE A CA  1 
ATOM   336  C C   . ILE A 1 63  ? -5.22044  -4.11248  -10.08284 1.000 44.48479  ? 711  ILE A C   1 
ATOM   337  O O   . ILE A 1 63  ? -4.80133  -3.51936  -9.08016  1.000 46.74643  ? 711  ILE A O   1 
ATOM   338  C CB  . ILE A 1 63  ? -4.87075  -6.60626  -10.39602 1.000 47.90581  ? 711  ILE A CB  1 
ATOM   339  C CG1 . ILE A 1 63  ? -5.42605  -7.95710  -9.96650  1.000 41.43967  ? 711  ILE A CG1 1 
ATOM   340  C CG2 . ILE A 1 63  ? -3.47123  -6.36749  -9.78933  1.000 43.24914  ? 711  ILE A CG2 1 
ATOM   341  C CD1 . ILE A 1 63  ? -4.57466  -9.15681  -10.37892 1.000 46.01067  ? 711  ILE A CD1 1 
ATOM   342  N N   . ILE A 1 64  ? -5.17241  -3.56344  -11.30076 1.000 47.37737  ? 712  ILE A N   1 
ATOM   343  C CA  . ILE A 1 64  ? -4.69770  -2.19202  -11.49396 1.000 45.54627  ? 712  ILE A CA  1 
ATOM   344  C C   . ILE A 1 64  ? -5.59236  -1.18933  -10.76001 1.000 48.03290  ? 712  ILE A C   1 
ATOM   345  O O   . ILE A 1 64  ? -5.10085  -0.26395  -10.10284 1.000 46.53193  ? 712  ILE A O   1 
ATOM   346  C CB  . ILE A 1 64  ? -4.61867  -1.85557  -12.99508 1.000 52.83009  ? 712  ILE A CB  1 
ATOM   347  C CG1 . ILE A 1 64  ? -3.67839  -2.82723  -13.71216 1.000 53.76717  ? 712  ILE A CG1 1 
ATOM   348  C CG2 . ILE A 1 64  ? -4.14758  -0.42429  -13.18158 1.000 49.81081  ? 712  ILE A CG2 1 
ATOM   349  C CD1 . ILE A 1 64  ? -2.23445  -2.42730  -13.61283 1.000 62.76250  ? 712  ILE A CD1 1 
ATOM   350  N N   . VAL A 1 65  ? -6.91682  -1.32173  -10.90494 1.000 45.36647  ? 713  VAL A N   1 
ATOM   351  C CA  . VAL A 1 65  ? -7.82578  -0.36254  -10.27615 1.000 49.10617  ? 713  VAL A CA  1 
ATOM   352  C C   . VAL A 1 65  ? -7.62284  -0.36126  -8.76266  1.000 45.45008  ? 713  VAL A C   1 
ATOM   353  O O   . VAL A 1 65  ? -7.44027  0.69034   -8.14316  1.000 48.82475  ? 713  VAL A O   1 
ATOM   354  C CB  . VAL A 1 65  ? -9.29227  -0.66726  -10.64958 1.000 50.86327  ? 713  VAL A CB  1 
ATOM   355  C CG1 . VAL A 1 65  ? -10.23299 0.26696   -9.89441  1.000 49.37350  ? 713  VAL A CG1 1 
ATOM   356  C CG2 . VAL A 1 65  ? -9.52376  -0.50384  -12.17107 1.000 50.91721  ? 713  VAL A CG2 1 
ATOM   357  N N   . LEU A 1 66  ? -7.61986  -1.55026  -8.15518  1.000 41.16690  ? 714  LEU A N   1 
ATOM   358  C CA  . LEU A 1 66  ? -7.41811  -1.64899  -6.71383  1.000 48.19630  ? 714  LEU A CA  1 
ATOM   359  C C   . LEU A 1 66  ? -6.04476  -1.12777  -6.30004  1.000 41.61314  ? 714  LEU A C   1 
ATOM   360  O O   . LEU A 1 66  ? -5.90607  -0.48169  -5.25122  1.000 44.19572  ? 714  LEU A O   1 
ATOM   361  C CB  . LEU A 1 66  ? -7.61488  -3.09668  -6.27020  1.000 38.30268  ? 714  LEU A CB  1 
ATOM   362  C CG  . LEU A 1 66  ? -9.06452  -3.55500  -6.44587  1.000 47.91791  ? 714  LEU A CG  1 
ATOM   363  C CD1 . LEU A 1 66  ? -9.17085  -5.06453  -6.36482  1.000 41.85960  ? 714  LEU A CD1 1 
ATOM   364  C CD2 . LEU A 1 66  ? -9.99380  -2.88342  -5.41988  1.000 46.75030  ? 714  LEU A CD2 1 
ATOM   365  N N   . ALA A 1 67  ? -5.01961  -1.36008  -7.12120  1.000 41.89202  ? 715  ALA A N   1 
ATOM   366  C CA  . ALA A 1 67  ? -3.69895  -0.83532  -6.77580  1.000 45.02572  ? 715  ALA A CA  1 
ATOM   367  C C   . ALA A 1 67  ? -3.70380  0.68456   -6.76771  1.000 46.05508  ? 715  ALA A C   1 
ATOM   368  O O   . ALA A 1 67  ? -3.13985  1.31103   -5.86103  1.000 43.31705  ? 715  ALA A O   1 
ATOM   369  C CB  . ALA A 1 67  ? -2.63935  -1.36280  -7.74908  1.000 41.08712  ? 715  ALA A CB  1 
ATOM   370  N N   . LYS A 1 68  ? -4.34156  1.29672   -7.77236  1.000 42.00461  ? 716  LYS A N   1 
ATOM   371  C CA  . LYS A 1 68  ? -4.45025  2.75486   -7.80658  1.000 45.67570  ? 716  LYS A CA  1 
ATOM   372  C C   . LYS A 1 68  ? -5.22014  3.28079   -6.60017  1.000 41.85053  ? 716  LYS A C   1 
ATOM   373  O O   . LYS A 1 68  ? -4.80997  4.26520   -5.97488  1.000 47.61177  ? 716  LYS A O   1 
ATOM   374  C CB  . LYS A 1 68  ? -5.13824  3.19995   -9.09897  1.000 45.56813  ? 716  LYS A CB  1 
ATOM   375  C CG  . LYS A 1 68  ? -4.26149  3.12834   -10.34305 1.000 53.04164  ? 716  LYS A CG  1 
ATOM   376  C CD  . LYS A 1 68  ? -5.11557  2.82728   -11.57024 1.000 60.16004  ? 716  LYS A CD  1 
ATOM   377  C CE  . LYS A 1 68  ? -4.75822  3.72563   -12.74242 1.000 66.74888  ? 716  LYS A CE  1 
ATOM   378  N NZ  . LYS A 1 68  ? -5.31844  3.20841   -14.03475 1.000 68.81429  ? 716  LYS A NZ  1 
ATOM   379  N N   . GLN A 1 69  ? -6.33464  2.62920   -6.25560  1.000 38.88213  ? 717  GLN A N   1 
ATOM   380  C CA  . GLN A 1 69  ? -7.09235  3.02852   -5.07116  1.000 44.05269  ? 717  GLN A CA  1 
ATOM   381  C C   . GLN A 1 69  ? -6.26116  2.89060   -3.79715  1.000 45.90506  ? 717  GLN A C   1 
ATOM   382  O O   . GLN A 1 69  ? -6.23596  3.80106   -2.96339  1.000 44.12388  ? 717  GLN A O   1 
ATOM   383  C CB  . GLN A 1 69  ? -8.36542  2.19948   -4.96709  1.000 47.27147  ? 717  GLN A CB  1 
ATOM   384  C CG  . GLN A 1 69  ? -9.24620  2.59414   -3.80702  1.000 58.94133  ? 717  GLN A CG  1 
ATOM   385  C CD  . GLN A 1 69  ? -10.39900 1.62210   -3.59766  1.000 71.38500  ? 717  GLN A CD  1 
ATOM   386  O OE1 . GLN A 1 69  ? -10.66064 0.75817   -4.44428  1.000 70.52155  ? 717  GLN A OE1 1 
ATOM   387  N NE2 . GLN A 1 69  ? -11.10338 1.76576   -2.46962  1.000 66.67427  ? 717  GLN A NE2 1 
ATOM   388  N N   . MET A 1 70  ? -5.57522  1.75000   -3.61938  1.000 45.34851  ? 718  MET A N   1 
ATOM   389  C CA  . MET A 1 70  ? -4.69447  1.60989   -2.45896  1.000 41.17486  ? 718  MET A CA  1 
ATOM   390  C C   . MET A 1 70  ? -3.64798  2.71187   -2.44325  1.000 39.24413  ? 718  MET A C   1 
ATOM   391  O O   . MET A 1 70  ? -3.33265  3.28205   -1.38890  1.000 40.04448  ? 718  MET A O   1 
ATOM   392  C CB  . MET A 1 70  ? -4.02149  0.23228   -2.46960  1.000 35.36289  ? 718  MET A CB  1 
ATOM   393  C CG  . MET A 1 70  ? -4.97872  -0.87254  -2.17046  1.000 36.37774  ? 718  MET A CG  1 
ATOM   394  S SD  . MET A 1 70  ? -4.32092  -2.51217  -2.42379  1.000 42.14362  ? 718  MET A SD  1 
ATOM   395  C CE  . MET A 1 70  ? -3.44179  -2.78800  -0.85042  1.000 35.71957  ? 718  MET A CE  1 
ATOM   396  N N   . CYS A 1 71  ? -3.08449  3.01277   -3.60991  1.000 39.79003  ? 719  CYS A N   1 
ATOM   397  C CA  . CYS A 1 71  ? -2.05176  4.03860   -3.69659  1.000 42.29781  ? 719  CYS A CA  1 
ATOM   398  C C   . CYS A 1 71  ? -2.60166  5.40373   -3.29496  1.000 47.81717  ? 719  CYS A C   1 
ATOM   399  O O   . CYS A 1 71  ? -1.96210  6.15755   -2.54489  1.000 42.79419  ? 719  CYS A O   1 
ATOM   400  C CB  . CYS A 1 71  ? -1.51018  4.07295   -5.13042  1.000 48.38265  ? 719  CYS A CB  1 
ATOM   401  S SG  . CYS A 1 71  ? -0.31696  5.37623   -5.43789  1.000 49.39095  ? 719  CYS A SG  1 
ATOM   402  N N   . MET A 1 72  ? -3.79384  5.73770   -3.78793  1.000 46.29633  ? 720  MET A N   1 
ATOM   403  C CA  . MET A 1 72  ? -4.37553  7.04737   -3.50663  1.000 46.45124  ? 720  MET A CA  1 
ATOM   404  C C   . MET A 1 72  ? -4.65547  7.22297   -2.01151  1.000 45.02602  ? 720  MET A C   1 
ATOM   405  O O   . MET A 1 72  ? -4.35007  8.26965   -1.42802  1.000 47.17481  ? 720  MET A O   1 
ATOM   406  C CB  . MET A 1 72  ? -5.64972  7.19558   -4.33421  1.000 46.22957  ? 720  MET A CB  1 
ATOM   407  C CG  . MET A 1 72  ? -6.20539  8.60514   -4.41220  1.000 66.87347  ? 720  MET A CG  1 
ATOM   408  S SD  . MET A 1 72  ? -7.97945  8.52348   -4.16520  1.000 92.12038  ? 720  MET A SD  1 
ATOM   409  C CE  . MET A 1 72  ? -8.01966  8.19740   -2.41564  1.000 50.88286  ? 720  MET A CE  1 
ATOM   410  N N   . ILE A 1 73  ? -5.21020  6.19797   -1.36656  1.000 41.76190  ? 721  ILE A N   1 
ATOM   411  C CA  . ILE A 1 73  ? -5.46044  6.29139   0.06654   1.000 42.82843  ? 721  ILE A CA  1 
ATOM   412  C C   . ILE A 1 73  ? -4.15443  6.35880   0.85789   1.000 42.93374  ? 721  ILE A C   1 
ATOM   413  O O   . ILE A 1 73  ? -4.05692  7.10464   1.83902   1.000 47.48472  ? 721  ILE A O   1 
ATOM   414  C CB  . ILE A 1 73  ? -6.35447  5.12940   0.51979   1.000 49.81017  ? 721  ILE A CB  1 
ATOM   415  C CG1 . ILE A 1 73  ? -7.63079  5.11779   -0.32273  1.000 44.35834  ? 721  ILE A CG1 1 
ATOM   416  C CG2 . ILE A 1 73  ? -6.69140  5.27526   1.99463   1.000 38.71295  ? 721  ILE A CG2 1 
ATOM   417  C CD1 . ILE A 1 73  ? -8.47300  3.89222   -0.09884  1.000 44.72197  ? 721  ILE A CD1 1 
ATOM   418  N N   . MET A 1 74  ? -3.12078  5.60578   0.44650   1.000 40.26314  ? 722  MET A N   1 
ATOM   419  C CA  . MET A 1 74  ? -1.83285  5.72147   1.13198   1.000 47.82999  ? 722  MET A CA  1 
ATOM   420  C C   . MET A 1 74  ? -1.27792  7.13864   1.02560   1.000 44.04304  ? 722  MET A C   1 
ATOM   421  O O   . MET A 1 74  ? -0.62199  7.62559   1.95745   1.000 43.95869  ? 722  MET A O   1 
ATOM   422  C CB  . MET A 1 74  ? -0.81966  4.70445   0.57171   1.000 40.02412  ? 722  MET A CB  1 
ATOM   423  C CG  . MET A 1 74  ? -0.93269  3.31072   1.20665   1.000 43.58544  ? 722  MET A CG  1 
ATOM   424  S SD  . MET A 1 74  ? 0.30072   2.13393   0.59304   1.000 45.09811  ? 722  MET A SD  1 
ATOM   425  C CE  . MET A 1 74  ? -0.55112  1.49285   -0.86450  1.000 43.00812  ? 722  MET A CE  1 
ATOM   426  N N   . MET A 1 75  ? -1.53186  7.81093   -0.09884  1.000 40.13884  ? 723  MET A N   1 
ATOM   427  C CA  . MET A 1 75  ? -1.12255  9.21066   -0.25468  1.000 48.71421  ? 723  MET A CA  1 
ATOM   428  C C   . MET A 1 75  ? -1.86571  10.12617  0.72236   1.000 44.77877  ? 723  MET A C   1 
ATOM   429  O O   . MET A 1 75  ? -1.27494  11.05113  1.29407   1.000 47.76860  ? 723  MET A O   1 
ATOM   430  C CB  . MET A 1 75  ? -1.36381  9.66389   -1.70541  1.000 50.76697  ? 723  MET A CB  1 
ATOM   431  C CG  . MET A 1 75  ? -0.18090  9.43819   -2.65287  1.000 62.95047  ? 723  MET A CG  1 
ATOM   432  S SD  . MET A 1 75  ? 1.24296   10.52325  -2.33212  1.000 82.16502  ? 723  MET A SD  1 
ATOM   433  C CE  . MET A 1 75  ? 0.59329   12.09338  -2.91016  1.000 69.60923  ? 723  MET A CE  1 
ATOM   434  N N   . GLU A 1 76  ? -3.15826  9.88052   0.93305   1.000 39.07325  ? 724  GLU A N   1 
ATOM   435  C CA  . GLU A 1 76  ? -3.88869  10.62929  1.95486   1.000 47.53989  ? 724  GLU A CA  1 
ATOM   436  C C   . GLU A 1 76  ? -3.28452  10.42921  3.33993   1.000 45.52103  ? 724  GLU A C   1 
ATOM   437  O O   . GLU A 1 76  ? -3.14130  11.38974  4.10768   1.000 47.47391  ? 724  GLU A O   1 
ATOM   438  C CB  . GLU A 1 76  ? -5.35175  10.20721  1.96871   1.000 43.77021  ? 724  GLU A CB  1 
ATOM   439  C CG  . GLU A 1 76  ? -6.03613  10.30266  0.63868   1.000 53.51449  ? 724  GLU A CG  1 
ATOM   440  C CD  . GLU A 1 76  ? -7.51238  9.95413   0.73251   1.000 54.36600  ? 724  GLU A CD  1 
ATOM   441  O OE1 . GLU A 1 76  ? -7.92667  9.31135   1.72671   1.000 53.37556  ? 724  GLU A OE1 1 
ATOM   442  O OE2 . GLU A 1 76  ? -8.25855  10.33869  -0.18756  1.000 58.81040  ? 724  GLU A OE2 1 
ATOM   443  N N   . MET A 1 77  ? -2.93031  9.18371   3.68098   1.000 44.20322  ? 725  MET A N   1 
ATOM   444  C CA  . MET A 1 77  ? -2.36773  8.91540   5.00118   1.000 44.37145  ? 725  MET A CA  1 
ATOM   445  C C   . MET A 1 77  ? -1.01079  9.58437   5.17073   1.000 44.95161  ? 725  MET A C   1 
ATOM   446  O O   . MET A 1 77  ? -0.73009  10.16933  6.22198   1.000 44.87193  ? 725  MET A O   1 
ATOM   447  C CB  . MET A 1 77  ? -2.26073  7.40640   5.23600   1.000 43.40190  ? 725  MET A CB  1 
ATOM   448  C CG  . MET A 1 77  ? -3.58577  6.69039   5.15355   1.000 47.19037  ? 725  MET A CG  1 
ATOM   449  S SD  . MET A 1 77  ? -3.45780  4.90395   5.42840   1.000 47.43221  ? 725  MET A SD  1 
ATOM   450  C CE  . MET A 1 77  ? -3.25365  4.81567   7.20268   1.000 44.22368  ? 725  MET A CE  1 
ATOM   451  N N   . THR A 1 78  ? -0.15031  9.52699   4.15164   1.000 44.80612  ? 726  THR A N   1 
ATOM   452  C CA  . THR A 1 78  ? 1.14776   10.17598  4.31620   1.000 48.31978  ? 726  THR A CA  1 
ATOM   453  C C   . THR A 1 78  ? 0.99887   11.69377  4.28932   1.000 48.16396  ? 726  THR A C   1 
ATOM   454  O O   . THR A 1 78  ? 1.72640   12.40418  4.99792   1.000 49.00522  ? 726  THR A O   1 
ATOM   455  C CB  . THR A 1 78  ? 2.14627   9.69215   3.25452   1.000 47.95593  ? 726  THR A CB  1 
ATOM   456  O OG1 . THR A 1 78  ? 1.58023   9.83319   1.94872   1.000 50.40832  ? 726  THR A OG1 1 
ATOM   457  C CG2 . THR A 1 78  ? 2.49871   8.21277   3.48211   1.000 47.36193  ? 726  THR A CG2 1 
ATOM   458  N N   . ASP A 1 79  ? 0.06051   12.20657  3.48270   1.000 45.23065  ? 727  ASP A N   1 
ATOM   459  C CA  . ASP A 1 79  ? -0.22329  13.64220  3.49500   1.000 52.60409  ? 727  ASP A CA  1 
ATOM   460  C C   . ASP A 1 79  ? -0.66905  14.11001  4.88008   1.000 51.37256  ? 727  ASP A C   1 
ATOM   461  O O   . ASP A 1 79  ? -0.27256  15.19016  5.32752   1.000 52.15270  ? 727  ASP A O   1 
ATOM   462  C CB  . ASP A 1 79  ? -1.28740  13.98590  2.45360   1.000 48.59996  ? 727  ASP A CB  1 
ATOM   463  C CG  . ASP A 1 79  ? -0.70568  14.17345  1.03975   1.000 55.60659  ? 727  ASP A CG  1 
ATOM   464  O OD1 . ASP A 1 79  ? 0.53302   14.26131  0.89766   1.000 52.17498  ? 727  ASP A OD1 1 
ATOM   465  O OD2 . ASP A 1 79  ? -1.50004  14.22220  0.07177   1.000 51.00138  ? 727  ASP A OD2 1 
ATOM   466  N N   . PHE A 1 80  ? -1.47320  13.29627  5.58352   1.000 49.65821  ? 728  PHE A N   1 
ATOM   467  C CA  . PHE A 1 80  ? -1.87524  13.63472  6.95055   1.000 43.40924  ? 728  PHE A CA  1 
ATOM   468  C C   . PHE A 1 80  ? -0.66937  13.99820  7.80034   1.000 47.84617  ? 728  PHE A C   1 
ATOM   469  O O   . PHE A 1 80  ? -0.69032  15.00245  8.52117   1.000 47.34409  ? 728  PHE A O   1 
ATOM   470  C CB  . PHE A 1 80  ? -2.64403  12.46303  7.56417   1.000 43.53120  ? 728  PHE A CB  1 
ATOM   471  C CG  . PHE A 1 80  ? -2.83538  12.54075  9.06240   1.000 49.23031  ? 728  PHE A CG  1 
ATOM   472  C CD1 . PHE A 1 80  ? -1.95464  11.88428  9.93351   1.000 43.08913  ? 728  PHE A CD1 1 
ATOM   473  C CD2 . PHE A 1 80  ? -3.93467  13.20273  9.60303   1.000 43.31564  ? 728  PHE A CD2 1 
ATOM   474  C CE1 . PHE A 1 80  ? -2.14966  11.91938  11.31218  1.000 42.40535  ? 728  PHE A CE1 1 
ATOM   475  C CE2 . PHE A 1 80  ? -4.13820  13.24097  10.98564  1.000 44.12257  ? 728  PHE A CE2 1 
ATOM   476  C CZ  . PHE A 1 80  ? -3.25691  12.59400  11.84082  1.000 42.07684  ? 728  PHE A CZ  1 
ATOM   477  N N   . THR A 1 81  ? 0.41449   13.21568  7.69790   1.000 45.59263  ? 729  THR A N   1 
ATOM   478  C CA  . THR A 1 81  ? 1.59777   13.47995  8.51165   1.000 42.30522  ? 729  THR A CA  1 
ATOM   479  C C   . THR A 1 81  ? 2.29203   14.78132  8.12416   1.000 43.90027  ? 729  THR A C   1 
ATOM   480  O O   . THR A 1 81  ? 3.08839   15.28932  8.91652   1.000 53.55701  ? 729  THR A O   1 
ATOM   481  C CB  . THR A 1 81  ? 2.60349   12.31506  8.42137   1.000 50.93812  ? 729  THR A CB  1 
ATOM   482  O OG1 . THR A 1 81  ? 3.15071   12.23904  7.09895   1.000 45.26884  ? 729  THR A OG1 1 
ATOM   483  C CG2 . THR A 1 81  ? 1.93005   10.98097  8.75251   1.000 44.75506  ? 729  THR A CG2 1 
ATOM   484  N N   . ARG A 1 82  ? 2.02120   15.32521  6.93401   1.000 52.59492  ? 730  ARG A N   1 
ATOM   485  C CA  . ARG A 1 82  ? 2.58785   16.60479  6.50299   1.000 57.12678  ? 730  ARG A CA  1 
ATOM   486  C C   . ARG A 1 82  ? 1.60225   17.75422  6.64289   1.000 57.78428  ? 730  ARG A C   1 
ATOM   487  O O   . ARG A 1 82  ? 1.86340   18.84227  6.12660   1.000 60.55901  ? 730  ARG A O   1 
ATOM   488  C CB  . ARG A 1 82  ? 3.05263   16.56956  5.03628   1.000 54.17528  ? 730  ARG A CB  1 
ATOM   489  C CG  . ARG A 1 82  ? 3.60632   15.28000  4.49070   1.000 64.99488  ? 730  ARG A CG  1 
ATOM   490  C CD  . ARG A 1 82  ? 3.27757   15.16954  2.99486   1.000 70.75214  ? 730  ARG A CD  1 
ATOM   491  N NE  . ARG A 1 82  ? 4.15576   15.97721  2.14721   1.000 78.93201  ? 730  ARG A NE  1 
ATOM   492  C CZ  . ARG A 1 82  ? 3.93559   16.22767  0.85567   1.000 78.48426  ? 730  ARG A CZ  1 
ATOM   493  N NH1 . ARG A 1 82  ? 2.85784   15.74266  0.24881   1.000 75.78872  ? 730  ARG A NH1 1 
ATOM   494  N NH2 . ARG A 1 82  ? 4.79408   16.96566  0.16735   1.000 69.34076  ? 730  ARG A NH2 1 
ATOM   495  N N   . GLY A 1 83  ? 0.45765   17.53137  7.27687   1.000 57.90766  ? 731  GLY A N   1 
ATOM   496  C CA  . GLY A 1 83  ? -0.53524  18.58189  7.35759   1.000 56.13851  ? 731  GLY A CA  1 
ATOM   497  C C   . GLY A 1 83  ? -1.27312  18.84954  6.06344   1.000 58.61460  ? 731  GLY A C   1 
ATOM   498  O O   . GLY A 1 83  ? -1.70875  19.98201  5.83767   1.000 59.75279  ? 731  GLY A O   1 
ATOM   499  N N   . LYS A 1 84  ? -1.45947  17.83376  5.21939   1.000 51.63935  ? 732  LYS A N   1 
ATOM   500  C CA  . LYS A 1 84  ? -2.12489  17.99861  3.92743   1.000 57.43220  ? 732  LYS A CA  1 
ATOM   501  C C   . LYS A 1 84  ? -3.23669  16.97214  3.75108   1.000 56.01499  ? 732  LYS A C   1 
ATOM   502  O O   . LYS A 1 84  ? -3.32757  15.97338  4.47852   1.000 54.45378  ? 732  LYS A O   1 
ATOM   503  C CB  . LYS A 1 84  ? -1.14524  17.83337  2.75559   1.000 60.33742  ? 732  LYS A CB  1 
ATOM   504  C CG  . LYS A 1 84  ? -0.07588  18.89751  2.61618   1.000 69.03010  ? 732  LYS A CG  1 
ATOM   505  C CD  . LYS A 1 84  ? 0.61956   18.74129  1.26306   1.000 74.54611  ? 732  LYS A CD  1 
ATOM   506  C CE  . LYS A 1 84  ? -0.40940  18.57831  0.13390   1.000 81.94958  ? 732  LYS A CE  1 
ATOM   507  N NZ  . LYS A 1 84  ? 0.19566   18.41447  -1.22813  1.000 80.62120  ? 732  LYS A NZ  1 
ATOM   508  N N   . GLY A 1 85  ? -4.05747  17.20494  2.72873   1.000 52.41528  ? 733  GLY A N   1 
ATOM   509  C CA  . GLY A 1 85  ? -5.03636  16.23588  2.29199   1.000 50.78953  ? 733  GLY A CA  1 
ATOM   510  C C   . GLY A 1 85  ? -6.26952  16.19031  3.16593   1.000 47.90779  ? 733  GLY A C   1 
ATOM   511  O O   . GLY A 1 85  ? -6.42653  16.97706  4.10236   1.000 52.75425  ? 733  GLY A O   1 
ATOM   512  N N   . PRO A 1 86  ? -7.17180  15.25352  2.87703   1.000 53.16885  ? 734  PRO A N   1 
ATOM   513  C CA  . PRO A 1 86  ? -8.50560  15.27386  3.49237   1.000 50.98024  ? 734  PRO A CA  1 
ATOM   514  C C   . PRO A 1 86  ? -8.61890  14.59270  4.84751   1.000 58.66176  ? 734  PRO A C   1 
ATOM   515  O O   . PRO A 1 86  ? -9.71439  14.60600  5.42244   1.000 49.30819  ? 734  PRO A O   1 
ATOM   516  C CB  . PRO A 1 86  ? -9.35261  14.52594  2.45169   1.000 51.54513  ? 734  PRO A CB  1 
ATOM   517  C CG  . PRO A 1 86  ? -8.38806  13.50945  1.87881   1.000 50.18107  ? 734  PRO A CG  1 
ATOM   518  C CD  . PRO A 1 86  ? -7.05527  14.22344  1.82687   1.000 50.43619  ? 734  PRO A CD  1 
ATOM   519  N N   . LEU A 1 87  ? -7.55241  13.98673  5.37392   1.000 50.81565  ? 735  LEU A N   1 
ATOM   520  C CA  . LEU A 1 87  ? -7.63499  13.29724  6.65615   1.000 48.30076  ? 735  LEU A CA  1 
ATOM   521  C C   . LEU A 1 87  ? -7.25699  14.28168  7.75924   1.000 47.71431  ? 735  LEU A C   1 
ATOM   522  O O   . LEU A 1 87  ? -6.15924  14.85239  7.74901   1.000 47.94502  ? 735  LEU A O   1 
ATOM   523  C CB  . LEU A 1 87  ? -6.73386  12.05958  6.67498   1.000 49.02213  ? 735  LEU A CB  1 
ATOM   524  C CG  . LEU A 1 87  ? -6.91411  11.00640  5.57186   1.000 45.10346  ? 735  LEU A CG  1 
ATOM   525  C CD1 . LEU A 1 87  ? -5.96738  9.80457   5.79523   1.000 44.63051  ? 735  LEU A CD1 1 
ATOM   526  C CD2 . LEU A 1 87  ? -8.36106  10.54542  5.41350   1.000 41.92295  ? 735  LEU A CD2 1 
ATOM   527  N N   . LYS A 1 88  ? -8.16528  14.48869  8.70549   1.000 49.70426  ? 736  LYS A N   1 
ATOM   528  C CA  . LYS A 1 88  ? -7.96750  15.51926  9.71318   1.000 44.37350  ? 736  LYS A CA  1 
ATOM   529  C C   . LYS A 1 88  ? -7.57113  14.97894  11.07049  1.000 45.53470  ? 736  LYS A C   1 
ATOM   530  O O   . LYS A 1 88  ? -6.83866  15.65899  11.79687  1.000 49.87893  ? 736  LYS A O   1 
ATOM   531  C CB  . LYS A 1 88  ? -9.24154  16.36839  9.86981   1.000 56.72423  ? 736  LYS A CB  1 
ATOM   532  C CG  . LYS A 1 88  ? -9.89112  16.80210  8.54952   1.000 56.71914  ? 736  LYS A CG  1 
ATOM   533  C CD  . LYS A 1 88  ? -8.88007  17.40718  7.55766   1.000 66.23686  ? 736  LYS A CD  1 
ATOM   534  C CE  . LYS A 1 88  ? -8.41296  18.80014  7.98740   1.000 73.47883  ? 736  LYS A CE  1 
ATOM   535  N NZ  . LYS A 1 88  ? -7.42425  19.42092  7.04223   1.000 72.41525  ? 736  LYS A NZ  1 
ATOM   536  N N   . ASN A 1 89  ? -7.99541  13.76532  11.41926  1.000 51.60768  ? 737  ASN A N   1 
ATOM   537  C CA  . ASN A 1 89  ? -7.73831  13.23280  12.74940  1.000 52.04629  ? 737  ASN A CA  1 
ATOM   538  C C   . ASN A 1 89  ? -7.42508  11.74219  12.68121  1.000 45.93944  ? 737  ASN A C   1 
ATOM   539  O O   . ASN A 1 89  ? -7.58045  11.08711  11.64394  1.000 46.26346  ? 737  ASN A O   1 
ATOM   540  C CB  . ASN A 1 89  ? -8.93094  13.48931  13.68035  1.000 56.26164  ? 737  ASN A CB  1 
ATOM   541  C CG  . ASN A 1 89  ? -10.24299 13.00164  13.09585  1.000 52.86578  ? 737  ASN A CG  1 
ATOM   542  O OD1 . ASN A 1 89  ? -10.30879 11.94056  12.47526  1.000 56.49204  ? 737  ASN A OD1 1 
ATOM   543  N ND2 . ASN A 1 89  ? -11.30376 13.77489  13.30050  1.000 63.72770  ? 737  ASN A ND2 1 
ATOM   544  N N   . THR A 1 90  ? -7.00274  11.21054  13.83147  1.000 43.44241  ? 738  THR A N   1 
ATOM   545  C CA  . THR A 1 90  ? -6.63726  9.80421   13.94172  1.000 44.52359  ? 738  THR A CA  1 
ATOM   546  C C   . THR A 1 90  ? -7.76354  8.89625   13.46816  1.000 53.86613  ? 738  THR A C   1 
ATOM   547  O O   . THR A 1 90  ? -7.52040  7.85091   12.84825  1.000 44.31760  ? 738  THR A O   1 
ATOM   548  C CB  . THR A 1 90  ? -6.26967  9.49360   15.39316  1.000 52.41166  ? 738  THR A CB  1 
ATOM   549  O OG1 . THR A 1 90  ? -5.14857  10.29832  15.78243  1.000 57.94740  ? 738  THR A OG1 1 
ATOM   550  C CG2 . THR A 1 90  ? -5.89284  8.04640   15.55235  1.000 50.24630  ? 738  THR A CG2 1 
ATOM   551  N N   . SER A 1 91  ? -9.00719  9.27784   13.75499  1.000 45.58117  ? 739  SER A N   1 
ATOM   552  C CA  . SER A 1 91  ? -10.13830 8.45323   13.35195  1.000 45.00782  ? 739  SER A CA  1 
ATOM   553  C C   . SER A 1 91  ? -10.21423 8.33247   11.83247  1.000 41.95517  ? 739  SER A C   1 
ATOM   554  O O   . SER A 1 91  ? -10.46520 7.24837   11.30199  1.000 48.40693  ? 739  SER A O   1 
ATOM   555  C CB  . SER A 1 91  ? -11.42883 9.04890   13.93035  1.000 50.36033  ? 739  SER A CB  1 
ATOM   556  O OG  . SER A 1 91  ? -12.56308 8.32463   13.50435  1.000 59.35779  ? 739  SER A OG  1 
ATOM   557  N N   . ASP A 1 92  ? -9.99926  9.43987   11.11202  1.000 43.49965  ? 740  ASP A N   1 
ATOM   558  C CA  . ASP A 1 92  ? -9.95854  9.37827   9.65495   1.000 40.61592  ? 740  ASP A CA  1 
ATOM   559  C C   . ASP A 1 92  ? -8.82286  8.48281   9.16535   1.000 41.92976  ? 740  ASP A C   1 
ATOM   560  O O   . ASP A 1 92  ? -8.96205  7.78885   8.15189   1.000 44.29919  ? 740  ASP A O   1 
ATOM   561  C CB  . ASP A 1 92  ? -9.78654  10.77895  9.06744   1.000 42.42655  ? 740  ASP A CB  1 
ATOM   562  C CG  . ASP A 1 92  ? -10.99501 11.68370  9.30955   1.000 50.35660  ? 740  ASP A CG  1 
ATOM   563  O OD1 . ASP A 1 92  ? -12.13654 11.16988  9.43031   1.000 50.11318  ? 740  ASP A OD1 1 
ATOM   564  O OD2 . ASP A 1 92  ? -10.78484 12.91737  9.34237   1.000 55.53676  ? 740  ASP A OD2 1 
ATOM   565  N N   . VAL A 1 93  ? -7.67847  8.52002   9.84508   1.000 38.82237  ? 741  VAL A N   1 
ATOM   566  C CA  . VAL A 1 93  ? -6.52890  7.73926   9.39427   1.000 45.69506  ? 741  VAL A CA  1 
ATOM   567  C C   . VAL A 1 93  ? -6.78574  6.25298   9.62606   1.000 43.42480  ? 741  VAL A C   1 
ATOM   568  O O   . VAL A 1 93  ? -6.46085  5.41106   8.77900   1.000 43.36321  ? 741  VAL A O   1 
ATOM   569  C CB  . VAL A 1 93  ? -5.25050  8.25018   10.09272  1.000 44.08562  ? 741  VAL A CB  1 
ATOM   570  C CG1 . VAL A 1 93  ? -3.98658  7.38866   9.73010   1.000 36.97082  ? 741  VAL A CG1 1 
ATOM   571  C CG2 . VAL A 1 93  ? -5.01853  9.69087   9.68589   1.000 39.08867  ? 741  VAL A CG2 1 
ATOM   572  N N   . ILE A 1 94  ? -7.43287  5.91291   10.74447  1.000 44.55201  ? 742  ILE A N   1 
ATOM   573  C CA  . ILE A 1 94  ? -7.80869  4.52262   10.99365  1.000 40.69775  ? 742  ILE A CA  1 
ATOM   574  C C   . ILE A 1 94  ? -8.78186  4.04307   9.93245   1.000 44.77561  ? 742  ILE A C   1 
ATOM   575  O O   . ILE A 1 94  ? -8.61773  2.95708   9.37031   1.000 43.73142  ? 742  ILE A O   1 
ATOM   576  C CB  . ILE A 1 94  ? -8.38905  4.37157   12.41331  1.000 48.83860  ? 742  ILE A CB  1 
ATOM   577  C CG1 . ILE A 1 94  ? -7.29192  4.57867   13.46311  1.000 45.49941  ? 742  ILE A CG1 1 
ATOM   578  C CG2 . ILE A 1 94  ? -9.06993  3.00112   12.58962  1.000 44.17979  ? 742  ILE A CG2 1 
ATOM   579  C CD1 . ILE A 1 94  ? -7.83810  4.75682   14.90434  1.000 45.81459  ? 742  ILE A CD1 1 
ATOM   580  N N   . ASN A 1 95  ? -9.78532  4.86518   9.60280   1.000 42.26884  ? 743  ASN A N   1 
ATOM   581  C CA  A ASN A 1 95  ? -10.76387 4.48175   8.59001   0.493 44.04064  ? 743  ASN A CA  1 
ATOM   582  C CA  B ASN A 1 95  ? -10.75610 4.46531   8.59038   0.507 44.08463  ? 743  ASN A CA  1 
ATOM   583  C C   . ASN A 1 95  ? -10.10283 4.30039   7.22380   1.000 40.93262  ? 743  ASN A C   1 
ATOM   584  O O   . ASN A 1 95  ? -10.46952 3.40389   6.46233   1.000 46.35026  ? 743  ASN A O   1 
ATOM   585  C CB  A ASN A 1 95  ? -11.87981 5.53570   8.51226   0.493 48.71176  ? 743  ASN A CB  1 
ATOM   586  C CB  B ASN A 1 95  ? -11.89270 5.48334   8.50164   0.507 48.35782  ? 743  ASN A CB  1 
ATOM   587  C CG  A ASN A 1 95  ? -12.68394 5.65729   9.80751   0.493 50.88582  ? 743  ASN A CG  1 
ATOM   588  C CG  B ASN A 1 95  ? -12.85790 5.16115   7.38272   0.507 49.60879  ? 743  ASN A CG  1 
ATOM   589  O OD1 A ASN A 1 95  ? -12.52712 4.86373   10.73378  0.493 50.39367  ? 743  ASN A OD1 1 
ATOM   590  O OD1 B ASN A 1 95  ? -13.56827 4.16133   7.44015   0.507 50.70360  ? 743  ASN A OD1 1 
ATOM   591  N ND2 A ASN A 1 95  ? -13.54865 6.66911   9.87105   0.493 48.23170  ? 743  ASN A ND2 1 
ATOM   592  N ND2 B ASN A 1 95  ? -12.86457 5.98896   6.34221   0.507 52.11810  ? 743  ASN A ND2 1 
ATOM   593  N N   . ALA A 1 96  ? -9.14238  5.16439   6.88829   1.000 40.15848  ? 744  ALA A N   1 
ATOM   594  C CA  . ALA A 1 96  ? -8.40503  5.01282   5.63645   1.000 43.35197  ? 744  ALA A CA  1 
ATOM   595  C C   . ALA A 1 96  ? -7.67221  3.67111   5.57986   1.000 46.40779  ? 744  ALA A C   1 
ATOM   596  O O   . ALA A 1 96  ? -7.72379  2.96697   4.56411   1.000 45.21544  ? 744  ALA A O   1 
ATOM   597  C CB  . ALA A 1 96  ? -7.42481  6.17467   5.48143   1.000 39.28878  ? 744  ALA A CB  1 
ATOM   598  N N   . ALA A 1 97  ? -7.00358  3.28718   6.67074   1.000 44.08359  ? 745  ALA A N   1 
ATOM   599  C CA  . ALA A 1 97  ? -6.30323  2.00249   6.69393   1.000 43.36076  ? 745  ALA A CA  1 
ATOM   600  C C   . ALA A 1 97  ? -7.26223  0.83616   6.48249   1.000 44.65192  ? 745  ALA A C   1 
ATOM   601  O O   . ALA A 1 97  ? -6.93186  -0.12388  5.77104   1.000 38.65008  ? 745  ALA A O   1 
ATOM   602  C CB  . ALA A 1 97  ? -5.54266  1.83565   8.01661   1.000 40.31622  ? 745  ALA A CB  1 
ATOM   603  N N   . LYS A 1 98  ? -8.45890  0.89635   7.08605   1.000 43.86818  ? 746  LYS A N   1 
ATOM   604  C CA  . LYS A 1 98  ? -9.43195  -0.18243  6.88856   1.000 46.53310  ? 746  LYS A CA  1 
ATOM   605  C C   . LYS A 1 98  ? -9.92056  -0.24778  5.44282   1.000 44.85245  ? 746  LYS A C   1 
ATOM   606  O O   . LYS A 1 98  ? -10.17476 -1.34079  4.92686   1.000 46.01802  ? 746  LYS A O   1 
ATOM   607  C CB  . LYS A 1 98  ? -10.63750 -0.04372  7.82977   1.000 50.74740  ? 746  LYS A CB  1 
ATOM   608  C CG  . LYS A 1 98  ? -10.37635 0.50435   9.24734   1.000 62.67804  ? 746  LYS A CG  1 
ATOM   609  C CD  . LYS A 1 98  ? -9.44497  -0.33716  10.15894  1.000 75.83861  ? 746  LYS A CD  1 
ATOM   610  C CE  . LYS A 1 98  ? -8.05545  0.32934   10.33627  1.000 61.34460  ? 746  LYS A CE  1 
ATOM   611  N NZ  . LYS A 1 98  ? -7.30654  -0.02382  11.57377  1.000 64.60581  ? 746  LYS A NZ  1 
ATOM   612  N N   . LYS A 1 99  ? -10.08731 0.90528   4.78108   1.000 42.31008  ? 747  LYS A N   1 
ATOM   613  C CA  . LYS A 1 99  ? -10.41311 0.89889   3.35415   1.000 44.66785  ? 747  LYS A CA  1 
ATOM   614  C C   . LYS A 1 99  ? -9.28776  0.27741   2.52027   1.000 45.88833  ? 747  LYS A C   1 
ATOM   615  O O   . LYS A 1 99  ? -9.54583  -0.48762  1.58625   1.000 41.06993  ? 747  LYS A O   1 
ATOM   616  C CB  . LYS A 1 99  ? -10.69643 2.32134   2.86764   1.000 42.66381  ? 747  LYS A CB  1 
ATOM   617  C CG  . LYS A 1 99  ? -12.04686 2.87438   3.30043   1.000 63.08183  ? 747  LYS A CG  1 
ATOM   618  C CD  . LYS A 1 99  ? -12.39932 4.15413   2.53504   1.000 72.86944  ? 747  LYS A CD  1 
ATOM   619  C CE  . LYS A 1 99  ? -12.81126 3.85727   1.09405   1.000 84.84208  ? 747  LYS A CE  1 
ATOM   620  N NZ  . LYS A 1 99  ? -14.15514 3.19004   0.99176   1.000 85.68911  ? 747  LYS A NZ  1 
ATOM   621  N N   . ILE A 1 100 ? -8.03308  0.60885   2.83062   1.000 44.45622  ? 748  ILE A N   1 
ATOM   622  C CA  . ILE A 1 100 ? -6.90674  -0.02688  2.14478   1.000 41.76380  ? 748  ILE A CA  1 
ATOM   623  C C   . ILE A 1 100 ? -6.95269  -1.54140  2.33403   1.000 40.19225  ? 748  ILE A C   1 
ATOM   624  O O   . ILE A 1 100 ? -6.78957  -2.30344  1.37602   1.000 42.97725  ? 748  ILE A O   1 
ATOM   625  C CB  . ILE A 1 100 ? -5.58395  0.58898   2.63944   1.000 42.12504  ? 748  ILE A CB  1 
ATOM   626  C CG1 . ILE A 1 100 ? -5.42814  1.98386   2.05753   1.000 36.84500  ? 748  ILE A CG1 1 
ATOM   627  C CG2 . ILE A 1 100 ? -4.36924  -0.28107  2.23963   1.000 36.10858  ? 748  ILE A CG2 1 
ATOM   628  C CD1 . ILE A 1 100 ? -4.25912  2.78250   2.62959   1.000 43.27900  ? 748  ILE A CD1 1 
ATOM   629  N N   . ALA A 1 101 ? -7.24039  -2.00246  3.55828   1.000 43.31434  ? 749  ALA A N   1 
ATOM   630  C CA  . ALA A 1 101 ? -7.26392  -3.44404  3.82378   1.000 41.46100  ? 749  ALA A CA  1 
ATOM   631  C C   . ALA A 1 101 ? -8.36841  -4.15065  3.04167   1.000 46.71739  ? 749  ALA A C   1 
ATOM   632  O O   . ALA A 1 101 ? -8.17983  -5.28348  2.57450   1.000 44.58006  ? 749  ALA A O   1 
ATOM   633  C CB  . ALA A 1 101 ? -7.44465  -3.71351  5.32309   1.000 40.84202  ? 749  ALA A CB  1 
ATOM   634  N N   . GLU A 1 102 ? -9.54040  -3.51777  2.93055   1.000 45.29228  ? 750  GLU A N   1 
ATOM   635  C CA  . GLU A 1 102 ? -10.63140 -4.06044  2.11886   1.000 47.29003  ? 750  GLU A CA  1 
ATOM   636  C C   . GLU A 1 102 ? -10.22800 -4.16864  0.65507   1.000 43.64538  ? 750  GLU A C   1 
ATOM   637  O O   . GLU A 1 102 ? -10.46714 -5.19285  0.00708   1.000 48.28626  ? 750  GLU A O   1 
ATOM   638  C CB  . GLU A 1 102 ? -11.87185 -3.17027  2.24368   1.000 46.13150  ? 750  GLU A CB  1 
ATOM   639  C CG  . GLU A 1 102 ? -12.49446 -3.20077  3.63708   1.000 67.69899  ? 750  GLU A CG  1 
ATOM   640  C CD  . GLU A 1 102 ? -13.65024 -2.21427  3.82512   1.000 78.73802  ? 750  GLU A CD  1 
ATOM   641  O OE1 . GLU A 1 102 ? -14.32469 -2.31703  4.87441   1.000 82.18392  ? 750  GLU A OE1 1 
ATOM   642  O OE2 . GLU A 1 102 ? -13.88088 -1.34967  2.94824   1.000 81.32865  ? 750  GLU A OE2 1 
ATOM   643  N N   . ALA A 1 103 ? -9.60819  -3.11744  0.12179   1.000 42.80186  ? 751  ALA A N   1 
ATOM   644  C CA  . ALA A 1 103 ? -9.13789  -3.16034  -1.25731  1.000 45.00667  ? 751  ALA A CA  1 
ATOM   645  C C   . ALA A 1 103 ? -8.06348  -4.22998  -1.43670  1.000 45.01966  ? 751  ALA A C   1 
ATOM   646  O O   . ALA A 1 103 ? -8.08189  -4.97643  -2.42150  1.000 43.39267  ? 751  ALA A O   1 
ATOM   647  C CB  . ALA A 1 103 ? -8.62388  -1.77813  -1.66058  1.000 36.29737  ? 751  ALA A CB  1 
ATOM   648  N N   . GLY A 1 104 ? -7.13740  -4.34636  -0.47730  1.000 41.80969  ? 752  GLY A N   1 
ATOM   649  C CA  . GLY A 1 104 ? -6.14741  -5.41770  -0.54542  1.000 37.64663  ? 752  GLY A CA  1 
ATOM   650  C C   . GLY A 1 104 ? -6.76896  -6.80138  -0.48677  1.000 47.75052  ? 752  GLY A C   1 
ATOM   651  O O   . GLY A 1 104 ? -6.29223  -7.73727  -1.13918  1.000 41.09864  ? 752  GLY A O   1 
ATOM   652  N N   . SER A 1 105 ? -7.82538  -6.95859  0.31680   1.000 44.23984  ? 753  SER A N   1 
ATOM   653  C CA  . SER A 1 105 ? -8.54728  -8.22789  0.34670   1.000 46.30603  ? 753  SER A CA  1 
ATOM   654  C C   . SER A 1 105 ? -9.16043  -8.54702  -1.01889  1.000 45.27172  ? 753  SER A C   1 
ATOM   655  O O   . SER A 1 105 ? -9.13332  -9.69620  -1.46773  1.000 45.86690  ? 753  SER A O   1 
ATOM   656  C CB  . SER A 1 105 ? -9.63171  -8.18284  1.42638   1.000 49.93107  ? 753  SER A CB  1 
ATOM   657  O OG  . SER A 1 105 ? -10.30003 -9.42733  1.51597   1.000 56.96307  ? 753  SER A OG  1 
ATOM   658  N N   . ARG A 1 106 ? -9.68713  -7.53424  -1.70866  1.000 45.35097  ? 754  ARG A N   1 
ATOM   659  C CA  . ARG A 1 106 ? -10.25071 -7.75655  -3.03970  1.000 47.63166  ? 754  ARG A CA  1 
ATOM   660  C C   . ARG A 1 106 ? -9.15977  -8.04373  -4.07071  1.000 46.03236  ? 754  ARG A C   1 
ATOM   661  O O   . ARG A 1 106 ? -9.31887  -8.92432  -4.92585  1.000 49.75078  ? 754  ARG A O   1 
ATOM   662  C CB  . ARG A 1 106 ? -11.06956 -6.54005  -3.46586  1.000 45.20992  ? 754  ARG A CB  1 
ATOM   663  C CG  . ARG A 1 106 ? -12.39572 -6.39379  -2.74419  1.000 57.67811  ? 754  ARG A CG  1 
ATOM   664  C CD  . ARG A 1 106 ? -13.18433 -5.24187  -3.33179  1.000 61.29329  ? 754  ARG A CD  1 
ATOM   665  N NE  . ARG A 1 106 ? -13.92188 -4.49376  -2.31715  1.000 82.41309  ? 754  ARG A NE  1 
ATOM   666  C CZ  . ARG A 1 106 ? -15.18890 -4.72885  -1.98748  1.000 84.81569  ? 754  ARG A CZ  1 
ATOM   667  N NH1 . ARG A 1 106 ? -15.86587 -5.70215  -2.59032  1.000 90.57305  ? 754  ARG A NH1 1 
ATOM   668  N NH2 . ARG A 1 106 ? -15.77880 -3.99224  -1.05375  1.000 83.55976  ? 754  ARG A NH2 1 
ATOM   669  N N   . MET A 1 107 ? -8.05467  -7.29717  -4.02222  1.000 44.96328  ? 755  MET A N   1 
ATOM   670  C CA  . MET A 1 107 ? -6.93657  -7.58015  -4.91836  1.000 45.04954  ? 755  MET A CA  1 
ATOM   671  C C   . MET A 1 107 ? -6.40715  -8.99095  -4.68188  1.000 45.93035  ? 755  MET A C   1 
ATOM   672  O O   . MET A 1 107 ? -6.07522  -9.71574  -5.62558  1.000 48.14493  ? 755  MET A O   1 
ATOM   673  C CB  . MET A 1 107 ? -5.84404  -6.53338  -4.71407  1.000 41.83769  ? 755  MET A CB  1 
ATOM   674  C CG  . MET A 1 107 ? -4.56250  -6.79280  -5.51888  1.000 48.34623  ? 755  MET A CG  1 
ATOM   675  S SD  . MET A 1 107 ? -3.24175  -5.67701  -5.02069  1.000 52.40231  ? 755  MET A SD  1 
ATOM   676  C CE  . MET A 1 107 ? -3.76449  -4.24944  -5.92673  1.000 44.95869  ? 755  MET A CE  1 
ATOM   677  N N   . ASP A 1 108 ? -6.40157  -9.41548  -3.42316  1.000 48.61371  ? 756  ASP A N   1 
ATOM   678  C CA  . ASP A 1 108 ? -5.92179  -10.73573 -3.04607  1.000 44.93496  ? 756  ASP A CA  1 
ATOM   679  C C   . ASP A 1 108 ? -6.75012  -11.83642 -3.70005  1.000 49.52854  ? 756  ASP A C   1 
ATOM   680  O O   . ASP A 1 108 ? -6.20694  -12.82005 -4.21266  1.000 47.46889  ? 756  ASP A O   1 
ATOM   681  C CB  . ASP A 1 108 ? -5.99747  -10.84079 -1.52657  1.000 52.49787  ? 756  ASP A CB  1 
ATOM   682  C CG  . ASP A 1 108 ? -4.99831  -11.78423 -0.95667  1.000 65.36684  ? 756  ASP A CG  1 
ATOM   683  O OD1 . ASP A 1 108 ? -3.93032  -11.28289 -0.50989  1.000 73.39655  ? 756  ASP A OD1 1 
ATOM   684  O OD2 . ASP A 1 108 ? -5.29539  -13.00396 -0.93407  1.000 66.29461  ? 756  ASP A OD2 1 
ATOM   685  N N   . LYS A 1 109 ? -8.07957  -11.70871 -3.65067  1.000 51.47265  ? 757  LYS A N   1 
ATOM   686  C CA  . LYS A 1 109 ? -8.93821  -12.72975 -4.24870  1.000 51.64402  ? 757  LYS A CA  1 
ATOM   687  C C   . LYS A 1 109 ? -8.72529  -12.81400 -5.75538  1.000 47.53499  ? 757  LYS A C   1 
ATOM   688  O O   . LYS A 1 109 ? -8.66118  -13.90801 -6.32281  1.000 50.03010  ? 757  LYS A O   1 
ATOM   689  C CB  . LYS A 1 109 ? -10.40216 -12.43202 -3.93267  1.000 56.76178  ? 757  LYS A CB  1 
ATOM   690  C CG  . LYS A 1 109 ? -11.34166 -13.58780 -4.21295  1.000 62.56839  ? 757  LYS A CG  1 
ATOM   691  C CD  . LYS A 1 109 ? -12.77526 -13.10684 -4.18891  1.000 72.50143  ? 757  LYS A CD  1 
ATOM   692  C CE  . LYS A 1 109 ? -13.76183 -14.22637 -4.46705  1.000 72.02698  ? 757  LYS A CE  1 
ATOM   693  N NZ  . LYS A 1 109 ? -15.14091 -13.65248 -4.53386  1.000 78.84433  ? 757  LYS A NZ  1 
ATOM   694  N N   . LEU A 1 110 ? -8.58660  -11.66805 -6.41228  1.000 46.61101  ? 758  LEU A N   1 
ATOM   695  C CA  . LEU A 1 110 ? -8.38527  -11.65249 -7.85583  1.000 51.54369  ? 758  LEU A CA  1 
ATOM   696  C C   . LEU A 1 110 ? -7.01164  -12.20416 -8.23553  1.000 45.91694  ? 758  LEU A C   1 
ATOM   697  O O   . LEU A 1 110 ? -6.89797  -13.04747 -9.13239  1.000 50.62030  ? 758  LEU A O   1 
ATOM   698  C CB  . LEU A 1 110 ? -8.56707  -10.22572 -8.37076  1.000 44.80222  ? 758  LEU A CB  1 
ATOM   699  C CG  . LEU A 1 110 ? -8.85851  -10.02522 -9.85232  1.000 57.89787  ? 758  LEU A CG  1 
ATOM   700  C CD1 . LEU A 1 110 ? -10.04353 -10.87840 -10.31958 1.000 53.56543  ? 758  LEU A CD1 1 
ATOM   701  C CD2 . LEU A 1 110 ? -9.14215  -8.55863  -10.08586 1.000 56.43317  ? 758  LEU A CD2 1 
ATOM   702  N N   . ALA A 1 111 ? -5.95239  -11.75182 -7.55159  1.000 47.32939  ? 759  ALA A N   1 
ATOM   703  C CA  . ALA A 1 111 ? -4.60618  -12.22927 -7.87425  1.000 42.76265  ? 759  ALA A CA  1 
ATOM   704  C C   . ALA A 1 111 ? -4.43377  -13.70584 -7.54311  1.000 44.61539  ? 759  ALA A C   1 
ATOM   705  O O   . ALA A 1 111 ? -3.62189  -14.39151 -8.17611  1.000 45.77133  ? 759  ALA A O   1 
ATOM   706  C CB  . ALA A 1 111 ? -3.55831  -11.38833 -7.13953  1.000 42.99727  ? 759  ALA A CB  1 
ATOM   707  N N   . ARG A 1 112 ? -5.17332  -14.21090 -6.55237  1.000 42.64523  ? 760  ARG A N   1 
ATOM   708  C CA  . ARG A 1 112 ? -5.17789  -15.64732 -6.29076  1.000 48.56558  ? 760  ARG A CA  1 
ATOM   709  C C   . ARG A 1 112 ? -5.70208  -16.42352 -7.49665  1.000 48.93385  ? 760  ARG A C   1 
ATOM   710  O O   . ARG A 1 112 ? -5.19953  -17.50577 -7.81997  1.000 49.43218  ? 760  ARG A O   1 
ATOM   711  C CB  . ARG A 1 112 ? -6.03762  -15.93911 -5.06425  1.000 51.27426  ? 760  ARG A CB  1 
ATOM   712  C CG  . ARG A 1 112 ? -5.34903  -16.67717 -3.96955  1.000 61.09598  ? 760  ARG A CG  1 
ATOM   713  C CD  . ARG A 1 112 ? -6.19167  -16.66391 -2.68819  1.000 62.63700  ? 760  ARG A CD  1 
ATOM   714  N NE  . ARG A 1 112 ? -5.59094  -15.78626 -1.69780  1.000 69.32067  ? 760  ARG A NE  1 
ATOM   715  C CZ  . ARG A 1 112 ? -4.51117  -16.11148 -0.99334  1.000 79.94161  ? 760  ARG A CZ  1 
ATOM   716  N NH1 . ARG A 1 112 ? -3.94788  -17.30443 -1.17113  1.000 77.20500  ? 760  ARG A NH1 1 
ATOM   717  N NH2 . ARG A 1 112 ? -3.99281  -15.25430 -0.11606  1.000 73.48296  ? 760  ARG A NH2 1 
ATOM   718  N N   . ALA A 1 113 ? -6.72950  -15.89264 -8.16284  1.000 50.58293  ? 761  ALA A N   1 
ATOM   719  C CA  . ALA A 1 113 ? -7.25053  -16.54837 -9.35738  1.000 51.05160  ? 761  ALA A CA  1 
ATOM   720  C C   . ALA A 1 113 ? -6.23858  -16.47929 -10.49839 1.000 45.60935  ? 761  ALA A C   1 
ATOM   721  O O   . ALA A 1 113 ? -6.05761  -17.45638 -11.23303 1.000 50.67269  ? 761  ALA A O   1 
ATOM   722  C CB  . ALA A 1 113 ? -8.58789  -15.91534 -9.75086  1.000 49.92787  ? 761  ALA A CB  1 
ATOM   723  N N   . VAL A 1 114 ? -5.53867  -15.34871 -10.63736 1.000 42.26887  ? 762  VAL A N   1 
ATOM   724  C CA  . VAL A 1 114 ? -4.43400  -15.27471 -11.59558 1.000 41.77828  ? 762  VAL A CA  1 
ATOM   725  C C   . VAL A 1 114 ? -3.39466  -16.35242 -11.29488 1.000 51.03948  ? 762  VAL A C   1 
ATOM   726  O O   . VAL A 1 114 ? -2.92464  -17.06083 -12.19911 1.000 47.63538  ? 762  VAL A O   1 
ATOM   727  C CB  . VAL A 1 114 ? -3.80161  -13.86995 -11.58355 1.000 45.48577  ? 762  VAL A CB  1 
ATOM   728  C CG1 . VAL A 1 114 ? -2.46710  -13.87381 -12.31778 1.000 44.01095  ? 762  VAL A CG1 1 
ATOM   729  C CG2 . VAL A 1 114 ? -4.75953  -12.83300 -12.19409 1.000 41.89486  ? 762  VAL A CG2 1 
ATOM   730  N N   . ALA A 1 115 ? -2.99682  -16.47673 -10.01989 1.000 47.47527  ? 763  ALA A N   1 
ATOM   731  C CA  . ALA A 1 115 ? -1.95997  -17.45054 -9.67384  1.000 46.51323  ? 763  ALA A CA  1 
ATOM   732  C C   . ALA A 1 115 ? -2.44006  -18.87334 -9.93365  1.000 40.96741  ? 763  ALA A C   1 
ATOM   733  O O   . ALA A 1 115 ? -1.67688  -19.70659 -10.43512 1.000 47.70708  ? 763  ALA A O   1 
ATOM   734  C CB  . ALA A 1 115 ? -1.52934  -17.28858 -8.20898  1.000 46.92741  ? 763  ALA A CB  1 
ATOM   735  N N   . ASP A 1 116 ? -3.70788  -19.16088 -9.60946  1.000 46.80174  ? 764  ASP A N   1 
ATOM   736  C CA  . ASP A 1 116 ? -4.27011  -20.49168 -9.85445  1.000 56.86757  ? 764  ASP A CA  1 
ATOM   737  C C   . ASP A 1 116 ? -4.23824  -20.84113 -11.33325 1.000 58.66877  ? 764  ASP A C   1 
ATOM   738  O O   . ASP A 1 116 ? -4.01451  -21.99965 -11.69897 1.000 60.94950  ? 764  ASP A O   1 
ATOM   739  C CB  . ASP A 1 116 ? -5.71472  -20.57185 -9.35331  1.000 52.86780  ? 764  ASP A CB  1 
ATOM   740  C CG  . ASP A 1 116 ? -5.82079  -20.59118 -7.83133  1.000 73.31661  ? 764  ASP A CG  1 
ATOM   741  O OD1 . ASP A 1 116 ? -4.79502  -20.82956 -7.13382  1.000 67.70517  ? 764  ASP A OD1 1 
ATOM   742  O OD2 . ASP A 1 116 ? -6.94984  -20.34826 -7.33639  1.000 72.72005  ? 764  ASP A OD2 1 
ATOM   743  N N   . GLN A 1 117 ? -4.48806  -19.85286 -12.19666 1.000 51.45907  ? 765  GLN A N   1 
ATOM   744  C CA  . GLN A 1 117 ? -4.48516  -20.04254 -13.64005 1.000 53.30702  ? 765  GLN A CA  1 
ATOM   745  C C   . GLN A 1 117 ? -3.08075  -20.16480 -14.20112 1.000 53.67931  ? 765  GLN A C   1 
ATOM   746  O O   . GLN A 1 117 ? -2.92927  -20.57094 -15.35456 1.000 60.61533  ? 765  GLN A O   1 
ATOM   747  C CB  . GLN A 1 117 ? -5.22707  -18.87428 -14.31864 1.000 51.76106  ? 765  GLN A CB  1 
ATOM   748  C CG  . GLN A 1 117 ? -5.77970  -19.17790 -15.70324 1.000 55.48610  ? 765  GLN A CG  1 
ATOM   749  C CD  . GLN A 1 117 ? -6.67294  -18.06879 -16.26327 1.000 52.91834  ? 765  GLN A CD  1 
ATOM   750  O OE1 . GLN A 1 117 ? -6.34757  -16.87458 -16.19262 1.000 51.51071  ? 765  GLN A OE1 1 
ATOM   751  N NE2 . GLN A 1 117 ? -7.80895  -18.46588 -16.82523 1.000 51.13499  ? 765  GLN A NE2 1 
ATOM   752  N N   . CYS A 1 118 ? -2.05228  -19.84033 -13.41050 1.000 49.09383  ? 766  CYS A N   1 
ATOM   753  C CA  . CYS A 1 118 ? -0.69977  -19.75429 -13.93743 1.000 48.53525  ? 766  CYS A CA  1 
ATOM   754  C C   . CYS A 1 118 ? -0.09975  -21.14683 -14.09313 1.000 60.29244  ? 766  CYS A C   1 
ATOM   755  O O   . CYS A 1 118 ? -0.15776  -21.94516 -13.15659 1.000 63.50184  ? 766  CYS A O   1 
ATOM   756  C CB  . CYS A 1 118 ? 0.17408   -18.90859 -13.02593 1.000 41.92976  ? 766  CYS A CB  1 
ATOM   757  S SG  . CYS A 1 118 ? 1.84766   -18.74842 -13.58965 1.000 51.62535  ? 766  CYS A SG  1 
ATOM   758  N N   . PRO A 1 119 ? 0.49395   -21.46494 -15.24727 1.000 64.56657  ? 767  PRO A N   1 
ATOM   759  C CA  . PRO A 1 119 ? 1.05694   -22.80235 -15.46379 1.000 62.70773  ? 767  PRO A CA  1 
ATOM   760  C C   . PRO A 1 119 ? 2.49571   -22.95900 -15.00831 1.000 66.00526  ? 767  PRO A C   1 
ATOM   761  O O   . PRO A 1 119 ? 3.03939   -24.06767 -15.09271 1.000 71.14621  ? 767  PRO A O   1 
ATOM   762  C CB  . PRO A 1 119 ? 0.97251   -22.94035 -16.98797 1.000 65.11154  ? 767  PRO A CB  1 
ATOM   763  C CG  . PRO A 1 119 ? 1.30242   -21.55664 -17.45757 1.000 52.73721  ? 767  PRO A CG  1 
ATOM   764  C CD  . PRO A 1 119 ? 0.66123   -20.61116 -16.43782 1.000 51.35262  ? 767  PRO A CD  1 
ATOM   765  N N   . ASP A 1 120 ? 3.14577   -21.88797 -14.58151 1.000 59.04925  ? 768  ASP A N   1 
ATOM   766  C CA  . ASP A 1 120 ? 4.49663   -21.96848 -14.05304 1.000 63.60455  ? 768  ASP A CA  1 
ATOM   767  C C   . ASP A 1 120 ? 4.41487   -21.96291 -12.52638 1.000 64.16609  ? 768  ASP A C   1 
ATOM   768  O O   . ASP A 1 120 ? 3.91110   -21.00324 -11.92659 1.000 58.29811  ? 768  ASP A O   1 
ATOM   769  C CB  . ASP A 1 120 ? 5.34295   -20.81182 -14.58049 1.000 56.70699  ? 768  ASP A CB  1 
ATOM   770  C CG  . ASP A 1 120 ? 6.77646   -20.88981 -14.12639 1.000 66.83642  ? 768  ASP A CG  1 
ATOM   771  O OD1 . ASP A 1 120 ? 7.05433   -21.61545 -13.14735 1.000 76.28061  ? 768  ASP A OD1 1 
ATOM   772  O OD2 . ASP A 1 120 ? 7.63396   -20.21826 -14.74065 1.000 74.44259  ? 768  ASP A OD2 1 
ATOM   773  N N   . SER A 1 121 ? 4.91645   -23.03223 -11.90363 1.000 66.29820  ? 769  SER A N   1 
ATOM   774  C CA  . SER A 1 121 ? 4.81474   -23.16620 -10.45190 1.000 62.19219  ? 769  SER A CA  1 
ATOM   775  C C   . SER A 1 121 ? 5.66565   -22.12766 -9.71575  1.000 55.07049  ? 769  SER A C   1 
ATOM   776  O O   . SER A 1 121 ? 5.30867   -21.71863 -8.60807  1.000 65.13710  ? 769  SER A O   1 
ATOM   777  C CB  . SER A 1 121 ? 5.20370   -24.58515 -10.03523 1.000 64.49325  ? 769  SER A CB  1 
ATOM   778  O OG  . SER A 1 121 ? 6.52339   -24.89139 -10.45720 1.000 67.36136  ? 769  SER A OG  1 
ATOM   779  N N   . ALA A 1 122 ? 6.76781   -21.66682 -10.31598 1.000 59.17890  ? 770  ALA A N   1 
ATOM   780  C CA  . ALA A 1 122 ? 7.59431   -20.64429 -9.67707  1.000 59.88789  ? 770  ALA A CA  1 
ATOM   781  C C   . ALA A 1 122 ? 7.00446   -19.23793 -9.78512  1.000 65.54557  ? 770  ALA A C   1 
ATOM   782  O O   . ALA A 1 122 ? 7.18976   -18.42898 -8.86964  1.000 55.49654  ? 770  ALA A O   1 
ATOM   783  C CB  . ALA A 1 122 ? 8.99649   -20.63453 -10.27479 1.000 55.21370  ? 770  ALA A CB  1 
ATOM   784  N N   . CYS A 1 123 ? 6.34475   -18.90401 -10.89862 1.000 55.27157  ? 771  CYS A N   1 
ATOM   785  C CA  . CYS A 1 123 ? 5.64204   -17.62793 -10.96778 1.000 59.43593  ? 771  CYS A CA  1 
ATOM   786  C C   . CYS A 1 123 ? 4.41491   -17.65227 -10.07811 1.000 53.38877  ? 771  CYS A C   1 
ATOM   787  O O   . CYS A 1 123 ? 4.09888   -16.65570 -9.42068  1.000 53.34915  ? 771  CYS A O   1 
ATOM   788  C CB  . CYS A 1 123 ? 5.24669   -17.29862 -12.41361 1.000 59.43446  ? 771  CYS A CB  1 
ATOM   789  S SG  . CYS A 1 123 ? 6.68102   -17.02093 -13.49983 1.000 80.27559  ? 771  CYS A SG  1 
ATOM   790  N N   . LYS A 1 124 ? 3.72011   -18.79051 -10.04047 1.000 46.14151  ? 772  LYS A N   1 
ATOM   791  C CA  . LYS A 1 124 ? 2.56317   -18.92263 -9.17237  1.000 45.83990  ? 772  LYS A CA  1 
ATOM   792  C C   . LYS A 1 124 ? 2.96201   -18.73619 -7.71452  1.000 57.12008  ? 772  LYS A C   1 
ATOM   793  O O   . LYS A 1 124 ? 2.31563   -17.98392 -6.97040  1.000 49.29840  ? 772  LYS A O   1 
ATOM   794  C CB  . LYS A 1 124 ? 1.90857   -20.28422 -9.38879  1.000 43.99169  ? 772  LYS A CB  1 
ATOM   795  C CG  . LYS A 1 124 ? 0.90763   -20.63133 -8.32464  1.000 47.59366  ? 772  LYS A CG  1 
ATOM   796  C CD  . LYS A 1 124 ? 0.17222   -21.90937 -8.63890  1.000 56.23244  ? 772  LYS A CD  1 
ATOM   797  C CE  . LYS A 1 124 ? -1.10972  -21.98181 -7.82639  1.000 61.78950  ? 772  LYS A CE  1 
ATOM   798  N NZ  . LYS A 1 124 ? -1.66608  -23.35923 -7.75272  1.000 67.16056  ? 772  LYS A NZ  1 
ATOM   799  N N   . GLN A 1 125 ? 4.04053   -19.40828 -7.29463  1.000 55.86792  ? 773  GLN A N   1 
ATOM   800  C CA  . GLN A 1 125 ? 4.47080   -19.33974 -5.89823  1.000 56.11170  ? 773  GLN A CA  1 
ATOM   801  C C   . GLN A 1 125 ? 4.90673   -17.92909 -5.53063  1.000 46.11113  ? 773  GLN A C   1 
ATOM   802  O O   . GLN A 1 125 ? 4.55862   -17.42615 -4.45849  1.000 53.60372  ? 773  GLN A O   1 
ATOM   803  C CB  . GLN A 1 125 ? 5.60765   -20.33775 -5.63844  1.000 58.05415  ? 773  GLN A CB  1 
ATOM   804  C CG  . GLN A 1 125 ? 6.23631   -20.21868 -4.23812  1.000 65.05954  ? 773  GLN A CG  1 
ATOM   805  C CD  . GLN A 1 125 ? 7.35360   -19.16108 -4.14293  1.000 68.94900  ? 773  GLN A CD  1 
ATOM   806  O OE1 . GLN A 1 125 ? 8.01821   -18.81429 -5.14579  1.000 64.05692  ? 773  GLN A OE1 1 
ATOM   807  N NE2 . GLN A 1 125 ? 7.54799   -18.62800 -2.93031  1.000 63.06528  ? 773  GLN A NE2 1 
ATOM   808  N N   . ASP A 1 126 ? 5.70661   -17.29638 -6.39858  1.000 48.08470  ? 774  ASP A N   1 
ATOM   809  C CA  . ASP A 1 126 ? 6.07044   -15.89060 -6.24575  1.000 50.66294  ? 774  ASP A CA  1 
ATOM   810  C C   . ASP A 1 126 ? 4.84529   -15.02345 -5.97859  1.000 55.43162  ? 774  ASP A C   1 
ATOM   811  O O   . ASP A 1 126 ? 4.80955   -14.24683 -5.01188  1.000 47.81753  ? 774  ASP A O   1 
ATOM   812  C CB  . ASP A 1 126 ? 6.76761   -15.39003 -7.51035  1.000 57.82097  ? 774  ASP A CB  1 
ATOM   813  C CG  . ASP A 1 126 ? 8.17562   -15.92928 -7.67254  1.000 69.51217  ? 774  ASP A CG  1 
ATOM   814  O OD1 . ASP A 1 126 ? 8.54570   -16.92489 -7.00100  1.000 65.36907  ? 774  ASP A OD1 1 
ATOM   815  O OD2 . ASP A 1 126 ? 8.90802   -15.34795 -8.50401  1.000 73.08796  ? 774  ASP A OD2 1 
ATOM   816  N N   . LEU A 1 127 ? 3.83067   -15.14281 -6.84317  1.000 48.91200  ? 775  LEU A N   1 
ATOM   817  C CA  . LEU A 1 127 ? 2.64733   -14.29512 -6.73444  1.000 47.73213  ? 775  LEU A CA  1 
ATOM   818  C C   . LEU A 1 127 ? 1.92580   -14.53835 -5.41586  1.000 42.16200  ? 775  LEU A C   1 
ATOM   819  O O   . LEU A 1 127 ? 1.54981   -13.59111 -4.71919  1.000 40.81698  ? 775  LEU A O   1 
ATOM   820  C CB  . LEU A 1 127 ? 1.70928   -14.54058 -7.92795  1.000 42.49674  ? 775  LEU A CB  1 
ATOM   821  C CG  . LEU A 1 127 ? 0.40097   -13.72886 -7.96272  1.000 43.17528  ? 775  LEU A CG  1 
ATOM   822  C CD1 . LEU A 1 127 ? 0.64446   -12.28397 -7.56992  1.000 33.30990  ? 775  LEU A CD1 1 
ATOM   823  C CD2 . LEU A 1 127 ? -0.26869  -13.82330 -9.36144  1.000 38.46594  ? 775  LEU A CD2 1 
ATOM   824  N N   . LEU A 1 128 ? 1.71993   -15.80651 -5.05606  1.000 41.05779  ? 776  LEU A N   1 
ATOM   825  C CA  . LEU A 1 128 ? 1.03148   -16.10953 -3.80154  1.000 45.60899  ? 776  LEU A CA  1 
ATOM   826  C C   . LEU A 1 128 ? 1.81510   -15.59829 -2.59730  1.000 43.46804  ? 776  LEU A C   1 
ATOM   827  O O   . LEU A 1 128 ? 1.22210   -15.18119 -1.59357  1.000 41.54305  ? 776  LEU A O   1 
ATOM   828  C CB  . LEU A 1 128 ? 0.79624   -17.61769 -3.67441  1.000 43.64536  ? 776  LEU A CB  1 
ATOM   829  C CG  . LEU A 1 128 ? -0.19193  -18.24215 -4.67422  1.000 50.74661  ? 776  LEU A CG  1 
ATOM   830  C CD1 . LEU A 1 128 ? -0.21079  -19.75614 -4.54295  1.000 49.26345  ? 776  LEU A CD1 1 
ATOM   831  C CD2 . LEU A 1 128 ? -1.60092  -17.69026 -4.49738  1.000 41.31669  ? 776  LEU A CD2 1 
ATOM   832  N N   . ALA A 1 129 ? 3.14336   -15.61436 -2.68255  1.000 40.96014  ? 777  ALA A N   1 
ATOM   833  C CA  . ALA A 1 129 ? 3.94995   -15.13506 -1.57018  1.000 50.09371  ? 777  ALA A CA  1 
ATOM   834  C C   . ALA A 1 129 ? 3.84047   -13.62136 -1.44321  1.000 43.12572  ? 777  ALA A C   1 
ATOM   835  O O   . ALA A 1 129 ? 3.81242   -13.08905 -0.33588  1.000 41.97249  ? 777  ALA A O   1 
ATOM   836  C CB  . ALA A 1 129 ? 5.40763   -15.57588 -1.74666  1.000 42.24356  ? 777  ALA A CB  1 
ATOM   837  N N   . TYR A 1 130 ? 3.75296   -12.91273 -2.56895  1.000 40.90039  ? 778  TYR A N   1 
ATOM   838  C CA  . TYR A 1 130 ? 3.59487   -11.46958 -2.50224  1.000 42.77850  ? 778  TYR A CA  1 
ATOM   839  C C   . TYR A 1 130 ? 2.24651   -11.08075 -1.90704  1.000 37.46859  ? 778  TYR A C   1 
ATOM   840  O O   . TYR A 1 130 ? 2.15188   -10.05275 -1.22388  1.000 38.32217  ? 778  TYR A O   1 
ATOM   841  C CB  . TYR A 1 130 ? 3.76170   -10.87299 -3.89280  1.000 43.96869  ? 778  TYR A CB  1 
ATOM   842  C CG  . TYR A 1 130 ? 5.18889   -10.79491 -4.35871  1.000 45.02523  ? 778  TYR A CG  1 
ATOM   843  C CD1 . TYR A 1 130 ? 6.21759   -10.50482 -3.46985  1.000 43.73808  ? 778  TYR A CD1 1 
ATOM   844  C CD2 . TYR A 1 130 ? 5.51082   -10.99745 -5.69362  1.000 48.23931  ? 778  TYR A CD2 1 
ATOM   845  C CE1 . TYR A 1 130 ? 7.52368   -10.42721 -3.89833  1.000 47.39621  ? 778  TYR A CE1 1 
ATOM   846  C CE2 . TYR A 1 130 ? 6.82050   -10.92173 -6.13604  1.000 45.49455  ? 778  TYR A CE2 1 
ATOM   847  C CZ  . TYR A 1 130 ? 7.81992   -10.64697 -5.22839  1.000 49.89702  ? 778  TYR A CZ  1 
ATOM   848  O OH  . TYR A 1 130 ? 9.11557   -10.55923 -5.66429  1.000 48.82759  ? 778  TYR A OH  1 
ATOM   849  N N   . LEU A 1 131 ? 1.20398   -11.88689 -2.16368  1.000 35.98894  ? 779  LEU A N   1 
ATOM   850  C CA  . LEU A 1 131 ? -0.12182  -11.65475 -1.59593  1.000 38.45607  ? 779  LEU A CA  1 
ATOM   851  C C   . LEU A 1 131 ? -0.10856  -11.79016 -0.07994  1.000 43.03530  ? 779  LEU A C   1 
ATOM   852  O O   . LEU A 1 131 ? -0.82491  -11.06344 0.61919   1.000 38.85957  ? 779  LEU A O   1 
ATOM   853  C CB  . LEU A 1 131 ? -1.12825  -12.64234 -2.20147  1.000 42.03442  ? 779  LEU A CB  1 
ATOM   854  C CG  . LEU A 1 131 ? -1.31343  -12.53682 -3.72662  1.000 48.76430  ? 779  LEU A CG  1 
ATOM   855  C CD1 . LEU A 1 131 ? -2.35629  -13.52434 -4.24220  1.000 45.41477  ? 779  LEU A CD1 1 
ATOM   856  C CD2 . LEU A 1 131 ? -1.70600  -11.11127 -4.09111  1.000 41.35168  ? 779  LEU A CD2 1 
ATOM   857  N N   . GLN A 1 132 ? 0.66453   -12.75163 0.44484   1.000 40.85973  ? 780  GLN A N   1 
ATOM   858  C CA  . GLN A 1 132 ? 0.82215   -12.86759 1.89386   1.000 42.93836  ? 780  GLN A CA  1 
ATOM   859  C C   . GLN A 1 132 ? 1.55832   -11.66293 2.45675   1.000 33.86354  ? 780  GLN A C   1 
ATOM   860  O O   . GLN A 1 132 ? 1.25324   -11.21592 3.56715   1.000 38.56409  ? 780  GLN A O   1 
ATOM   861  C CB  . GLN A 1 132 ? 1.54678   -14.16983 2.25248   1.000 40.59033  ? 780  GLN A CB  1 
ATOM   862  C CG  . GLN A 1 132 ? 0.78950   -15.41522 1.80326   1.000 38.21397  ? 780  GLN A CG  1 
ATOM   863  C CD  . GLN A 1 132 ? 1.52609   -16.71781 2.12103   1.000 52.55985  ? 780  GLN A CD  1 
ATOM   864  O OE1 . GLN A 1 132 ? 2.74457   -16.80458 1.99327   1.000 46.89318  ? 780  GLN A OE1 1 
ATOM   865  N NE2 . GLN A 1 132 ? 0.77403   -17.74203 2.50886   1.000 51.15970  ? 780  GLN A NE2 1 
ATOM   866  N N   . ARG A 1 133 ? 2.49577   -11.10508 1.68845   1.000 35.12679  ? 781  ARG A N   1 
ATOM   867  C CA  . ARG A 1 133 ? 3.13102   -9.85263  2.08229   1.000 38.80049  ? 781  ARG A CA  1 
ATOM   868  C C   . ARG A 1 133 ? 2.12025   -8.70530  2.12647   1.000 39.93903  ? 781  ARG A C   1 
ATOM   869  O O   . ARG A 1 133 ? 2.12621   -7.89159  3.05887   1.000 38.81479  ? 781  ARG A O   1 
ATOM   870  C CB  . ARG A 1 133 ? 4.26573   -9.53573  1.11553   1.000 37.84511  ? 781  ARG A CB  1 
ATOM   871  C CG  . ARG A 1 133 ? 5.56800   -9.20957  1.77095   1.000 52.30181  ? 781  ARG A CG  1 
ATOM   872  C CD  . ARG A 1 133 ? 6.56083   -8.74935  0.73984   1.000 49.65682  ? 781  ARG A CD  1 
ATOM   873  N NE  . ARG A 1 133 ? 7.40871   -9.83448  0.26892   1.000 46.71689  ? 781  ARG A NE  1 
ATOM   874  C CZ  . ARG A 1 133 ? 8.56231   -9.61776  -0.34421  1.000 42.27781  ? 781  ARG A CZ  1 
ATOM   875  N NH1 . ARG A 1 133 ? 8.94473   -8.36748  -0.55571  1.000 37.64498  ? 781  ARG A NH1 1 
ATOM   876  N NH2 . ARG A 1 133 ? 9.31987   -10.62716 -0.74476  1.000 45.51580  ? 781  ARG A NH2 1 
ATOM   877  N N   . ILE A 1 134 ? 1.22418   -8.63571  1.14103   1.000 40.99686  ? 782  ILE A N   1 
ATOM   878  C CA  . ILE A 1 134 ? 0.18498   -7.60443  1.16364   1.000 39.58430  ? 782  ILE A CA  1 
ATOM   879  C C   . ILE A 1 134 ? -0.68766  -7.74603  2.40876   1.000 35.09888  ? 782  ILE A C   1 
ATOM   880  O O   . ILE A 1 134 ? -0.97301  -6.76490  3.09697   1.000 35.14809  ? 782  ILE A O   1 
ATOM   881  C CB  . ILE A 1 134 ? -0.65415  -7.66733  -0.12629  1.000 40.94486  ? 782  ILE A CB  1 
ATOM   882  C CG1 . ILE A 1 134 ? 0.13556   -7.00634  -1.26789  1.000 40.00877  ? 782  ILE A CG1 1 
ATOM   883  C CG2 . ILE A 1 134 ? -2.01981  -7.01002  0.11129   1.000 38.26727  ? 782  ILE A CG2 1 
ATOM   884  C CD1 . ILE A 1 134 ? -0.61293  -6.85601  -2.54642  1.000 46.43602  ? 782  ILE A CD1 1 
ATOM   885  N N   . ALA A 1 135 ? -1.13973  -8.96840  2.71113   1.000 33.07803  ? 783  ALA A N   1 
ATOM   886  C CA  . ALA A 1 135 ? -1.94613  -9.17345  3.91422   1.000 41.57022  ? 783  ALA A CA  1 
ATOM   887  C C   . ALA A 1 135 ? -1.19606  -8.72577  5.17305   1.000 37.41012  ? 783  ALA A C   1 
ATOM   888  O O   . ALA A 1 135 ? -1.76116  -8.04625  6.04229   1.000 40.73788  ? 783  ALA A O   1 
ATOM   889  C CB  . ALA A 1 135 ? -2.36623  -10.64587 4.03789   1.000 39.28341  ? 783  ALA A CB  1 
ATOM   890  N N   . LEU A 1 136 ? 0.08088   -9.09133  5.29039   1.000 37.85579  ? 784  LEU A N   1 
ATOM   891  C CA  . LEU A 1 136 ? 0.83960   -8.68060  6.47568   1.000 36.94093  ? 784  LEU A CA  1 
ATOM   892  C C   . LEU A 1 136 ? 0.96630   -7.16339  6.55068   1.000 35.41466  ? 784  LEU A C   1 
ATOM   893  O O   . LEU A 1 136 ? 0.77191   -6.56605  7.61766   1.000 39.45896  ? 784  LEU A O   1 
ATOM   894  C CB  . LEU A 1 136 ? 2.23144   -9.33110  6.47504   1.000 36.88566  ? 784  LEU A CB  1 
ATOM   895  C CG  . LEU A 1 136 ? 3.20998   -8.82498  7.54755   1.000 37.41994  ? 784  LEU A CG  1 
ATOM   896  C CD1 . LEU A 1 136 ? 2.63609   -9.03382  8.96304   1.000 37.80656  ? 784  LEU A CD1 1 
ATOM   897  C CD2 . LEU A 1 136 ? 4.58798   -9.47921  7.41317   1.000 41.65644  ? 784  LEU A CD2 1 
ATOM   898  N N   . TYR A 1 137 ? 1.27167   -6.51272  5.42352   1.000 34.73287  ? 785  TYR A N   1 
ATOM   899  C CA  . TYR A 1 137 ? 1.47885   -5.06931  5.46184   1.000 36.14285  ? 785  TYR A CA  1 
ATOM   900  C C   . TYR A 1 137 ? 0.18058   -4.27490  5.59301   1.000 38.08801  ? 785  TYR A C   1 
ATOM   901  O O   . TYR A 1 137 ? 0.21197   -3.16016  6.12169   1.000 37.77310  ? 785  TYR A O   1 
ATOM   902  C CB  . TYR A 1 137 ? 2.26445   -4.62759  4.23008   1.000 35.41347  ? 785  TYR A CB  1 
ATOM   903  C CG  . TYR A 1 137 ? 3.71196   -5.11167  4.26025   1.000 42.13622  ? 785  TYR A CG  1 
ATOM   904  C CD1 . TYR A 1 137 ? 4.32217   -5.50652  5.46367   1.000 42.28725  ? 785  TYR A CD1 1 
ATOM   905  C CD2 . TYR A 1 137 ? 4.47133   -5.16253  3.09821   1.000 40.09640  ? 785  TYR A CD2 1 
ATOM   906  C CE1 . TYR A 1 137 ? 5.67455   -5.96007  5.49145   1.000 42.12262  ? 785  TYR A CE1 1 
ATOM   907  C CE2 . TYR A 1 137 ? 5.80523   -5.60023  3.11617   1.000 38.49033  ? 785  TYR A CE2 1 
ATOM   908  C CZ  . TYR A 1 137 ? 6.39620   -5.99421  4.30518   1.000 45.84662  ? 785  TYR A CZ  1 
ATOM   909  O OH  . TYR A 1 137 ? 7.70853   -6.42106  4.27543   1.000 49.78049  ? 785  TYR A OH  1 
ATOM   910  N N   . CYS A 1 138 ? -0.95809  -4.79816  5.12023   1.000 34.96227  ? 786  CYS A N   1 
ATOM   911  C CA  . CYS A 1 138 ? -2.23796  -4.17108  5.46465   1.000 40.56461  ? 786  CYS A CA  1 
ATOM   912  C C   . CYS A 1 138 ? -2.49525  -4.24411  6.97026   1.000 41.54068  ? 786  CYS A C   1 
ATOM   913  O O   . CYS A 1 138 ? -2.95062  -3.26796  7.58865   1.000 39.42833  ? 786  CYS A O   1 
ATOM   914  C CB  . CYS A 1 138 ? -3.38635  -4.84272  4.69053   1.000 33.48820  ? 786  CYS A CB  1 
ATOM   915  S SG  . CYS A 1 138 ? -3.42775  -4.35234  2.92999   1.000 40.45100  ? 786  CYS A SG  1 
ATOM   916  N N   . HIS A 1 139 ? -2.21449  -5.39781  7.57842   1.000 39.49135  ? 787  HIS A N   1 
ATOM   917  C CA  . HIS A 1 139 ? -2.37969  -5.52635  9.02730   1.000 42.59610  ? 787  HIS A CA  1 
ATOM   918  C C   . HIS A 1 139 ? -1.45260  -4.56875  9.78550   1.000 41.55250  ? 787  HIS A C   1 
ATOM   919  O O   . HIS A 1 139 ? -1.87455  -3.89743  10.73778  1.000 39.82229  ? 787  HIS A O   1 
ATOM   920  C CB  . HIS A 1 139 ? -2.13511  -6.98183  9.44067   1.000 45.90010  ? 787  HIS A CB  1 
ATOM   921  C CG  . HIS A 1 139 ? -2.02303  -7.18619  10.92140  1.000 51.43713  ? 787  HIS A CG  1 
ATOM   922  N ND1 . HIS A 1 139 ? -3.07872  -6.97839  11.78445  1.000 54.48931  ? 787  HIS A ND1 1 
ATOM   923  C CD2 . HIS A 1 139 ? -0.97409  -7.57015  11.69219  1.000 51.27674  ? 787  HIS A CD2 1 
ATOM   924  C CE1 . HIS A 1 139 ? -2.68705  -7.23009  13.02314  1.000 54.57449  ? 787  HIS A CE1 1 
ATOM   925  N NE2 . HIS A 1 139 ? -1.41562  -7.59116  12.99429  1.000 52.20682  ? 787  HIS A NE2 1 
ATOM   926  N N   . GLN A 1 140 ? -0.19097  -4.47343  9.36816   1.000 38.44650  ? 788  GLN A N   1 
ATOM   927  C CA  . GLN A 1 140 ? 0.73672   -3.57130  10.05087  1.000 43.17592  ? 788  GLN A CA  1 
ATOM   928  C C   . GLN A 1 140 ? 0.34564   -2.11567  9.85102   1.000 43.50670  ? 788  GLN A C   1 
ATOM   929  O O   . GLN A 1 140 ? 0.55038   -1.29261  10.74916  1.000 42.02050  ? 788  GLN A O   1 
ATOM   930  C CB  . GLN A 1 140 ? 2.17187   -3.82537  9.56799   1.000 37.13227  ? 788  GLN A CB  1 
ATOM   931  C CG  . GLN A 1 140 ? 2.62560   -5.23744  9.92913   1.000 37.44710  ? 788  GLN A CG  1 
ATOM   932  C CD  . GLN A 1 140 ? 4.09210   -5.53819  9.61660   1.000 44.47975  ? 788  GLN A CD  1 
ATOM   933  O OE1 . GLN A 1 140 ? 4.71994   -4.89664  8.77200   1.000 42.37565  ? 788  GLN A OE1 1 
ATOM   934  N NE2 . GLN A 1 140 ? 4.63876   -6.53800  10.30734  1.000 40.49997  ? 788  GLN A NE2 1 
ATOM   935  N N   . LEU A 1 141 ? -0.21570  -1.78005  8.68692   1.000 36.63018  ? 789  LEU A N   1 
ATOM   936  C CA  . LEU A 1 141 ? -0.69045  -0.41870  8.46177   1.000 37.60096  ? 789  LEU A CA  1 
ATOM   937  C C   . LEU A 1 141 ? -1.89422  -0.10692  9.34772   1.000 38.67046  ? 789  LEU A C   1 
ATOM   938  O O   . LEU A 1 141 ? -2.00630  1.00587   9.87833   1.000 37.33397  ? 789  LEU A O   1 
ATOM   939  C CB  . LEU A 1 141 ? -1.03895  -0.21840  6.98594   1.000 36.10698  ? 789  LEU A CB  1 
ATOM   940  C CG  . LEU A 1 141 ? -1.39248  1.22717   6.58466   1.000 42.81819  ? 789  LEU A CG  1 
ATOM   941  C CD1 . LEU A 1 141 ? -0.22098  2.17716   6.75710   1.000 39.10411  ? 789  LEU A CD1 1 
ATOM   942  C CD2 . LEU A 1 141 ? -1.90257  1.26184   5.16477   1.000 36.99793  ? 789  LEU A CD2 1 
ATOM   943  N N   . ASN A 1 142 ? -2.78645  -1.09001  9.54035   1.000 37.33301  ? 790  ASN A N   1 
ATOM   944  C CA  . ASN A 1 142 ? -3.87978  -0.93339  10.49782  1.000 43.46031  ? 790  ASN A CA  1 
ATOM   945  C C   . ASN A 1 142 ? -3.34793  -0.59164  11.88504  1.000 45.57051  ? 790  ASN A C   1 
ATOM   946  O O   . ASN A 1 142 ? -3.85775  0.31701   12.54495  1.000 42.66543  ? 790  ASN A O   1 
ATOM   947  C CB  . ASN A 1 142 ? -4.71632  -2.21432  10.56285  1.000 41.26103  ? 790  ASN A CB  1 
ATOM   948  C CG  . ASN A 1 142 ? -5.68530  -2.35581  9.39343   1.000 48.20435  ? 790  ASN A CG  1 
ATOM   949  O OD1 . ASN A 1 142 ? -6.08333  -1.37983  8.78061   1.000 47.81040  ? 790  ASN A OD1 1 
ATOM   950  N ND2 . ASN A 1 142 ? -6.06860  -3.58617  9.09375   1.000 46.07057  ? 790  ASN A ND2 1 
ATOM   951  N N   . ILE A 1 143 ? -2.31345  -1.30564  12.33240  1.000 39.83078  ? 791  ILE A N   1 
ATOM   952  C CA  . ILE A 1 143 ? -1.70980  -1.04340  13.64180  1.000 44.84006  ? 791  ILE A CA  1 
ATOM   953  C C   . ILE A 1 143 ? -1.15019  0.37162   13.70226  1.000 48.13888  ? 791  ILE A C   1 
ATOM   954  O O   . ILE A 1 143 ? -1.39551  1.11643   14.65601  1.000 49.25141  ? 791  ILE A O   1 
ATOM   955  C CB  . ILE A 1 143 ? -0.61498  -2.08123  13.94381  1.000 43.73866  ? 791  ILE A CB  1 
ATOM   956  C CG1 . ILE A 1 143 ? -1.24262  -3.45958  14.18551  1.000 46.88582  ? 791  ILE A CG1 1 
ATOM   957  C CG2 . ILE A 1 143 ? 0.24397   -1.62728  15.14214  1.000 45.88436  ? 791  ILE A CG2 1 
ATOM   958  C CD1 . ILE A 1 143 ? -0.19557  -4.56781  14.31705  1.000 51.16000  ? 791  ILE A CD1 1 
ATOM   959  N N   . CYS A 1 144 ? -0.38477  0.76442   12.68523  1.000 42.99046  ? 792  CYS A N   1 
ATOM   960  C CA  . CYS A 1 144 ? 0.25217   2.07887   12.71687  1.000 41.24755  ? 792  CYS A CA  1 
ATOM   961  C C   . CYS A 1 144 ? -0.72524  3.22787   12.49212  1.000 43.72378  ? 792  CYS A C   1 
ATOM   962  O O   . CYS A 1 144 ? -0.38187  4.37790   12.78885  1.000 44.08831  ? 792  CYS A O   1 
ATOM   963  C CB  . CYS A 1 144 ? 1.37093   2.13471   11.67532  1.000 40.31593  ? 792  CYS A CB  1 
ATOM   964  S SG  . CYS A 1 144 ? 2.71404   0.92391   12.00457  1.000 47.76466  ? 792  CYS A SG  1 
ATOM   965  N N   . SER A 1 145 ? -1.92826  2.96145   11.97819  1.000 38.46252  ? 793  SER A N   1 
ATOM   966  C CA  . SER A 1 145 ? -2.82283  4.07817   11.68488  1.000 46.34918  ? 793  SER A CA  1 
ATOM   967  C C   . SER A 1 145 ? -3.36167  4.74790   12.94449  1.000 43.08407  ? 793  SER A C   1 
ATOM   968  O O   . SER A 1 145 ? -3.86181  5.87644   12.85623  1.000 46.42149  ? 793  SER A O   1 
ATOM   969  C CB  . SER A 1 145 ? -3.97512  3.60758   10.78923  1.000 41.69856  ? 793  SER A CB  1 
ATOM   970  O OG  . SER A 1 145 ? -4.71577  2.60513   11.45998  1.000 46.68277  ? 793  SER A OG  1 
ATOM   971  N N   . LYS A 1 146 ? -3.23316  4.11027   14.11261  1.000 44.12589  ? 794  LYS A N   1 
ATOM   972  C CA  . LYS A 1 146 ? -3.63058  4.73077   15.37481  1.000 44.39642  ? 794  LYS A CA  1 
ATOM   973  C C   . LYS A 1 146 ? -2.76353  5.93183   15.74465  1.000 48.59999  ? 794  LYS A C   1 
ATOM   974  O O   . LYS A 1 146 ? -3.17319  6.71261   16.60730  1.000 46.43442  ? 794  LYS A O   1 
ATOM   975  C CB  . LYS A 1 146 ? -3.56573  3.72572   16.53384  1.000 48.95122  ? 794  LYS A CB  1 
ATOM   976  C CG  . LYS A 1 146 ? -3.96595  2.29685   16.22433  1.000 56.47082  ? 794  LYS A CG  1 
ATOM   977  C CD  . LYS A 1 146 ? -5.43607  2.17244   15.90818  1.000 62.78803  ? 794  LYS A CD  1 
ATOM   978  C CE  . LYS A 1 146 ? -5.86246  0.70066   15.76627  1.000 71.75505  ? 794  LYS A CE  1 
ATOM   979  N NZ  . LYS A 1 146 ? -6.49054  0.38964   14.42189  1.000 67.02373  ? 794  LYS A NZ  1 
ATOM   980  N N   . VAL A 1 147 ? -1.58398  6.08867   15.11732  1.000 45.48044  ? 795  VAL A N   1 
ATOM   981  C CA  . VAL A 1 147 ? -0.61663  7.16960   15.35479  1.000 41.49184  ? 795  VAL A CA  1 
ATOM   982  C C   . VAL A 1 147 ? -0.66920  7.65640   16.80077  1.000 49.25299  ? 795  VAL A C   1 
ATOM   983  O O   . VAL A 1 147 ? -0.96366  8.82958   17.06400  1.000 44.93249  ? 795  VAL A O   1 
ATOM   984  C CB  . VAL A 1 147 ? -0.82425  8.35029   14.37640  1.000 47.28026  ? 795  VAL A CB  1 
ATOM   985  C CG1 . VAL A 1 147 ? -0.19641  8.04624   13.02147  1.000 48.60604  ? 795  VAL A CG1 1 
ATOM   986  C CG2 . VAL A 1 147 ? -2.28469  8.66937   14.18336  1.000 47.26825  ? 795  VAL A CG2 1 
ATOM   987  N N   . LYS A 1 148 ? -0.38298  6.76403   17.74534  1.000 45.54470  ? 796  LYS A N   1 
ATOM   988  C CA  . LYS A 1 148 ? -0.68479  7.03592   19.14530  1.000 55.34043  ? 796  LYS A CA  1 
ATOM   989  C C   . LYS A 1 148 ? 0.27733   8.03350   19.76661  1.000 56.68809  ? 796  LYS A C   1 
ATOM   990  O O   . LYS A 1 148 ? 1.49884   7.95802   19.57640  1.000 49.73755  ? 796  LYS A O   1 
ATOM   991  C CB  . LYS A 1 148 ? -0.68135  5.75085   19.97126  1.000 47.11720  ? 796  LYS A CB  1 
ATOM   992  C CG  . LYS A 1 148 ? -1.56046  4.68331   19.35382  1.000 61.27394  ? 796  LYS A CG  1 
ATOM   993  C CD  . LYS A 1 148 ? -1.41978  3.32546   20.01484  1.000 65.43986  ? 796  LYS A CD  1 
ATOM   994  C CE  . LYS A 1 148 ? -2.75914  2.87755   20.56745  1.000 69.80227  ? 796  LYS A CE  1 
ATOM   995  N NZ  . LYS A 1 148 ? -2.75291  1.43130   20.92214  1.000 74.73789  ? 796  LYS A NZ  1 
ATOM   996  N N   . ALA A 1 149 ? -0.30267  8.97909   20.50828  1.000 49.29957  ? 797  ALA A N   1 
ATOM   997  C CA  . ALA A 1 149 ? 0.41270   9.83755   21.43553  1.000 49.84734  ? 797  ALA A CA  1 
ATOM   998  C C   . ALA A 1 149 ? -0.14248  9.58931   22.83286  1.000 52.08485  ? 797  ALA A C   1 
ATOM   999  O O   . ALA A 1 149 ? -1.25955  9.09261   22.99161  1.000 50.59485  ? 797  ALA A O   1 
ATOM   1000 C CB  . ALA A 1 149 ? 0.27677   11.31681  21.03761  1.000 49.71773  ? 797  ALA A CB  1 
ATOM   1001 N N   . GLU A 1 150 ? 0.64143   9.93834   23.85045  1.000 52.29516  ? 798  GLU A N   1 
ATOM   1002 C CA  . GLU A 1 150 ? 0.23887   9.70964   25.23410  1.000 48.80828  ? 798  GLU A CA  1 
ATOM   1003 C C   . GLU A 1 150 ? 1.14087   10.52579  26.14547  1.000 59.33746  ? 798  GLU A C   1 
ATOM   1004 O O   . GLU A 1 150 ? 2.25608   10.89546  25.76795  1.000 57.35072  ? 798  GLU A O   1 
ATOM   1005 C CB  . GLU A 1 150 ? 0.31488   8.22747   25.60787  1.000 54.66715  ? 798  GLU A CB  1 
ATOM   1006 C CG  . GLU A 1 150 ? 1.74060   7.67780   25.65602  1.000 59.15525  ? 798  GLU A CG  1 
ATOM   1007 C CD  . GLU A 1 150 ? 1.82143   6.34375   26.39735  1.000 82.32781  ? 798  GLU A CD  1 
ATOM   1008 O OE1 . GLU A 1 150 ? 2.95192   5.90004   26.72845  1.000 84.89764  ? 798  GLU A OE1 1 
ATOM   1009 O OE2 . GLU A 1 150 ? 0.74865   5.73860   26.65159  1.000 83.86826  ? 798  GLU A OE2 1 
ATOM   1010 N N   . VAL A 1 151 ? 0.64814   10.80676  27.35907  1.000 54.88703  ? 799  VAL A N   1 
ATOM   1011 C CA  . VAL A 1 151 ? 1.47394   11.46044  28.36939  1.000 50.65082  ? 799  VAL A CA  1 
ATOM   1012 C C   . VAL A 1 151 ? 1.94497   10.39629  29.33323  1.000 48.26418  ? 799  VAL A C   1 
ATOM   1013 O O   . VAL A 1 151 ? 1.27373   9.37719   29.53893  1.000 46.16096  ? 799  VAL A O   1 
ATOM   1014 C CB  . VAL A 1 151 ? 0.75713   12.61001  29.12244  1.000 51.60150  ? 799  VAL A CB  1 
ATOM   1015 C CG1 . VAL A 1 151 ? 0.53351   13.78760  28.19070  1.000 48.24406  ? 799  VAL A CG1 1 
ATOM   1016 C CG2 . VAL A 1 151 ? -0.55106  12.14495  29.75098  1.000 41.19173  ? 799  VAL A CG2 1 
ATOM   1017 N N   . GLN A 1 152 ? 3.11722   10.63162  29.92952  1.000 48.79467  ? 800  GLN A N   1 
ATOM   1018 C CA  . GLN A 1 152 ? 3.63946   9.73077   30.94072  1.000 47.24705  ? 800  GLN A CA  1 
ATOM   1019 C C   . GLN A 1 152 ? 4.49049   10.51623  31.93379  1.000 47.54199  ? 800  GLN A C   1 
ATOM   1020 O O   . GLN A 1 152 ? 4.97901   11.61019  31.64806  1.000 50.51109  ? 800  GLN A O   1 
ATOM   1021 C CB  . GLN A 1 152 ? 4.44577   8.57471   30.30536  1.000 56.14859  ? 800  GLN A CB  1 
ATOM   1022 C CG  . GLN A 1 152 ? 5.77899   8.98339   29.69030  1.000 50.27224  ? 800  GLN A CG  1 
ATOM   1023 C CD  . GLN A 1 152 ? 6.60014   7.78338   29.16274  1.000 60.31152  ? 800  GLN A CD  1 
ATOM   1024 O OE1 . GLN A 1 152 ? 6.82912   7.65678   27.96121  1.000 54.88483  ? 800  GLN A OE1 1 
ATOM   1025 N NE2 . GLN A 1 152 ? 7.04547   6.91759   30.06742  1.000 49.86671  ? 800  GLN A NE2 1 
ATOM   1026 N N   . ASN A 1 153 ? 4.63504   9.94017   33.11799  1.000 44.87545  ? 801  ASN A N   1 
ATOM   1027 C CA  . ASN A 1 153 ? 5.42983   10.50392  34.20360  1.000 49.94098  ? 801  ASN A CA  1 
ATOM   1028 C C   . ASN A 1 153 ? 6.82984   9.88915   34.10123  1.000 46.19692  ? 801  ASN A C   1 
ATOM   1029 O O   . ASN A 1 153 ? 7.04567   8.73961   34.48818  1.000 48.03029  ? 801  ASN A O   1 
ATOM   1030 C CB  . ASN A 1 153 ? 4.73843   10.20895  35.53472  1.000 50.75770  ? 801  ASN A CB  1 
ATOM   1031 C CG  . ASN A 1 153 ? 5.63329   10.42826  36.73804  1.000 57.85449  ? 801  ASN A CG  1 
ATOM   1032 O OD1 . ASN A 1 153 ? 6.59772   11.18530  36.67929  1.000 53.19595  ? 801  ASN A OD1 1 
ATOM   1033 N ND2 . ASN A 1 153 ? 5.30732   9.76177   37.84631  1.000 50.84708  ? 801  ASN A ND2 1 
ATOM   1034 N N   . LEU A 1 154 ? 7.77640   10.64514  33.54286  1.000 53.99865  ? 802  LEU A N   1 
ATOM   1035 C CA  . LEU A 1 154 ? 9.12258   10.14531  33.26593  1.000 58.64228  ? 802  LEU A CA  1 
ATOM   1036 C C   . LEU A 1 154 ? 10.14607  11.22932  33.57023  1.000 57.53770  ? 802  LEU A C   1 
ATOM   1037 O O   . LEU A 1 154 ? 9.96277   12.38228  33.16857  1.000 55.32739  ? 802  LEU A O   1 
ATOM   1038 C CB  . LEU A 1 154 ? 9.26100   9.70414   31.79893  1.000 55.21041  ? 802  LEU A CB  1 
ATOM   1039 C CG  . LEU A 1 154 ? 10.54506  8.96651   31.38352  1.000 58.84636  ? 802  LEU A CG  1 
ATOM   1040 C CD1 . LEU A 1 154 ? 10.62679  7.60075   32.05230  1.000 50.78584  ? 802  LEU A CD1 1 
ATOM   1041 C CD2 . LEU A 1 154 ? 10.61620  8.81626   29.87673  1.000 48.46993  ? 802  LEU A CD2 1 
ATOM   1042 N N   . GLY A 1 155 ? 11.22484  10.85615  34.25809  1.000 54.92011  ? 803  GLY A N   1 
ATOM   1043 C CA  . GLY A 1 155 ? 12.30135  11.79879  34.50728  1.000 58.05979  ? 803  GLY A CA  1 
ATOM   1044 C C   . GLY A 1 155 ? 11.87337  12.98604  35.33589  1.000 60.70006  ? 803  GLY A C   1 
ATOM   1045 O O   . GLY A 1 155 ? 12.36439  14.09894  35.11839  1.000 57.89832  ? 803  GLY A O   1 
ATOM   1046 N N   . GLY A 1 156 ? 10.93405  12.78196  36.25737  1.000 63.17734  ? 804  GLY A N   1 
ATOM   1047 C CA  . GLY A 1 156 ? 10.43742  13.85022  37.09782  1.000 58.35552  ? 804  GLY A CA  1 
ATOM   1048 C C   . GLY A 1 156 ? 9.59308   14.88362  36.39768  1.000 61.65984  ? 804  GLY A C   1 
ATOM   1049 O O   . GLY A 1 156 ? 9.43740   15.98824  36.92347  1.000 58.55183  ? 804  GLY A O   1 
ATOM   1050 N N   . GLU A 1 157 ? 9.06440   14.57295  35.20956  1.000 61.53081  ? 805  GLU A N   1 
ATOM   1051 C CA  . GLU A 1 157 ? 8.20396   15.49275  34.47173  1.000 58.77006  ? 805  GLU A CA  1 
ATOM   1052 C C   . GLU A 1 157 ? 7.07007   14.72362  33.80414  1.000 55.00334  ? 805  GLU A C   1 
ATOM   1053 O O   . GLU A 1 157 ? 7.18582   13.52703  33.52088  1.000 47.99927  ? 805  GLU A O   1 
ATOM   1054 C CB  . GLU A 1 157 ? 8.97492   16.28768  33.39466  1.000 62.05095  ? 805  GLU A CB  1 
ATOM   1055 C CG  . GLU A 1 157 ? 10.32318  16.82538  33.85169  1.000 76.82052  ? 805  GLU A CG  1 
ATOM   1056 C CD  . GLU A 1 157 ? 10.23944  18.25042  34.38062  1.000 89.29134  ? 805  GLU A CD  1 
ATOM   1057 O OE1 . GLU A 1 157 ? 9.12384   18.69128  34.74368  1.000 85.44375  ? 805  GLU A OE1 1 
ATOM   1058 O OE2 . GLU A 1 157 ? 11.29504  18.91991  34.45519  1.000 93.25560  ? 805  GLU A OE2 1 
ATOM   1059 N N   . LEU A 1 158 ? 5.96342   15.42284  33.57010  1.000 50.92571  ? 806  LEU A N   1 
ATOM   1060 C CA  . LEU A 1 158 ? 4.92726   14.92597  32.67414  1.000 53.29266  ? 806  LEU A CA  1 
ATOM   1061 C C   . LEU A 1 158 ? 5.36432   15.23260  31.24699  1.000 54.50050  ? 806  LEU A C   1 
ATOM   1062 O O   . LEU A 1 158 ? 5.49768   16.40075  30.87085  1.000 56.06687  ? 806  LEU A O   1 
ATOM   1063 C CB  . LEU A 1 158 ? 3.57848   15.56859  32.99065  1.000 48.45613  ? 806  LEU A CB  1 
ATOM   1064 C CG  . LEU A 1 158 ? 2.37472   14.93338  32.26900  1.000 45.67203  ? 806  LEU A CG  1 
ATOM   1065 C CD1 . LEU A 1 158 ? 2.19416   13.48894  32.71857  1.000 47.75877  ? 806  LEU A CD1 1 
ATOM   1066 C CD2 . LEU A 1 158 ? 1.08613   15.72641  32.49765  1.000 48.99746  ? 806  LEU A CD2 1 
ATOM   1067 N N   . ILE A 1 159 ? 5.60664   14.19893  30.44716  1.000 56.96193  ? 807  ILE A N   1 
ATOM   1068 C CA  . ILE A 1 159 ? 6.05885   14.40661  29.07551  1.000 59.34927  ? 807  ILE A CA  1 
ATOM   1069 C C   . ILE A 1 159 ? 5.05496   13.79749  28.09957  1.000 56.85122  ? 807  ILE A C   1 
ATOM   1070 O O   . ILE A 1 159 ? 4.25677   12.92057  28.44527  1.000 52.40620  ? 807  ILE A O   1 
ATOM   1071 C CB  . ILE A 1 159 ? 7.46193   13.81817  28.84392  1.000 57.54765  ? 807  ILE A CB  1 
ATOM   1072 C CG1 . ILE A 1 159 ? 7.41627   12.30037  28.98568  1.000 50.47037  ? 807  ILE A CG1 1 
ATOM   1073 C CG2 . ILE A 1 159 ? 8.46876   14.42317  29.84161  1.000 54.38121  ? 807  ILE A CG2 1 
ATOM   1074 C CD1 . ILE A 1 159 ? 8.66235   11.61222  28.50438  1.000 55.46637  ? 807  ILE A CD1 1 
ATOM   1075 N N   . VAL A 1 160 ? 5.12383   14.25955  26.85622  1.000 51.09635  ? 808  VAL A N   1 
ATOM   1076 C CA  . VAL A 1 160 ? 4.32712   13.71519  25.76259  1.000 51.89293  ? 808  VAL A CA  1 
ATOM   1077 C C   . VAL A 1 160 ? 5.20701   12.76394  24.95778  1.000 59.18195  ? 808  VAL A C   1 
ATOM   1078 O O   . VAL A 1 160 ? 6.22283   13.18904  24.39088  1.000 58.11124  ? 808  VAL A O   1 
ATOM   1079 C CB  . VAL A 1 160 ? 3.78308   14.83825  24.87239  1.000 56.54852  ? 808  VAL A CB  1 
ATOM   1080 C CG1 . VAL A 1 160 ? 2.87740   14.27430  23.77161  1.000 54.79904  ? 808  VAL A CG1 1 
ATOM   1081 C CG2 . VAL A 1 160 ? 3.08633   15.83514  25.72097  1.000 63.53552  ? 808  VAL A CG2 1 
ATOM   1082 N N   . SER A 1 161 ? 4.81602   11.48662  24.89673  1.000 51.93802  ? 809  SER A N   1 
ATOM   1083 C CA  . SER A 1 161 ? 5.52738   10.43344  24.17172  1.000 56.05613  ? 809  SER A CA  1 
ATOM   1084 C C   . SER A 1 161 ? 4.78185   10.04599  22.89369  1.000 56.43598  ? 809  SER A C   1 
ATOM   1085 O O   . SER A 1 161 ? 3.64285   10.45151  22.66708  1.000 47.43218  ? 809  SER A O   1 
ATOM   1086 C CB  . SER A 1 161 ? 5.69676   9.19560   25.05524  1.000 50.02854  ? 809  SER A CB  1 
ATOM   1087 O OG  . SER A 1 161 ? 6.50837   9.48013   26.17583  1.000 72.21193  ? 809  SER A OG  1 
ATOM   1088 N N   . GLY A 1 162 ? 5.43045   9.22253   22.06277  1.000 55.92200  ? 810  GLY A N   1 
ATOM   1089 C CA  . GLY A 1 162 ? 4.80429   8.75481   20.83786  1.000 43.69072  ? 810  GLY A CA  1 
ATOM   1090 C C   . GLY A 1 162 ? 4.79243   9.75131   19.70908  1.000 49.82536  ? 810  GLY A C   1 
ATOM   1091 O O   . GLY A 1 162 ? 3.99432   9.61345   18.77201  1.000 50.55612  ? 810  GLY A O   1 
ATOM   1092 N N   . LEU A 1 163 ? 5.66141   10.75519  19.75327  1.000 49.29492  ? 811  LEU A N   1 
ATOM   1093 C CA  . LEU A 1 163 ? 5.62957   11.77399  18.71652  1.000 53.71987  ? 811  LEU A CA  1 
ATOM   1094 C C   . LEU A 1 163 ? 6.22091   11.27761  17.40633  1.000 58.16269  ? 811  LEU A C   1 
ATOM   1095 O O   . LEU A 1 163 ? 5.99221   11.90068  16.36461  1.000 55.08891  ? 811  LEU A O   1 
ATOM   1096 C CB  . LEU A 1 163 ? 6.36609   13.03456  19.18373  1.000 53.98415  ? 811  LEU A CB  1 
ATOM   1097 C CG  . LEU A 1 163 ? 5.67582   13.58858  20.44083  1.000 60.79920  ? 811  LEU A CG  1 
ATOM   1098 C CD1 . LEU A 1 163 ? 6.54277   14.57067  21.18739  1.000 61.81141  ? 811  LEU A CD1 1 
ATOM   1099 C CD2 . LEU A 1 163 ? 4.26586   14.11758  20.19679  1.000 49.92880  ? 811  LEU A CD2 1 
ATOM   1100 N N   . ASP A 1 164 ? 6.96709   10.17734  17.43764  1.000 47.94877  ? 812  ASP A N   1 
ATOM   1101 C CA  . ASP A 1 164 ? 7.49124   9.53969   16.23875  1.000 58.24930  ? 812  ASP A CA  1 
ATOM   1102 C C   . ASP A 1 164 ? 6.52108   8.52638   15.63850  1.000 54.80066  ? 812  ASP A C   1 
ATOM   1103 O O   . ASP A 1 164 ? 6.90509   7.79832   14.72394  1.000 47.83882  ? 812  ASP A O   1 
ATOM   1104 C CB  . ASP A 1 164 ? 8.83354   8.84562   16.54128  1.000 50.18573  ? 812  ASP A CB  1 
ATOM   1105 C CG  . ASP A 1 164 ? 8.82269   8.08388   17.87453  1.000 64.95464  ? 812  ASP A CG  1 
ATOM   1106 O OD1 . ASP A 1 164 ? 7.74983   7.98053   18.53390  1.000 62.80303  ? 812  ASP A OD1 1 
ATOM   1107 O OD2 . ASP A 1 164 ? 9.89845   7.58208   18.27115  1.000 65.86870  ? 812  ASP A OD2 1 
ATOM   1108 N N   . SER A 1 165 ? 5.28021   8.45090   16.13577  1.000 53.01686  ? 813  SER A N   1 
ATOM   1109 C CA  . SER A 1 165 ? 4.34311   7.46915   15.59788  1.000 43.19034  ? 813  SER A CA  1 
ATOM   1110 C C   . SER A 1 165 ? 4.02945   7.74087   14.13425  1.000 45.75843  ? 813  SER A C   1 
ATOM   1111 O O   . SER A 1 165 ? 3.79446   6.79789   13.37401  1.000 47.83169  ? 813  SER A O   1 
ATOM   1112 C CB  . SER A 1 165 ? 3.05859   7.44348   16.43246  1.000 49.51462  ? 813  SER A CB  1 
ATOM   1113 O OG  . SER A 1 165 ? 3.24464   6.71167   17.64433  1.000 50.48172  ? 813  SER A OG  1 
ATOM   1114 N N   . ALA A 1 166 ? 4.03534   9.01147   13.71568  1.000 40.70104  ? 814  ALA A N   1 
ATOM   1115 C CA  . ALA A 1 166 ? 3.79398   9.32927   12.31004  1.000 41.15349  ? 814  ALA A CA  1 
ATOM   1116 C C   . ALA A 1 166 ? 4.84024   8.68849   11.39552  1.000 46.15884  ? 814  ALA A C   1 
ATOM   1117 O O   . ALA A 1 166 ? 4.52789   8.27907   10.26785  1.000 47.79892  ? 814  ALA A O   1 
ATOM   1118 C CB  . ALA A 1 166 ? 3.77479   10.84580  12.11327  1.000 41.28072  ? 814  ALA A CB  1 
ATOM   1119 N N   . THR A 1 167 ? 6.08908   8.61227   11.85415  1.000 46.29629  ? 815  THR A N   1 
ATOM   1120 C CA  . THR A 1 167 ? 7.14424   7.99389   11.05392  1.000 49.14208  ? 815  THR A CA  1 
ATOM   1121 C C   . THR A 1 167 ? 6.89628   6.50205   10.86592  1.000 45.34738  ? 815  THR A C   1 
ATOM   1122 O O   . THR A 1 167 ? 7.15460   5.95254   9.78762   1.000 47.37673  ? 815  THR A O   1 
ATOM   1123 C CB  . THR A 1 167 ? 8.51392   8.22659   11.71375  1.000 55.21188  ? 815  THR A CB  1 
ATOM   1124 O OG1 . THR A 1 167 ? 8.87619   9.60506   11.60344  1.000 57.98405  ? 815  THR A OG1 1 
ATOM   1125 C CG2 . THR A 1 167 ? 9.60130   7.39339   11.03856  1.000 53.23777  ? 815  THR A CG2 1 
ATOM   1126 N N   . SER A 1 168 ? 6.41041   5.81655   11.90379  1.000 41.51191  ? 816  SER A N   1 
ATOM   1127 C CA  . SER A 1 168 ? 6.07177   4.41153   11.71449  1.000 44.58960  ? 816  SER A CA  1 
ATOM   1128 C C   . SER A 1 168 ? 4.93152   4.26088   10.71385  1.000 43.08809  ? 816  SER A C   1 
ATOM   1129 O O   . SER A 1 168 ? 4.91422   3.31362   9.91900   1.000 45.67474  ? 816  SER A O   1 
ATOM   1130 C CB  . SER A 1 168 ? 5.71304   3.76476   13.04875  1.000 40.78944  ? 816  SER A CB  1 
ATOM   1131 O OG  . SER A 1 168 ? 6.77882   3.92135   13.95813  1.000 52.32789  ? 816  SER A OG  1 
ATOM   1132 N N   . LEU A 1 169 ? 3.98297   5.19993   10.72063  1.000 44.59673  ? 817  LEU A N   1 
ATOM   1133 C CA  . LEU A 1 169 ? 2.88082   5.14218   9.76437   1.000 41.67517  ? 817  LEU A CA  1 
ATOM   1134 C C   . LEU A 1 169 ? 3.39939   5.25367   8.33221   1.000 37.57367  ? 817  LEU A C   1 
ATOM   1135 O O   . LEU A 1 169 ? 3.02155   4.46648   7.45870   1.000 40.64047  ? 817  LEU A O   1 
ATOM   1136 C CB  . LEU A 1 169 ? 1.86586   6.25109   10.07010  1.000 41.12139  ? 817  LEU A CB  1 
ATOM   1137 C CG  . LEU A 1 169 ? 0.77561   6.41530   9.00562   1.000 41.62410  ? 817  LEU A CG  1 
ATOM   1138 C CD1 . LEU A 1 169 ? 0.02644   5.10802   8.89167   1.000 46.06782  ? 817  LEU A CD1 1 
ATOM   1139 C CD2 . LEU A 1 169 ? -0.17967  7.54730   9.35007   1.000 41.48455  ? 817  LEU A CD2 1 
ATOM   1140 N N   . ILE A 1 170 ? 4.29845   6.20817   8.08088   1.000 43.84420  ? 818  ILE A N   1 
ATOM   1141 C CA  . ILE A 1 170 ? 4.79646   6.41776   6.72139   1.000 44.71126  ? 818  ILE A CA  1 
ATOM   1142 C C   . ILE A 1 170 ? 5.56609   5.19838   6.23775   1.000 41.55864  ? 818  ILE A C   1 
ATOM   1143 O O   . ILE A 1 170 ? 5.45214   4.80101   5.07359   1.000 43.83698  ? 818  ILE A O   1 
ATOM   1144 C CB  . ILE A 1 170 ? 5.67021   7.68294   6.64334   1.000 43.95619  ? 818  ILE A CB  1 
ATOM   1145 C CG1 . ILE A 1 170 ? 4.86222   8.91549   7.04033   1.000 46.73624  ? 818  ILE A CG1 1 
ATOM   1146 C CG2 . ILE A 1 170 ? 6.24156   7.85950   5.19945   1.000 39.67952  ? 818  ILE A CG2 1 
ATOM   1147 C CD1 . ILE A 1 170 ? 5.73474   10.04583  7.55160   1.000 55.53689  ? 818  ILE A CD1 1 
ATOM   1148 N N   . GLN A 1 171 ? 6.36223   4.58819   7.11982   1.000 44.66544  ? 819  GLN A N   1 
ATOM   1149 C CA  . GLN A 1 171 ? 7.15349   3.42792   6.72381   1.000 42.23393  ? 819  GLN A CA  1 
ATOM   1150 C C   . GLN A 1 171 ? 6.26343   2.22477   6.44776   1.000 46.30793  ? 819  GLN A C   1 
ATOM   1151 O O   . GLN A 1 171 ? 6.55233   1.42431   5.54919   1.000 44.01599  ? 819  GLN A O   1 
ATOM   1152 C CB  . GLN A 1 171 ? 8.18543   3.10224   7.81024   1.000 46.22011  ? 819  GLN A CB  1 
ATOM   1153 C CG  . GLN A 1 171 ? 9.20153   4.22432   7.99830   1.000 63.73572  ? 819  GLN A CG  1 
ATOM   1154 C CD  . GLN A 1 171 ? 10.31439  3.91006   9.00052   1.000 77.74557  ? 819  GLN A CD  1 
ATOM   1155 O OE1 . GLN A 1 171 ? 11.42720  4.43520   8.88830   1.000 85.76115  ? 819  GLN A OE1 1 
ATOM   1156 N NE2 . GLN A 1 171 ? 10.01864  3.05759   9.98008   1.000 74.76532  ? 819  GLN A NE2 1 
ATOM   1157 N N   . ALA A 1 172 ? 5.17336   2.08337   7.20893   1.000 45.85552  ? 820  ALA A N   1 
ATOM   1158 C CA  . ALA A 1 172 ? 4.22454   1.01245   6.93621   1.000 42.00742  ? 820  ALA A CA  1 
ATOM   1159 C C   . ALA A 1 172 ? 3.54728   1.22750   5.58915   1.000 38.82388  ? 820  ALA A C   1 
ATOM   1160 O O   . ALA A 1 172 ? 3.31780   0.27181   4.84217   1.000 42.46837  ? 820  ALA A O   1 
ATOM   1161 C CB  . ALA A 1 172 ? 3.19675   0.92108   8.06428   1.000 36.47515  ? 820  ALA A CB  1 
ATOM   1162 N N   . ALA A 1 173 ? 3.24841   2.47767   5.25061   1.000 37.82473  ? 821  ALA A N   1 
ATOM   1163 C CA  . ALA A 1 173 ? 2.71354   2.77401   3.92620   1.000 40.10195  ? 821  ALA A CA  1 
ATOM   1164 C C   . ALA A 1 173 ? 3.73311   2.44202   2.83792   1.000 37.49907  ? 821  ALA A C   1 
ATOM   1165 O O   . ALA A 1 173 ? 3.38276   1.86257   1.80209   1.000 38.70545  ? 821  ALA A O   1 
ATOM   1166 C CB  . ALA A 1 173 ? 2.30074   4.24818   3.85172   1.000 36.01382  ? 821  ALA A CB  1 
ATOM   1167 N N   . LYS A 1 174 ? 5.00276   2.79343   3.06468   1.000 42.79363  ? 822  LYS A N   1 
ATOM   1168 C CA  . LYS A 1 174 ? 6.05127   2.49424   2.09170   1.000 39.57904  ? 822  LYS A CA  1 
ATOM   1169 C C   . LYS A 1 174 ? 6.20066   0.98753   1.88480   1.000 36.24531  ? 822  LYS A C   1 
ATOM   1170 O O   . LYS A 1 174 ? 6.29104   0.52170   0.74617   1.000 41.16897  ? 822  LYS A O   1 
ATOM   1171 C CB  . LYS A 1 174 ? 7.37702   3.12765   2.53489   1.000 41.79667  ? 822  LYS A CB  1 
ATOM   1172 C CG  . LYS A 1 174 ? 8.57509   2.75189   1.65239   1.000 56.48693  ? 822  LYS A CG  1 
ATOM   1173 C CD  . LYS A 1 174 ? 9.88276   2.74459   2.43560   1.000 70.35308  ? 822  LYS A CD  1 
ATOM   1174 C CE  . LYS A 1 174 ? 9.79221   1.84694   3.67851   1.000 65.89814  ? 822  LYS A CE  1 
ATOM   1175 N NZ  . LYS A 1 174 ? 11.07850  1.17000   4.02443   1.000 80.60174  ? 822  LYS A NZ  1 
ATOM   1176 N N   . ASN A 1 175 ? 6.19075   0.21069   2.97241   1.000 37.56365  ? 823  ASN A N   1 
ATOM   1177 C CA  . ASN A 1 175 ? 6.23552   -1.24564  2.86013   1.000 38.33827  ? 823  ASN A CA  1 
ATOM   1178 C C   . ASN A 1 175 ? 5.07143   -1.76977  2.02574   1.000 42.35175  ? 823  ASN A C   1 
ATOM   1179 O O   . ASN A 1 175 ? 5.25697   -2.61475  1.14420   1.000 39.97411  ? 823  ASN A O   1 
ATOM   1180 C CB  . ASN A 1 175 ? 6.20257   -1.90309  4.24742   1.000 36.27634  ? 823  ASN A CB  1 
ATOM   1181 C CG  . ASN A 1 175 ? 7.43090   -1.58977  5.10514   1.000 44.60724  ? 823  ASN A CG  1 
ATOM   1182 O OD1 . ASN A 1 175 ? 8.50555   -1.26860  4.60372   1.000 41.26841  ? 823  ASN A OD1 1 
ATOM   1183 N ND2 . ASN A 1 175 ? 7.26255   -1.70856  6.42008   1.000 35.86202  ? 823  ASN A ND2 1 
ATOM   1184 N N   . LEU A 1 176 ? 3.85337   -1.28281  2.29585   1.000 38.62913  ? 824  LEU A N   1 
ATOM   1185 C CA  . LEU A 1 176 ? 2.69789   -1.76658  1.54282   1.000 37.69009  ? 824  LEU A CA  1 
ATOM   1186 C C   . LEU A 1 176 ? 2.78975   -1.35200  0.07919   1.000 35.77302  ? 824  LEU A C   1 
ATOM   1187 O O   . LEU A 1 176 ? 2.54633   -2.16514  -0.82071  1.000 40.09225  ? 824  LEU A O   1 
ATOM   1188 C CB  . LEU A 1 176 ? 1.39355   -1.25563  2.17425   1.000 33.76404  ? 824  LEU A CB  1 
ATOM   1189 C CG  . LEU A 1 176 ? 0.15163   -1.70548  1.40800   1.000 38.32294  ? 824  LEU A CG  1 
ATOM   1190 C CD1 . LEU A 1 176 ? 0.10164   -3.22463  1.24804   1.000 37.70824  ? 824  LEU A CD1 1 
ATOM   1191 C CD2 . LEU A 1 176 ? -1.11847  -1.20304  2.06289   1.000 33.19622  ? 824  LEU A CD2 1 
ATOM   1192 N N   . MET A 1 177 ? 3.14765   -0.09399  -0.17526  1.000 39.18398  ? 825  MET A N   1 
ATOM   1193 C CA  . MET A 1 177 ? 3.34689   0.36247   -1.54956  1.000 41.85068  ? 825  MET A CA  1 
ATOM   1194 C C   . MET A 1 177 ? 4.29721   -0.56770  -2.30041  1.000 40.73354  ? 825  MET A C   1 
ATOM   1195 O O   . MET A 1 177 ? 4.03067   -0.97638  -3.43890  1.000 42.89579  ? 825  MET A O   1 
ATOM   1196 C CB  . MET A 1 177 ? 3.89310   1.79220   -1.53726  1.000 35.94609  ? 825  MET A CB  1 
ATOM   1197 C CG  . MET A 1 177 ? 3.98354   2.43312   -2.93206  1.000 43.69887  ? 825  MET A CG  1 
ATOM   1198 S SD  . MET A 1 177 ? 2.32599   2.79043   -3.59168  1.000 48.91912  ? 825  MET A SD  1 
ATOM   1199 C CE  . MET A 1 177 ? 1.81337   4.07114   -2.46049  1.000 43.54644  ? 825  MET A CE  1 
ATOM   1200 N N   . ASN A 1 178 ? 5.40891   -0.93180  -1.65990  1.000 42.14068  ? 826  ASN A N   1 
ATOM   1201 C CA  . ASN A 1 178 ? 6.37805   -1.79563  -2.32560  1.000 43.23791  ? 826  ASN A CA  1 
ATOM   1202 C C   . ASN A 1 178 ? 5.78497   -3.16475  -2.63700  1.000 39.62354  ? 826  ASN A C   1 
ATOM   1203 O O   . ASN A 1 178 ? 5.97985   -3.69522  -3.73609  1.000 41.36342  ? 826  ASN A O   1 
ATOM   1204 C CB  . ASN A 1 178 ? 7.63924   -1.92747  -1.47439  1.000 41.87619  ? 826  ASN A CB  1 
ATOM   1205 C CG  . ASN A 1 178 ? 8.66424   -2.83430  -2.11775  1.000 46.58022  ? 826  ASN A CG  1 
ATOM   1206 O OD1 . ASN A 1 178 ? 8.79635   -3.99663  -1.74645  1.000 46.41167  ? 826  ASN A OD1 1 
ATOM   1207 N ND2 . ASN A 1 178 ? 9.35548   -2.32067  -3.12638  1.000 51.67525  ? 826  ASN A ND2 1 
ATOM   1208 N N   . ALA A 1 179 ? 5.03542   -3.74770  -1.69638  1.000 39.08959  ? 827  ALA A N   1 
ATOM   1209 C CA  . ALA A 1 179 ? 4.44221   -5.05497  -1.95815  1.000 37.74205  ? 827  ALA A CA  1 
ATOM   1210 C C   . ALA A 1 179 ? 3.37722   -4.98425  -3.05130  1.000 39.25834  ? 827  ALA A C   1 
ATOM   1211 O O   . ALA A 1 179 ? 3.22433   -5.93558  -3.82561  1.000 39.70667  ? 827  ALA A O   1 
ATOM   1212 C CB  . ALA A 1 179 ? 3.85355   -5.63942  -0.66944  1.000 36.02890  ? 827  ALA A CB  1 
ATOM   1213 N N   . VAL A 1 180 ? 2.63198   -3.87885  -3.12637  1.000 38.35384  ? 828  VAL A N   1 
ATOM   1214 C CA  . VAL A 1 180 ? 1.64324   -3.70274  -4.19490  1.000 38.16269  ? 828  VAL A CA  1 
ATOM   1215 C C   . VAL A 1 180 ? 2.33234   -3.63481  -5.55366  1.000 38.47725  ? 828  VAL A C   1 
ATOM   1216 O O   . VAL A 1 180 ? 1.88061   -4.24606  -6.52855  1.000 40.30674  ? 828  VAL A O   1 
ATOM   1217 C CB  . VAL A 1 180 ? 0.80059   -2.43478  -3.94035  1.000 40.71351  ? 828  VAL A CB  1 
ATOM   1218 C CG1 . VAL A 1 180 ? -0.00251  -2.05530  -5.19612  1.000 38.95881  ? 828  VAL A CG1 1 
ATOM   1219 C CG2 . VAL A 1 180 ? -0.13260  -2.63105  -2.75886  1.000 35.51387  ? 828  VAL A CG2 1 
ATOM   1220 N N   . VAL A 1 181 ? 3.42426   -2.86914  -5.64097  1.000 40.53716  ? 829  VAL A N   1 
ATOM   1221 C CA  . VAL A 1 181 ? 4.21743   -2.80001  -6.86751  1.000 38.18900  ? 829  VAL A CA  1 
ATOM   1222 C C   . VAL A 1 181 ? 4.66311   -4.19982  -7.29468  1.000 43.53586  ? 829  VAL A C   1 
ATOM   1223 O O   . VAL A 1 181 ? 4.51577   -4.59358  -8.45648  1.000 40.03533  ? 829  VAL A O   1 
ATOM   1224 C CB  . VAL A 1 181 ? 5.43708   -1.87844  -6.64773  1.000 48.70891  ? 829  VAL A CB  1 
ATOM   1225 C CG1 . VAL A 1 181 ? 6.50291   -2.11104  -7.71440  1.000 48.64093  ? 829  VAL A CG1 1 
ATOM   1226 C CG2 . VAL A 1 181 ? 5.02251   -0.41912  -6.58492  1.000 46.43107  ? 829  VAL A CG2 1 
ATOM   1227 N N   . LEU A 1 182 ? 5.23633   -4.96933  -6.36103  1.000 41.81159  ? 830  LEU A N   1 
ATOM   1228 C CA  . LEU A 1 182 ? 5.69586   -6.31086  -6.70960  1.000 41.85624  ? 830  LEU A CA  1 
ATOM   1229 C C   . LEU A 1 182 ? 4.53005   -7.20600  -7.09744  1.000 40.33136  ? 830  LEU A C   1 
ATOM   1230 O O   . LEU A 1 182 ? 4.65800   -8.05596  -7.98306  1.000 41.60177  ? 830  LEU A O   1 
ATOM   1231 C CB  . LEU A 1 182 ? 6.47114   -6.92467  -5.54230  1.000 39.46383  ? 830  LEU A CB  1 
ATOM   1232 C CG  . LEU A 1 182 ? 7.76869   -6.20506  -5.14997  1.000 43.62377  ? 830  LEU A CG  1 
ATOM   1233 C CD1 . LEU A 1 182 ? 8.38330   -6.84227  -3.89439  1.000 41.15935  ? 830  LEU A CD1 1 
ATOM   1234 C CD2 . LEU A 1 182 ? 8.74669   -6.23200  -6.30518  1.000 44.25652  ? 830  LEU A CD2 1 
ATOM   1235 N N   . THR A 1 183 ? 3.38439   -7.04176  -6.43481  1.000 39.00956  ? 831  THR A N   1 
ATOM   1236 C CA  . THR A 1 183 ? 2.24861   -7.90389  -6.72998  1.000 40.55462  ? 831  THR A CA  1 
ATOM   1237 C C   . THR A 1 183 ? 1.68266   -7.61102  -8.11757  1.000 40.87820  ? 831  THR A C   1 
ATOM   1238 O O   . THR A 1 183 ? 1.33083   -8.53279  -8.86248  1.000 40.41699  ? 831  THR A O   1 
ATOM   1239 C CB  . THR A 1 183 ? 1.18324   -7.71724  -5.65145  1.000 44.32102  ? 831  THR A CB  1 
ATOM   1240 O OG1 . THR A 1 183 ? 1.71650   -8.13119  -4.37941  1.000 44.71143  ? 831  THR A OG1 1 
ATOM   1241 C CG2 . THR A 1 183 ? -0.09028  -8.51216  -5.99374  1.000 39.77225  ? 831  THR A CG2 1 
ATOM   1242 N N   . VAL A 1 184 ? 1.57608   -6.33020  -8.47122  1.000 38.85930  ? 832  VAL A N   1 
ATOM   1243 C CA  . VAL A 1 184 ? 1.11338   -5.95213  -9.80480  1.000 40.75591  ? 832  VAL A CA  1 
ATOM   1244 C C   . VAL A 1 184 ? 2.03896   -6.54141  -10.87030 1.000 43.71265  ? 832  VAL A C   1 
ATOM   1245 O O   . VAL A 1 184 ? 1.58226   -7.15587  -11.84150 1.000 44.09440  ? 832  VAL A O   1 
ATOM   1246 C CB  . VAL A 1 184 ? 1.01207   -4.41784  -9.91309  1.000 40.97350  ? 832  VAL A CB  1 
ATOM   1247 C CG1 . VAL A 1 184 ? 0.83907   -3.97625  -11.35625 1.000 43.41057  ? 832  VAL A CG1 1 
ATOM   1248 C CG2 . VAL A 1 184 ? -0.12111  -3.89174  -9.04129  1.000 37.78478  ? 832  VAL A CG2 1 
ATOM   1249 N N   . LYS A 1 185 ? 3.35721   -6.40081  -10.67895 1.000 43.10421  ? 833  LYS A N   1 
ATOM   1250 C CA  . LYS A 1 185 ? 4.31375   -6.96338  -11.63144 1.000 45.47192  ? 833  LYS A CA  1 
ATOM   1251 C C   . LYS A 1 185 ? 4.19433   -8.48266  -11.71443 1.000 47.81204  ? 833  LYS A C   1 
ATOM   1252 O O   . LYS A 1 185 ? 4.20062   -9.05677  -12.81092 1.000 45.69800  ? 833  LYS A O   1 
ATOM   1253 C CB  . LYS A 1 185 ? 5.74308   -6.57663  -11.25435 1.000 46.28202  ? 833  LYS A CB  1 
ATOM   1254 C CG  . LYS A 1 185 ? 6.13422   -5.13104  -11.55959 1.000 61.49350  ? 833  LYS A CG  1 
ATOM   1255 C CD  . LYS A 1 185 ? 7.65930   -4.96306  -11.42431 1.000 64.93483  ? 833  LYS A CD  1 
ATOM   1256 C CE  . LYS A 1 185 ? 8.06058   -3.55321  -10.98389 1.000 65.38368  ? 833  LYS A CE  1 
ATOM   1257 N NZ  . LYS A 1 185 ? 7.60844   -2.51347  -11.95398 1.000 73.50070  ? 833  LYS A NZ  1 
ATOM   1258 N N   . ALA A 1 186 ? 4.09989   -9.15883  -10.56425 1.000 42.18589  ? 834  ALA A N   1 
ATOM   1259 C CA  . ALA A 1 186 ? 4.02564   -10.61802 -10.59904 1.000 41.57993  ? 834  ALA A CA  1 
ATOM   1260 C C   . ALA A 1 186 ? 2.69497   -11.10589 -11.16781 1.000 42.71643  ? 834  ALA A C   1 
ATOM   1261 O O   . ALA A 1 186 ? 2.63368   -12.19776 -11.74083 1.000 43.22597  ? 834  ALA A O   1 
ATOM   1262 C CB  . ALA A 1 186 ? 4.25030   -11.19632 -9.20277  1.000 39.39262  ? 834  ALA A CB  1 
ATOM   1263 N N   . SER A 1 187 ? 1.61705   -10.33582 -10.99323 1.000 37.37981  ? 835  SER A N   1 
ATOM   1264 C CA  . SER A 1 187 ? 0.35422   -10.68149 -11.63738 1.000 37.61113  ? 835  SER A CA  1 
ATOM   1265 C C   . SER A 1 187 ? 0.48651   -10.60426 -13.15073 1.000 40.43348  ? 835  SER A C   1 
ATOM   1266 O O   . SER A 1 187 ? 0.01618   -11.49187 -13.87451 1.000 42.94770  ? 835  SER A O   1 
ATOM   1267 C CB  . SER A 1 187 ? -0.76065  -9.75493  -11.14322 1.000 37.81581  ? 835  SER A CB  1 
ATOM   1268 O OG  . SER A 1 187 ? -1.00028  -9.93683  -9.74513  1.000 41.78516  ? 835  SER A OG  1 
ATOM   1269 N N   . TYR A 1 188 ? 1.15073   -9.55964  -13.64641 1.000 42.09651  ? 836  TYR A N   1 
ATOM   1270 C CA  . TYR A 1 188 ? 1.41513   -9.47377  -15.07389 1.000 46.69250  ? 836  TYR A CA  1 
ATOM   1271 C C   . TYR A 1 188 ? 2.25622   -10.65321 -15.54482 1.000 43.17198  ? 836  TYR A C   1 
ATOM   1272 O O   . TYR A 1 188 ? 1.92788   -11.30032 -16.54227 1.000 45.79265  ? 836  TYR A O   1 
ATOM   1273 C CB  . TYR A 1 188 ? 2.10588   -8.15589  -15.40965 1.000 42.08205  ? 836  TYR A CB  1 
ATOM   1274 C CG  . TYR A 1 188 ? 2.58958   -8.13503  -16.84223 1.000 50.41522  ? 836  TYR A CG  1 
ATOM   1275 C CD1 . TYR A 1 188 ? 1.69084   -8.03012  -17.89976 1.000 51.19893  ? 836  TYR A CD1 1 
ATOM   1276 C CD2 . TYR A 1 188 ? 3.93601   -8.26035  -17.13911 1.000 48.15656  ? 836  TYR A CD2 1 
ATOM   1277 C CE1 . TYR A 1 188 ? 2.13229   -8.02659  -19.21392 1.000 55.04527  ? 836  TYR A CE1 1 
ATOM   1278 C CE2 . TYR A 1 188 ? 4.38343   -8.25407  -18.44197 1.000 54.72132  ? 836  TYR A CE2 1 
ATOM   1279 C CZ  . TYR A 1 188 ? 3.48062   -8.13438  -19.47504 1.000 50.24444  ? 836  TYR A CZ  1 
ATOM   1280 O OH  . TYR A 1 188 ? 3.93893   -8.14414  -20.77002 1.000 56.63813  ? 836  TYR A OH  1 
ATOM   1281 N N   . VAL A 1 189 ? 3.33478   -10.96656 -14.82607 1.000 45.83779  ? 837  VAL A N   1 
ATOM   1282 C CA  . VAL A 1 189 ? 4.20880   -12.05710 -15.26083 1.000 43.19178  ? 837  VAL A CA  1 
ATOM   1283 C C   . VAL A 1 189 ? 3.43548   -13.37444 -15.31169 1.000 46.07940  ? 837  VAL A C   1 
ATOM   1284 O O   . VAL A 1 189 ? 3.54702   -14.14804 -16.26857 1.000 45.43015  ? 837  VAL A O   1 
ATOM   1285 C CB  . VAL A 1 189 ? 5.43818   -12.16203 -14.34363 1.000 45.34267  ? 837  VAL A CB  1 
ATOM   1286 C CG1 . VAL A 1 189 ? 6.15435   -13.49125 -14.57749 1.000 51.86451  ? 837  VAL A CG1 1 
ATOM   1287 C CG2 . VAL A 1 189 ? 6.37758   -10.99475 -14.59344 1.000 44.75485  ? 837  VAL A CG2 1 
ATOM   1288 N N   . ALA A 1 190 ? 2.64719   -13.65004 -14.26932 1.000 46.50104  ? 838  ALA A N   1 
ATOM   1289 C CA  . ALA A 1 190 ? 1.87960   -14.88957 -14.22826 1.000 43.79121  ? 838  ALA A CA  1 
ATOM   1290 C C   . ALA A 1 190 ? 0.85971   -14.95239 -15.36389 1.000 47.80418  ? 838  ALA A C   1 
ATOM   1291 O O   . ALA A 1 190 ? 0.60056   -16.03067 -15.91086 1.000 45.06410  ? 838  ALA A O   1 
ATOM   1292 C CB  . ALA A 1 190 ? 1.18437   -15.01497 -12.87976 1.000 41.74045  ? 838  ALA A CB  1 
ATOM   1293 N N   . SER A 1 191 ? 0.26505   -13.81054 -15.72364 1.000 44.83019  ? 839  SER A N   1 
ATOM   1294 C CA  . SER A 1 191 ? -0.67760  -13.77374 -16.84726 1.000 46.71137  ? 839  SER A CA  1 
ATOM   1295 C C   . SER A 1 191 ? 0.00286   -14.13809 -18.16160 1.000 47.62008  ? 839  SER A C   1 
ATOM   1296 O O   . SER A 1 191 ? -0.54792  -14.89558 -18.97130 1.000 48.66882  ? 839  SER A O   1 
ATOM   1297 C CB  . SER A 1 191 ? -1.30383  -12.38008 -16.97438 1.000 45.13044  ? 839  SER A CB  1 
ATOM   1298 O OG  . SER A 1 191 ? -2.12008  -12.08013 -15.85082 1.000 56.66377  ? 839  SER A OG  1 
ATOM   1299 N N   . THR A 1 192 ? 1.19018   -13.58033 -18.40822 1.000 49.53787  ? 840  THR A N   1 
ATOM   1300 C CA  . THR A 1 192 ? 1.84839   -13.83237 -19.67644 1.000 46.69384  ? 840  THR A CA  1 
ATOM   1301 C C   . THR A 1 192 ? 2.29978   -15.27994 -19.77466 1.000 49.85694  ? 840  THR A C   1 
ATOM   1302 O O   . THR A 1 192 ? 2.33074   -15.83316 -20.87569 1.000 49.34642  ? 840  THR A O   1 
ATOM   1303 C CB  . THR A 1 192 ? 3.02119   -12.86478 -19.87194 1.000 53.78712  ? 840  THR A CB  1 
ATOM   1304 O OG1 . THR A 1 192 ? 4.13249   -13.25153 -19.05582 1.000 61.59226  ? 840  THR A OG1 1 
ATOM   1305 C CG2 . THR A 1 192 ? 2.60699   -11.46610 -19.48443 1.000 44.77939  ? 840  THR A CG2 1 
ATOM   1306 N N   . LYS A 1 193 ? 2.61708   -15.92321 -18.64322 1.000 44.75204  ? 841  LYS A N   1 
ATOM   1307 C CA  . LYS A 1 193 ? 2.94163   -17.34834 -18.69334 1.000 47.38433  ? 841  LYS A CA  1 
ATOM   1308 C C   . LYS A 1 193 ? 1.73133   -18.17426 -19.11654 1.000 45.76938  ? 841  LYS A C   1 
ATOM   1309 O O   . LYS A 1 193 ? 1.87885   -19.17800 -19.82505 1.000 45.33964  ? 841  LYS A O   1 
ATOM   1310 C CB  . LYS A 1 193 ? 3.46239   -17.85041 -17.33689 1.000 43.70227  ? 841  LYS A CB  1 
ATOM   1311 C CG  . LYS A 1 193 ? 4.73894   -17.18020 -16.83165 1.000 58.21652  ? 841  LYS A CG  1 
ATOM   1312 C CD  . LYS A 1 193 ? 5.95151   -17.48668 -17.70909 1.000 65.51532  ? 841  LYS A CD  1 
ATOM   1313 C CE  . LYS A 1 193 ? 7.25290   -17.01802 -17.03386 1.000 62.54596  ? 841  LYS A CE  1 
ATOM   1314 N NZ  . LYS A 1 193 ? 8.37771   -16.83525 -17.99637 1.000 68.26225  ? 841  LYS A NZ  1 
ATOM   1315 N N   . TYR A 1 194 ? 0.53452   -17.80838 -18.64080 1.000 39.92917  ? 842  TYR A N   1 
ATOM   1316 C CA  . TYR A 1 194 ? -0.66866  -18.53522 -19.04379 1.000 43.78991  ? 842  TYR A CA  1 
ATOM   1317 C C   . TYR A 1 194 ? -0.90302  -18.40306 -20.55100 1.000 42.55611  ? 842  TYR A C   1 
ATOM   1318 O O   . TYR A 1 194 ? -1.13568  -19.39639 -21.24468 1.000 40.00406  ? 842  TYR A O   1 
ATOM   1319 C CB  . TYR A 1 194 ? -1.88019  -18.03069 -18.25345 1.000 42.99363  ? 842  TYR A CB  1 
ATOM   1320 C CG  . TYR A 1 194 ? -3.19640  -18.65375 -18.67471 1.000 43.40146  ? 842  TYR A CG  1 
ATOM   1321 C CD1 . TYR A 1 194 ? -3.45648  -19.99917 -18.44241 1.000 45.20625  ? 842  TYR A CD1 1 
ATOM   1322 C CD2 . TYR A 1 194 ? -4.17333  -17.89565 -19.32784 1.000 48.01709  ? 842  TYR A CD2 1 
ATOM   1323 C CE1 . TYR A 1 194 ? -4.65321  -20.57795 -18.83312 1.000 48.81018  ? 842  TYR A CE1 1 
ATOM   1324 C CE2 . TYR A 1 194 ? -5.38696  -18.46621 -19.71901 1.000 45.39970  ? 842  TYR A CE2 1 
ATOM   1325 C CZ  . TYR A 1 194 ? -5.61332  -19.80512 -19.47275 1.000 52.13651  ? 842  TYR A CZ  1 
ATOM   1326 O OH  . TYR A 1 194 ? -6.80517  -20.37882 -19.85513 1.000 52.27183  ? 842  TYR A OH  1 
ATOM   1327 N N   . GLN A 1 195 ? -0.79318  -17.18474 -21.07861 1.000 38.42951  ? 843  GLN A N   1 
ATOM   1328 C CA  . GLN A 1 195 ? -1.00638  -16.98262 -22.50814 1.000 49.37400  ? 843  GLN A CA  1 
ATOM   1329 C C   . GLN A 1 195 ? 0.09888   -17.61731 -23.34423 1.000 49.01525  ? 843  GLN A C   1 
ATOM   1330 O O   . GLN A 1 195 ? -0.18148  -18.24799 -24.36708 1.000 47.51298  ? 843  GLN A O   1 
ATOM   1331 C CB  . GLN A 1 195 ? -1.12030  -15.50014 -22.79938 1.000 44.46869  ? 843  GLN A CB  1 
ATOM   1332 C CG  . GLN A 1 195 ? -2.44306  -14.94051 -22.31732 1.000 59.09230  ? 843  GLN A CG  1 
ATOM   1333 C CD  . GLN A 1 195 ? -3.01557  -13.93178 -23.27142 1.000 67.52642  ? 843  GLN A CD  1 
ATOM   1334 O OE1 . GLN A 1 195 ? -2.38089  -12.91798 -23.57347 1.000 72.01127  ? 843  GLN A OE1 1 
ATOM   1335 N NE2 . GLN A 1 195 ? -4.22129  -14.19901 -23.75898 1.000 71.99314  ? 843  GLN A NE2 1 
ATOM   1336 N N   . LYS A 1 196 ? 1.35590   -17.47613 -22.92550 1.000 47.35589  ? 844  LYS A N   1 
ATOM   1337 C CA  . LYS A 1 196 ? 2.44846   -18.12592 -23.64206 1.000 45.71216  ? 844  LYS A CA  1 
ATOM   1338 C C   . LYS A 1 196 ? 2.23470   -19.63108 -23.75329 1.000 49.97071  ? 844  LYS A C   1 
ATOM   1339 O O   . LYS A 1 196 ? 2.47918   -20.22450 -24.81173 1.000 51.84989  ? 844  LYS A O   1 
ATOM   1340 C CB  . LYS A 1 196 ? 3.77389   -17.83183 -22.94665 1.000 55.40695  ? 844  LYS A CB  1 
ATOM   1341 C CG  . LYS A 1 196 ? 4.99629   -18.24293 -23.75487 1.000 63.82810  ? 844  LYS A CG  1 
ATOM   1342 C CD  . LYS A 1 196 ? 6.26951   -17.65361 -23.14736 1.000 71.41672  ? 844  LYS A CD  1 
ATOM   1343 C CE  . LYS A 1 196 ? 7.47712   -17.86259 -24.05569 1.000 80.66710  ? 844  LYS A CE  1 
ATOM   1344 N NZ  . LYS A 1 196 ? 8.69906   -17.20810 -23.49557 1.000 82.55935  ? 844  LYS A NZ  1 
ATOM   1345 N N   . VAL A 1 197 ? 1.76827   -20.26874 -22.68030 1.000 44.10316  ? 845  VAL A N   1 
ATOM   1346 C CA  . VAL A 1 197 ? 1.63484   -21.71791 -22.69671 1.000 45.54795  ? 845  VAL A CA  1 
ATOM   1347 C C   . VAL A 1 197 ? 0.35670   -22.14110 -23.41370 1.000 46.48773  ? 845  VAL A C   1 
ATOM   1348 O O   . VAL A 1 197 ? 0.36328   -23.06260 -24.23742 1.000 41.87098  ? 845  VAL A O   1 
ATOM   1349 C CB  . VAL A 1 197 ? 1.68907   -22.27072 -21.25771 1.000 50.84222  ? 845  VAL A CB  1 
ATOM   1350 C CG1 . VAL A 1 197 ? 1.20417   -23.69710 -21.22344 1.000 45.07158  ? 845  VAL A CG1 1 
ATOM   1351 C CG2 . VAL A 1 197 ? 3.12258   -22.17528 -20.68495 1.000 43.64010  ? 845  VAL A CG2 1 
ATOM   1352 N N   . TYR A 1 198 ? -0.76807  -21.50538 -23.09746 1.000 39.19440  ? 846  TYR A N   1 
ATOM   1353 C CA  . TYR A 1 198 ? -2.04760  -21.98631 -23.59152 1.000 48.77354  ? 846  TYR A CA  1 
ATOM   1354 C C   . TYR A 1 198 ? -2.57953  -21.17170 -24.76431 1.000 45.22334  ? 846  TYR A C   1 
ATOM   1355 O O   . TYR A 1 198 ? -3.60826  -21.54353 -25.33532 1.000 46.96948  ? 846  TYR A O   1 
ATOM   1356 C CB  . TYR A 1 198 ? -3.07293  -22.03574 -22.44969 1.000 44.79594  ? 846  TYR A CB  1 
ATOM   1357 C CG  . TYR A 1 198 ? -2.77833  -23.17550 -21.50513 1.000 50.01127  ? 846  TYR A CG  1 
ATOM   1358 C CD1 . TYR A 1 198 ? -2.91325  -24.49529 -21.92107 1.000 47.15617  ? 846  TYR A CD1 1 
ATOM   1359 C CD2 . TYR A 1 198 ? -2.30265  -22.93108 -20.21933 1.000 48.77237  ? 846  TYR A CD2 1 
ATOM   1360 C CE1 . TYR A 1 198 ? -2.61665  -25.54875 -21.06623 1.000 52.88241  ? 846  TYR A CE1 1 
ATOM   1361 C CE2 . TYR A 1 198 ? -2.00211  -23.96653 -19.35543 1.000 53.68491  ? 846  TYR A CE2 1 
ATOM   1362 C CZ  . TYR A 1 198 ? -2.15970  -25.27453 -19.78276 1.000 58.35805  ? 846  TYR A CZ  1 
ATOM   1363 O OH  . TYR A 1 198 ? -1.86001  -26.30007 -18.92493 1.000 59.78918  ? 846  TYR A OH  1 
ATOM   1364 N N   . GLY A 1 199 ? -1.89105  -20.10224 -25.14883 1.000 43.90922  ? 847  GLY A N   1 
ATOM   1365 C CA  . GLY A 1 199 ? -2.22842  -19.33170 -26.33129 1.000 41.73587  ? 847  GLY A CA  1 
ATOM   1366 C C   . GLY A 1 199 ? -3.35271  -18.33982 -26.08921 1.000 52.43474  ? 847  GLY A C   1 
ATOM   1367 O O   . GLY A 1 199 ? -4.14611  -18.46005 -25.15458 1.000 47.07423  ? 847  GLY A O   1 
ATOM   1368 N N   . THR A 1 200 ? -3.42857  -17.33895 -26.97957 1.000 51.83279  ? 848  THR A N   1 
ATOM   1369 C CA  . THR A 1 200 ? -4.54857  -16.40696 -26.93712 1.000 54.15615  ? 848  THR A CA  1 
ATOM   1370 C C   . THR A 1 200 ? -5.87075  -17.11030 -27.20244 1.000 49.53952  ? 848  THR A C   1 
ATOM   1371 O O   . THR A 1 200 ? -6.92202  -16.57366 -26.85596 1.000 58.26373  ? 848  THR A O   1 
ATOM   1372 C CB  . THR A 1 200 ? -4.36988  -15.26523 -27.94611 1.000 50.54008  ? 848  THR A CB  1 
ATOM   1373 O OG1 . THR A 1 200 ? -4.47262  -15.79392 -29.26805 1.000 54.75046  ? 848  THR A OG1 1 
ATOM   1374 C CG2 . THR A 1 200 ? -3.02855  -14.58239 -27.76200 1.000 53.36012  ? 848  THR A CG2 1 
ATOM   1375 N N   . ALA A 1 201 ? -5.84076  -18.31090 -27.77183 1.000 47.71765  ? 849  ALA A N   1 
ATOM   1376 C CA  . ALA A 1 201 ? -7.03918  -19.11239 -27.98279 1.000 50.17658  ? 849  ALA A CA  1 
ATOM   1377 C C   . ALA A 1 201 ? -7.30412  -20.13986 -26.86607 1.000 62.03969  ? 849  ALA A C   1 
ATOM   1378 O O   . ALA A 1 201 ? -8.02562  -21.12036 -27.09976 1.000 52.26097  ? 849  ALA A O   1 
ATOM   1379 C CB  . ALA A 1 201 ? -6.94006  -19.83073 -29.32967 1.000 57.13906  ? 849  ALA A CB  1 
ATOM   1380 N N   . ALA A 1 202 ? -6.74094  -19.95354 -25.66693 1.000 54.09966  ? 850  ALA A N   1 
ATOM   1381 C CA  . ALA A 1 202 ? -7.12311  -20.81001 -24.54717 1.000 47.31411  ? 850  ALA A CA  1 
ATOM   1382 C C   . ALA A 1 202 ? -8.62682  -20.73728 -24.33285 1.000 52.87761  ? 850  ALA A C   1 
ATOM   1383 O O   . ALA A 1 202 ? -9.23613  -19.66688 -24.44464 1.000 51.57242  ? 850  ALA A O   1 
ATOM   1384 C CB  . ALA A 1 202 ? -6.40855  -20.39174 -23.26475 1.000 45.46425  ? 850  ALA A CB  1 
ATOM   1385 N N   . VAL A 1 203 ? -9.23343  -21.88487 -24.03016 1.000 50.92780  ? 851  VAL A N   1 
ATOM   1386 C CA  . VAL A 1 203 ? -10.68888 -21.91408 -23.89667 1.000 59.92291  ? 851  VAL A CA  1 
ATOM   1387 C C   . VAL A 1 203 ? -11.13686 -21.05813 -22.71485 1.000 62.08887  ? 851  VAL A C   1 
ATOM   1388 O O   . VAL A 1 203 ? -12.15724 -20.36423 -22.78971 1.000 57.42578  ? 851  VAL A O   1 
ATOM   1389 C CB  . VAL A 1 203 ? -11.19644 -23.36582 -23.79175 1.000 61.97157  ? 851  VAL A CB  1 
ATOM   1390 C CG1 . VAL A 1 203 ? -10.42170 -24.13565 -22.73645 1.000 67.34984  ? 851  VAL A CG1 1 
ATOM   1391 C CG2 . VAL A 1 203 ? -12.68530 -23.37444 -23.48283 1.000 65.58303  ? 851  VAL A CG2 1 
ATOM   1392 N N   . ASN A 1 204 ? -10.36065 -21.05539 -21.62585 1.000 58.18195  ? 852  ASN A N   1 
ATOM   1393 C CA  . ASN A 1 204 ? -10.64065 -20.21352 -20.46750 1.000 58.91886  ? 852  ASN A CA  1 
ATOM   1394 C C   . ASN A 1 204 ? -9.87290  -18.90755 -20.60695 1.000 56.93979  ? 852  ASN A C   1 
ATOM   1395 O O   . ASN A 1 204 ? -8.64843  -18.91595 -20.76754 1.000 54.09717  ? 852  ASN A O   1 
ATOM   1396 C CB  . ASN A 1 204 ? -10.25587 -20.92540 -19.17080 1.000 64.51950  ? 852  ASN A CB  1 
ATOM   1397 C CG  . ASN A 1 204 ? -11.10711 -22.14702 -18.90904 1.000 65.48171  ? 852  ASN A CG  1 
ATOM   1398 O OD1 . ASN A 1 204 ? -12.33579 -22.06758 -18.92458 1.000 71.14102  ? 852  ASN A OD1 1 
ATOM   1399 N ND2 . ASN A 1 204 ? -10.46247 -23.28595 -18.66959 1.000 71.62446  ? 852  ASN A ND2 1 
ATOM   1400 N N   . SER A 1 205 ? -10.58262 -17.78998 -20.55230 1.000 51.99902  ? 853  SER A N   1 
ATOM   1401 C CA  . SER A 1 205 ? -9.92029  -16.52287 -20.77193 1.000 62.25872  ? 853  SER A CA  1 
ATOM   1402 C C   . SER A 1 205 ? -9.09068  -16.15231 -19.54567 1.000 61.00547  ? 853  SER A C   1 
ATOM   1403 O O   . SER A 1 205 ? -9.35539  -16.62405 -18.43555 1.000 59.89488  ? 853  SER A O   1 
ATOM   1404 C CB  . SER A 1 205 ? -10.94199 -15.43641 -21.08792 1.000 57.48658  ? 853  SER A CB  1 
ATOM   1405 O OG  . SER A 1 205 ? -12.13539 -15.66654 -20.37016 1.000 71.79100  ? 853  SER A OG  1 
ATOM   1406 N N   . PRO A 1 206 ? -8.04944  -15.34309 -19.72736 1.000 65.84059  ? 854  PRO A N   1 
ATOM   1407 C CA  . PRO A 1 206 ? -7.28530  -14.87783 -18.56748 1.000 53.56545  ? 854  PRO A CA  1 
ATOM   1408 C C   . PRO A 1 206 ? -8.18874  -14.18708 -17.55663 1.000 60.51311  ? 854  PRO A C   1 
ATOM   1409 O O   . PRO A 1 206 ? -9.11461  -13.45162 -17.91656 1.000 53.18604  ? 854  PRO A O   1 
ATOM   1410 C CB  . PRO A 1 206 ? -6.25622  -13.91182 -19.17335 1.000 49.93970  ? 854  PRO A CB  1 
ATOM   1411 C CG  . PRO A 1 206 ? -6.65754  -13.72836 -20.61063 1.000 65.88742  ? 854  PRO A CG  1 
ATOM   1412 C CD  . PRO A 1 206 ? -7.39880  -14.96560 -20.99461 1.000 62.40667  ? 854  PRO A CD  1 
ATOM   1413 N N   . VAL A 1 207 ? -7.90850  -14.44677 -16.27468 1.000 49.70680  ? 855  VAL A N   1 
ATOM   1414 C CA  . VAL A 1 207 ? -8.67948  -13.85319 -15.18357 1.000 50.42968  ? 855  VAL A CA  1 
ATOM   1415 C C   . VAL A 1 207 ? -8.71680  -12.34050 -15.32027 1.000 51.70139  ? 855  VAL A C   1 
ATOM   1416 O O   . VAL A 1 207 ? -9.72329  -11.69545 -15.01770 1.000 55.04878  ? 855  VAL A O   1 
ATOM   1417 C CB  . VAL A 1 207 ? -8.07141  -14.31069 -13.83787 1.000 48.72827  ? 855  VAL A CB  1 
ATOM   1418 C CG1 . VAL A 1 207 ? -8.55247  -13.45427 -12.67165 1.000 51.25553  ? 855  VAL A CG1 1 
ATOM   1419 C CG2 . VAL A 1 207 ? -8.40040  -15.78174 -13.60914 1.000 49.00926  ? 855  VAL A CG2 1 
ATOM   1420 N N   . VAL A 1 208 ? -7.64593  -11.76445 -15.84317 1.000 50.28258  ? 856  VAL A N   1 
ATOM   1421 C CA  . VAL A 1 208 ? -7.43980  -10.32897 -15.92306 1.000 49.94189  ? 856  VAL A CA  1 
ATOM   1422 C C   . VAL A 1 208 ? -6.73625  -10.06393 -17.25260 1.000 52.84579  ? 856  VAL A C   1 
ATOM   1423 O O   . VAL A 1 208 ? -6.02053  -10.92585 -17.76822 1.000 54.36695  ? 856  VAL A O   1 
ATOM   1424 C CB  . VAL A 1 208 ? -6.63391  -9.87348  -14.67188 1.000 54.46770  ? 856  VAL A CB  1 
ATOM   1425 C CG1 . VAL A 1 208 ? -5.82877  -8.68640  -14.93137 1.000 55.46517  ? 856  VAL A CG1 1 
ATOM   1426 C CG2 . VAL A 1 208 ? -7.58482  -9.61291  -13.49665 1.000 57.33371  ? 856  VAL A CG2 1 
ATOM   1427 N N   . SER A 1 209 ? -6.95862  -8.89087  -17.83934 1.000 52.06453  ? 857  SER A N   1 
ATOM   1428 C CA  . SER A 1 209 ? -6.35895  -8.58204  -19.13240 1.000 54.11284  ? 857  SER A CA  1 
ATOM   1429 C C   . SER A 1 209 ? -5.33518  -7.46801  -18.98767 1.000 49.26773  ? 857  SER A C   1 
ATOM   1430 O O   . SER A 1 209 ? -5.50638  -6.55075  -18.18126 1.000 54.46650  ? 857  SER A O   1 
ATOM   1431 C CB  . SER A 1 209 ? -7.42122  -8.19611  -20.17431 1.000 63.30897  ? 857  SER A CB  1 
ATOM   1432 O OG  . SER A 1 209 ? -7.70108  -6.81503  -20.12071 1.000 68.92350  ? 857  SER A OG  1 
ATOM   1433 N N   . TRP A 1 210 ? -4.25485  -7.57150  -19.75429 1.000 47.16672  ? 858  TRP A N   1 
ATOM   1434 C CA  . TRP A 1 210 ? -3.17385  -6.59480  -19.76110 1.000 54.31533  ? 858  TRP A CA  1 
ATOM   1435 C C   . TRP A 1 210 ? -3.11468  -5.97394  -21.15432 1.000 60.91050  ? 858  TRP A C   1 
ATOM   1436 O O   . TRP A 1 210 ? -2.46790  -6.51442  -22.05348 1.000 63.55134  ? 858  TRP A O   1 
ATOM   1437 C CB  . TRP A 1 210 ? -1.85587  -7.27068  -19.37153 1.000 49.84560  ? 858  TRP A CB  1 
ATOM   1438 C CG  . TRP A 1 210 ? -1.95359  -7.86734  -18.00903 1.000 52.29198  ? 858  TRP A CG  1 
ATOM   1439 C CD1 . TRP A 1 210 ? -2.40420  -9.11192  -17.68737 1.000 44.82097  ? 858  TRP A CD1 1 
ATOM   1440 C CD2 . TRP A 1 210 ? -1.65311  -7.21338  -16.77391 1.000 46.04801  ? 858  TRP A CD2 1 
ATOM   1441 N NE1 . TRP A 1 210 ? -2.37891  -9.28366  -16.32635 1.000 45.81482  ? 858  TRP A NE1 1 
ATOM   1442 C CE2 . TRP A 1 210 ? -1.92325  -8.13059  -15.74160 1.000 48.09180  ? 858  TRP A CE2 1 
ATOM   1443 C CE3 . TRP A 1 210 ? -1.16487  -5.94233  -16.44166 1.000 55.54585  ? 858  TRP A CE3 1 
ATOM   1444 C CZ2 . TRP A 1 210 ? -1.71985  -7.82048  -14.39384 1.000 46.87170  ? 858  TRP A CZ2 1 
ATOM   1445 C CZ3 . TRP A 1 210 ? -0.96522  -5.63134  -15.09612 1.000 53.44575  ? 858  TRP A CZ3 1 
ATOM   1446 C CH2 . TRP A 1 210 ? -1.24573  -6.56591  -14.09429 1.000 49.35135  ? 858  TRP A CH2 1 
ATOM   1447 N N   . LYS A 1 211 ? -3.79539  -4.84585  -21.33319 1.000 69.12076  ? 859  LYS A N   1 
ATOM   1448 C CA  . LYS A 1 211 ? -3.79535  -4.11312  -22.59564 1.000 72.25101  ? 859  LYS A CA  1 
ATOM   1449 C C   . LYS A 1 211 ? -3.02049  -2.81415  -22.42899 1.000 73.67796  ? 859  LYS A C   1 
ATOM   1450 O O   . LYS A 1 211 ? -3.23010  -2.08253  -21.45449 1.000 71.01422  ? 859  LYS A O   1 
ATOM   1451 C CB  . LYS A 1 211 ? -5.21796  -3.80673  -23.07074 1.000 69.22666  ? 859  LYS A CB  1 
ATOM   1452 C CG  . LYS A 1 211 ? -6.10300  -5.01958  -23.31869 1.000 74.16552  ? 859  LYS A CG  1 
ATOM   1453 C CD  . LYS A 1 211 ? -7.55236  -4.57776  -23.56313 1.000 89.76834  ? 859  LYS A CD  1 
ATOM   1454 C CE  . LYS A 1 211 ? -8.56022  -5.41995  -22.77900 1.000 86.75140  ? 859  LYS A CE  1 
ATOM   1455 N NZ  . LYS A 1 211 ? -9.66810  -4.60093  -22.18391 1.000 82.08453  ? 859  LYS A NZ  1 
ATOM   1456 N N   . MET A 1 212 ? -2.13910  -2.53036  -23.38702 1.000 83.01683  ? 860  MET A N   1 
ATOM   1457 C CA  . MET A 1 212 ? -1.33827  -1.31342  -23.36684 1.000 86.82129  ? 860  MET A CA  1 
ATOM   1458 C C   . MET A 1 212 ? -2.22304  -0.07512  -23.50433 1.000 82.77708  ? 860  MET A C   1 
ATOM   1459 O O   . MET A 1 212 ? -3.38094  -0.14346  -23.93106 1.000 77.70947  ? 860  MET A O   1 
ATOM   1460 C CB  . MET A 1 212 ? -0.30470  -1.33568  -24.49402 1.000 87.38572  ? 860  MET A CB  1 
ATOM   1461 C CG  . MET A 1 212 ? 1.14239   -1.19175  -24.03466 1.000 96.68816  ? 860  MET A CG  1 
ATOM   1462 S SD  . MET A 1 212 ? 1.85990   -2.72734  -23.39861 1.000 112.18113 ? 860  MET A SD  1 
ATOM   1463 C CE  . MET A 1 212 ? 1.58815   -3.84258  -24.78063 1.000 97.00577  ? 860  MET A CE  1 
ATOM   1464 N N   . LYS A 1 213 ? -1.65757  1.07124   -23.13312 1.000 86.04689  ? 861  LYS A N   1 
ATOM   1465 C CA  . LYS A 1 213 ? -2.36961  2.34474   -23.22006 1.000 87.19447  ? 861  LYS A CA  1 
ATOM   1466 C C   . LYS A 1 213 ? -1.82727  3.20342   -24.36324 1.000 90.63982  ? 861  LYS A C   1 
ATOM   1467 O O   . LYS A 1 213 ? -2.54894  3.52468   -25.31288 1.000 99.52382  ? 861  LYS A O   1 
ATOM   1468 C CB  . LYS A 1 213 ? -2.27276  3.10470   -21.89198 1.000 85.93698  ? 861  LYS A CB  1 
ATOM   1469 C CG  . LYS A 1 213 ? -3.62231  3.46753   -21.28815 1.000 87.15891  ? 861  LYS A CG  1 
ATOM   1470 C CD  . LYS A 1 213 ? -3.47381  4.18351   -19.94936 1.000 84.86661  ? 861  LYS A CD  1 
ATOM   1471 C CE  . LYS A 1 213 ? -4.83843  4.40262   -19.30249 1.000 87.05355  ? 861  LYS A CE  1 
ATOM   1472 N NZ  . LYS A 1 213 ? -4.75335  4.99239   -17.92807 1.000 86.30932  ? 861  LYS A NZ  1 
HETATM 1473 O O   . HOH B 2 .   ? 6.97088   -18.75299 -1.05973  1.000 54.28760  ? 1001 HOH A O   1 
HETATM 1474 O O   . HOH B 2 .   ? -6.39435  22.50124  21.57485  1.000 64.31104  ? 1002 HOH A O   1 
HETATM 1475 O O   . HOH B 2 .   ? 11.17105  9.20319   35.48401  1.000 58.90071  ? 1003 HOH A O   1 
HETATM 1476 O O   . HOH B 2 .   ? 7.61621   17.09296  8.35730   1.000 67.06629  ? 1004 HOH A O   1 
HETATM 1477 O O   . HOH B 2 .   ? -8.56790  -19.01671 -6.84300  1.000 56.24627  ? 1005 HOH A O   1 
HETATM 1478 O O   . HOH B 2 .   ? 4.82499   -4.84707  -15.61471 1.000 69.65167  ? 1006 HOH A O   1 
HETATM 1479 O O   . HOH B 2 .   ? -7.60053  11.63617  -2.12330  1.000 65.83233  ? 1007 HOH A O   1 
HETATM 1480 O O   . HOH B 2 .   ? 6.82230   18.46540  30.80001  1.000 63.10645  ? 1008 HOH A O   1 
HETATM 1481 O O   . HOH B 2 .   ? -7.70771  -14.60645 -1.20205  1.000 69.20269  ? 1009 HOH A O   1 
HETATM 1482 O O   . HOH B 2 .   ? -3.45245  25.86742  21.49654  1.000 61.81288  ? 1010 HOH A O   1 
HETATM 1483 O O   . HOH B 2 .   ? 9.43925   -2.54024  2.58886   1.000 53.79994  ? 1011 HOH A O   1 
HETATM 1484 O O   . HOH B 2 .   ? 3.22849   -26.12543 -16.66187 1.000 68.55493  ? 1012 HOH A O   1 
HETATM 1485 O O   . HOH B 2 .   ? 7.53513   -5.63922  -0.13685  1.000 43.85777  ? 1013 HOH A O   1 
HETATM 1486 O O   . HOH B 2 .   ? 1.18901   6.77846   29.17021  1.000 49.32725  ? 1014 HOH A O   1 
HETATM 1487 O O   . HOH B 2 .   ? -3.12698  10.23246  17.58663  1.000 46.49314  ? 1015 HOH A O   1 
HETATM 1488 O O   . HOH B 2 .   ? 8.94152   -16.84367 -1.55159  1.000 46.01995  ? 1016 HOH A O   1 
HETATM 1489 O O   . HOH B 2 .   ? -4.82527  13.78301  4.53025   1.000 46.01284  ? 1017 HOH A O   1 
HETATM 1490 O O   . HOH B 2 .   ? -9.48569  -16.42036 -5.90635  1.000 56.51390  ? 1018 HOH A O   1 
HETATM 1491 O O   . HOH B 2 .   ? 4.97161   17.07312  9.58313   1.000 60.68088  ? 1019 HOH A O   1 
HETATM 1492 O O   . HOH B 2 .   ? 2.68194   -1.88198  6.32759   1.000 41.35756  ? 1020 HOH A O   1 
HETATM 1493 O O   . HOH B 2 .   ? 2.30569   12.13328  0.72883   1.000 65.79815  ? 1021 HOH A O   1 
HETATM 1494 O O   . HOH B 2 .   ? -3.36604  3.71280   -15.83969 1.000 69.91826  ? 1022 HOH A O   1 
HETATM 1495 O O   . HOH B 2 .   ? -3.99041  13.35888  -0.57223  1.000 63.90667  ? 1023 HOH A O   1 
HETATM 1496 O O   . HOH B 2 .   ? 2.11193   4.79008   14.08278  1.000 49.28957  ? 1024 HOH A O   1 
HETATM 1497 O O   . HOH B 2 .   ? -4.72671  -12.84017 -15.79809 1.000 47.75429  ? 1025 HOH A O   1 
HETATM 1498 O O   . HOH B 2 .   ? 7.08501   6.27593   32.70706  1.000 52.20636  ? 1026 HOH A O   1 
HETATM 1499 O O   . HOH B 2 .   ? -3.95236  -15.60027 -16.37711 1.000 48.51954  ? 1027 HOH A O   1 
HETATM 1500 O O   . HOH B 2 .   ? 9.21451   10.60051  37.21114  1.000 58.41575  ? 1028 HOH A O   1 
HETATM 1501 O O   . HOH B 2 .   ? 4.88618   -2.34516  7.80413   1.000 40.24441  ? 1029 HOH A O   1 
HETATM 1502 O O   . HOH B 2 .   ? -4.46787  -24.11394 -25.71960 1.000 55.04997  ? 1030 HOH A O   1 
HETATM 1503 O O   . HOH B 2 .   ? -5.50314  -16.62457 -23.44718 1.000 51.78749  ? 1031 HOH A O   1 
HETATM 1504 O O   . HOH B 2 .   ? 3.48306   11.07788  15.54116  1.000 45.42845  ? 1032 HOH A O   1 
HETATM 1505 O O   . HOH B 2 .   ? 6.08526   -4.31301  -17.89096 1.000 79.67218  ? 1033 HOH A O   1 
HETATM 1506 O O   . HOH B 2 .   ? -1.31116  -16.18517 -0.94274  1.000 54.26629  ? 1034 HOH A O   1 
HETATM 1507 O O   . HOH B 2 .   ? -3.39177  9.33502   24.79341  1.000 46.91528  ? 1035 HOH A O   1 
HETATM 1508 O O   . HOH B 2 .   ? 7.82273   7.78446   21.78074  1.000 60.53198  ? 1036 HOH A O   1 
HETATM 1509 O O   . HOH B 2 .   ? -4.53179  -1.59677  5.71279   1.000 39.25876  ? 1037 HOH A O   1 
HETATM 1510 O O   . HOH B 2 .   ? -2.06133  -16.74542 -14.86926 1.000 40.95437  ? 1038 HOH A O   1 
HETATM 1511 O O   . HOH B 2 .   ? -10.93494 8.03051   6.02683   1.000 51.36601  ? 1039 HOH A O   1 
HETATM 1512 O O   . HOH B 2 .   ? 1.42959   10.21112  17.68259  1.000 49.12234  ? 1040 HOH A O   1 
HETATM 1513 O O   . HOH B 2 .   ? 11.28687  -5.36188  -1.58884  1.000 53.94834  ? 1041 HOH A O   1 
HETATM 1514 O O   . HOH B 2 .   ? 4.57203   -14.20573 -11.17841 1.000 52.30574  ? 1042 HOH A O   1 
HETATM 1515 O O   . HOH B 2 .   ? -13.74238 9.67342   11.25338  1.000 66.44335  ? 1043 HOH A O   1 
HETATM 1516 O O   . HOH B 2 .   ? 9.65479   -10.53266 -8.46730  1.000 62.14783  ? 1044 HOH A O   1 
HETATM 1517 O O   . HOH B 2 .   ? -8.73480  3.12287   -8.90177  1.000 59.68987  ? 1045 HOH A O   1 
HETATM 1518 O O   . HOH B 2 .   ? -11.89415 -0.18495  -0.52326  1.000 54.23557  ? 1046 HOH A O   1 
HETATM 1519 O O   . HOH B 2 .   ? 9.02188   -5.10096  2.08215   1.000 49.72074  ? 1047 HOH A O   1 
HETATM 1520 O O   . HOH B 2 .   ? -8.44930  -21.20101 -16.18771 1.000 63.34461  ? 1048 HOH A O   1 
HETATM 1521 O O   . HOH B 2 .   ? 0.35431   -12.94130 5.71443   1.000 52.44786  ? 1049 HOH A O   1 
HETATM 1522 O O   . HOH B 2 .   ? 7.36711   -12.71269 -0.23351  1.000 47.66089  ? 1050 HOH A O   1 
HETATM 1523 O O   . HOH B 2 .   ? 6.40729   0.90878   10.56084  1.000 45.27911  ? 1051 HOH A O   1 
HETATM 1524 O O   . HOH B 2 .   ? 8.20180   0.64571   -11.74111 1.000 57.67975  ? 1052 HOH A O   1 
HETATM 1525 O O   . HOH B 2 .   ? 5.19384   4.08188   16.41807  1.000 53.86491  ? 1053 HOH A O   1 
HETATM 1526 O O   . HOH B 2 .   ? -12.02240 -9.45033  -5.99267  1.000 53.96051  ? 1054 HOH A O   1 
HETATM 1527 O O   . HOH B 2 .   ? -13.05378 14.77432  9.70147   1.000 67.18637  ? 1055 HOH A O   1 
HETATM 1528 O O   . HOH B 2 .   ? 5.92059   18.34193  34.10020  1.000 62.76250  ? 1056 HOH A O   1 
HETATM 1529 O O   . HOH B 2 .   ? -4.59916  -8.26276  6.91052   1.000 68.89520  ? 1057 HOH A O   1 
HETATM 1530 O O   . HOH B 2 .   ? -0.59554  25.17341  23.98291  1.000 63.30548  ? 1058 HOH A O   1 
HETATM 1531 O O   . HOH B 2 .   ? -5.86935  -6.02008  11.16081  1.000 55.21327  ? 1059 HOH A O   1 
HETATM 1532 O O   . HOH B 2 .   ? -4.54203  11.11910  -2.42176  1.000 58.59092  ? 1060 HOH A O   1 
HETATM 1533 O O   . HOH B 2 .   ? 11.32476  -3.67840  -5.00359  1.000 64.06677  ? 1061 HOH A O   1 
HETATM 1534 O O   . HOH B 2 .   ? -2.39330  21.80672  3.49941   1.000 72.33791  ? 1062 HOH A O   1 
HETATM 1535 O O   . HOH B 2 .   ? 0.81690   4.06438   17.00359  1.000 47.29227  ? 1063 HOH A O   1 
HETATM 1536 O O   . HOH B 2 .   ? -9.92470  10.94806  16.16587  1.000 54.89798  ? 1064 HOH A O   1 
HETATM 1537 O O   . HOH B 2 .   ? -8.51798  -19.24778 -11.67137 1.000 56.94468  ? 1065 HOH A O   1 
HETATM 1538 O O   . HOH B 2 .   ? 7.45724   -8.91060  -8.97788  1.000 48.98473  ? 1066 HOH A O   1 
HETATM 1539 O O   . HOH B 2 .   ? -5.29622  6.36790   18.83321  1.000 55.65527  ? 1067 HOH A O   1 
HETATM 1540 O O   . HOH B 2 .   ? 5.26431   -25.65721 -13.60722 1.000 64.56754  ? 1068 HOH A O   1 
HETATM 1541 O O   . HOH B 2 .   ? -9.38645  -11.14871 -20.00917 1.000 66.27912  ? 1069 HOH A O   1 
HETATM 1542 O O   . HOH B 2 .   ? -6.10144  -7.38688  3.63857   1.000 53.87261  ? 1070 HOH A O   1 
HETATM 1543 O O   . HOH B 2 .   ? 0.29657   -26.51125 -16.63147 1.000 68.28333  ? 1071 HOH A O   1 
HETATM 1544 O O   . HOH B 2 .   ? -9.14514  -4.21142  8.44392   1.000 55.95189  ? 1072 HOH A O   1 
HETATM 1545 O O   . HOH B 2 .   ? -12.31821 -1.60473  -2.31493  1.000 60.84605  ? 1073 HOH A O   1 
HETATM 1546 O O   . HOH B 2 .   ? -5.40025  -9.28260  2.16300   1.000 51.52927  ? 1074 HOH A O   1 
HETATM 1547 O O   . HOH B 2 .   ? 7.19136   -13.36732 -11.05536 1.000 56.34961  ? 1075 HOH A O   1 
HETATM 1548 O O   . HOH B 2 .   ? -11.70800 -13.86968 -8.41971  1.000 61.66067  ? 1076 HOH A O   1 
HETATM 1549 O O   . HOH B 2 .   ? -5.70204  8.63125   19.31306  1.000 69.46256  ? 1077 HOH A O   1 
HETATM 1550 O O   . HOH B 2 .   ? 7.77441   -10.47915 -11.17791 1.000 64.43589  ? 1078 HOH A O   1 
HETATM 1551 O O   . HOH B 2 .   ? -11.92076 -15.92083 -7.30140  1.000 65.01951  ? 1079 HOH A O   1 
HETATM 1552 O O   . HOH B 2 .   ? -13.09397 -7.08387  -7.14677  1.000 65.45316  ? 1080 HOH A O   1 
HETATM 1553 O O   . HOH B 2 .   ? 10.57914  -1.58036  1.16533   1.000 72.10692  ? 1081 HOH A O   1 
HETATM 1554 O O   . HOH B 2 .   ? 7.61278   -22.76206 -4.44073  1.000 61.64252  ? 1082 HOH A O   1 
HETATM 1555 O O   . HOH B 2 .   ? 11.45941  -5.90582  1.42303   0.50  46.91971  ? 1083 HOH A O   1 
HETATM 1556 O O   . HOH B 2 .   ? -8.21862  -21.65828 -12.78070 1.000 67.38902  ? 1084 HOH A O   1 
HETATM 1557 O O   . HOH B 2 .   ? -13.94375 -9.67198  -4.00271  1.000 66.86172  ? 1085 HOH A O   1 
HETATM 1558 O O   . HOH B 2 .   ? -5.25280  15.06434  -1.81569  1.000 71.85417  ? 1086 HOH A O   1 
HETATM 1559 O O   . HOH B 2 .   ? -10.72099 -18.79120 -13.54583 1.000 68.10825  ? 1087 HOH A O   1 
HETATM 1560 O O   . HOH B 2 .   ? -12.93105 -11.40712 -7.63255  1.000 63.32150  ? 1088 HOH A O   1 
HETATM 1561 O O   . HOH B 2 .   ? -12.22078 -14.38897 -11.11086 1.000 66.25164  ? 1089 HOH A O   1 
# 
loop_
_pdbx_poly_seq_scheme.asym_id 
_pdbx_poly_seq_scheme.entity_id 
_pdbx_poly_seq_scheme.seq_id 
_pdbx_poly_seq_scheme.mon_id 
_pdbx_poly_seq_scheme.ndb_seq_num 
_pdbx_poly_seq_scheme.pdb_seq_num 
_pdbx_poly_seq_scheme.auth_seq_num 
_pdbx_poly_seq_scheme.pdb_mon_id 
_pdbx_poly_seq_scheme.auth_mon_id 
_pdbx_poly_seq_scheme.pdb_strand_id 
_pdbx_poly_seq_scheme.pdb_ins_code 
_pdbx_poly_seq_scheme.hetero 
A 1 1   GLY 1   649 ?   ?   ?   A . n 
A 1 2   SER 2   650 ?   ?   ?   A . n 
A 1 3   SER 3   651 ?   ?   ?   A . n 
A 1 4   ARG 4   652 ?   ?   ?   A . n 
A 1 5   THR 5   653 ?   ?   ?   A . n 
A 1 6   SER 6   654 ?   ?   ?   A . n 
A 1 7   VAL 7   655 ?   ?   ?   A . n 
A 1 8   GLN 8   656 ?   ?   ?   A . n 
A 1 9   THR 9   657 ?   ?   ?   A . n 
A 1 10  GLU 10  658 ?   ?   ?   A . n 
A 1 11  ASP 11  659 ?   ?   ?   A . n 
A 1 12  ASP 12  660 ?   ?   ?   A . n 
A 1 13  GLN 13  661 ?   ?   ?   A . n 
A 1 14  LEU 14  662 ?   ?   ?   A . n 
A 1 15  ILE 15  663 ?   ?   ?   A . n 
A 1 16  ALA 16  664 ?   ?   ?   A . n 
A 1 17  GLY 17  665 ?   ?   ?   A . n 
A 1 18  GLN 18  666 ?   ?   ?   A . n 
A 1 19  SER 19  667 ?   ?   ?   A . n 
A 1 20  ALA 20  668 ?   ?   ?   A . n 
A 1 21  GLY 21  669 ?   ?   ?   A . n 
A 1 22  SER 22  670 670 SER SER A . n 
A 1 23  GLY 23  671 671 GLY GLY A . n 
A 1 24  SER 24  672 672 SER SER A . n 
A 1 25  ALA 25  673 673 ALA ALA A . n 
A 1 26  GLN 26  674 674 GLN GLN A . n 
A 1 27  LEU 27  675 675 LEU LEU A . n 
A 1 28  PRO 28  676 676 PRO PRO A . n 
A 1 29  GLN 29  677 677 GLN GLN A . n 
A 1 30  GLU 30  678 678 GLU GLU A . n 
A 1 31  GLU 31  679 679 GLU GLU A . n 
A 1 32  LYS 32  680 680 LYS LYS A . n 
A 1 33  ALA 33  681 681 ALA ALA A . n 
A 1 34  LYS 34  682 682 LYS LYS A . n 
A 1 35  ILE 35  683 683 ILE ILE A . n 
A 1 36  ALA 36  684 684 ALA ALA A . n 
A 1 37  GLU 37  685 685 GLU GLU A . n 
A 1 38  GLN 38  686 686 GLN GLN A . n 
A 1 39  VAL 39  687 687 VAL VAL A . n 
A 1 40  GLU 40  688 688 GLU GLU A . n 
A 1 41  ILE 41  689 689 ILE ILE A . n 
A 1 42  PHE 42  690 690 PHE PHE A . n 
A 1 43  HIS 43  691 691 HIS HIS A . n 
A 1 44  GLN 44  692 692 GLN GLN A . n 
A 1 45  GLU 45  693 693 GLU GLU A . n 
A 1 46  LYS 46  694 694 LYS LYS A . n 
A 1 47  SER 47  695 695 SER SER A . n 
A 1 48  LYS 48  696 696 LYS LYS A . n 
A 1 49  LEU 49  697 697 LEU LEU A . n 
A 1 50  ASP 50  698 698 ASP ASP A . n 
A 1 51  ALA 51  699 699 ALA ALA A . n 
A 1 52  GLU 52  700 700 GLU GLU A . n 
A 1 53  VAL 53  701 701 VAL VAL A . n 
A 1 54  ALA 54  702 702 ALA ALA A . n 
A 1 55  LYS 55  703 703 LYS LYS A . n 
A 1 56  TRP 56  704 704 TRP TRP A . n 
A 1 57  ASP 57  705 705 ASP ASP A . n 
A 1 58  ASP 58  706 706 ASP ASP A . n 
A 1 59  SER 59  707 707 SER SER A . n 
A 1 60  GLY 60  708 708 GLY GLY A . n 
A 1 61  ASN 61  709 709 ASN ASN A . n 
A 1 62  ASP 62  710 710 ASP ASP A . n 
A 1 63  ILE 63  711 711 ILE ILE A . n 
A 1 64  ILE 64  712 712 ILE ILE A . n 
A 1 65  VAL 65  713 713 VAL VAL A . n 
A 1 66  LEU 66  714 714 LEU LEU A . n 
A 1 67  ALA 67  715 715 ALA ALA A . n 
A 1 68  LYS 68  716 716 LYS LYS A . n 
A 1 69  GLN 69  717 717 GLN GLN A . n 
A 1 70  MET 70  718 718 MET MET A . n 
A 1 71  CYS 71  719 719 CYS CYS A . n 
A 1 72  MET 72  720 720 MET MET A . n 
A 1 73  ILE 73  721 721 ILE ILE A . n 
A 1 74  MET 74  722 722 MET MET A . n 
A 1 75  MET 75  723 723 MET MET A . n 
A 1 76  GLU 76  724 724 GLU GLU A . n 
A 1 77  MET 77  725 725 MET MET A . n 
A 1 78  THR 78  726 726 THR THR A . n 
A 1 79  ASP 79  727 727 ASP ASP A . n 
A 1 80  PHE 80  728 728 PHE PHE A . n 
A 1 81  THR 81  729 729 THR THR A . n 
A 1 82  ARG 82  730 730 ARG ARG A . n 
A 1 83  GLY 83  731 731 GLY GLY A . n 
A 1 84  LYS 84  732 732 LYS LYS A . n 
A 1 85  GLY 85  733 733 GLY GLY A . n 
A 1 86  PRO 86  734 734 PRO PRO A . n 
A 1 87  LEU 87  735 735 LEU LEU A . n 
A 1 88  LYS 88  736 736 LYS LYS A . n 
A 1 89  ASN 89  737 737 ASN ASN A . n 
A 1 90  THR 90  738 738 THR THR A . n 
A 1 91  SER 91  739 739 SER SER A . n 
A 1 92  ASP 92  740 740 ASP ASP A . n 
A 1 93  VAL 93  741 741 VAL VAL A . n 
A 1 94  ILE 94  742 742 ILE ILE A . n 
A 1 95  ASN 95  743 743 ASN ASN A . n 
A 1 96  ALA 96  744 744 ALA ALA A . n 
A 1 97  ALA 97  745 745 ALA ALA A . n 
A 1 98  LYS 98  746 746 LYS LYS A . n 
A 1 99  LYS 99  747 747 LYS LYS A . n 
A 1 100 ILE 100 748 748 ILE ILE A . n 
A 1 101 ALA 101 749 749 ALA ALA A . n 
A 1 102 GLU 102 750 750 GLU GLU A . n 
A 1 103 ALA 103 751 751 ALA ALA A . n 
A 1 104 GLY 104 752 752 GLY GLY A . n 
A 1 105 SER 105 753 753 SER SER A . n 
A 1 106 ARG 106 754 754 ARG ARG A . n 
A 1 107 MET 107 755 755 MET MET A . n 
A 1 108 ASP 108 756 756 ASP ASP A . n 
A 1 109 LYS 109 757 757 LYS LYS A . n 
A 1 110 LEU 110 758 758 LEU LEU A . n 
A 1 111 ALA 111 759 759 ALA ALA A . n 
A 1 112 ARG 112 760 760 ARG ARG A . n 
A 1 113 ALA 113 761 761 ALA ALA A . n 
A 1 114 VAL 114 762 762 VAL VAL A . n 
A 1 115 ALA 115 763 763 ALA ALA A . n 
A 1 116 ASP 116 764 764 ASP ASP A . n 
A 1 117 GLN 117 765 765 GLN GLN A . n 
A 1 118 CYS 118 766 766 CYS CYS A . n 
A 1 119 PRO 119 767 767 PRO PRO A . n 
A 1 120 ASP 120 768 768 ASP ASP A . n 
A 1 121 SER 121 769 769 SER SER A . n 
A 1 122 ALA 122 770 770 ALA ALA A . n 
A 1 123 CYS 123 771 771 CYS CYS A . n 
A 1 124 LYS 124 772 772 LYS LYS A . n 
A 1 125 GLN 125 773 773 GLN GLN A . n 
A 1 126 ASP 126 774 774 ASP ASP A . n 
A 1 127 LEU 127 775 775 LEU LEU A . n 
A 1 128 LEU 128 776 776 LEU LEU A . n 
A 1 129 ALA 129 777 777 ALA ALA A . n 
A 1 130 TYR 130 778 778 TYR TYR A . n 
A 1 131 LEU 131 779 779 LEU LEU A . n 
A 1 132 GLN 132 780 780 GLN GLN A . n 
A 1 133 ARG 133 781 781 ARG ARG A . n 
A 1 134 ILE 134 782 782 ILE ILE A . n 
A 1 135 ALA 135 783 783 ALA ALA A . n 
A 1 136 LEU 136 784 784 LEU LEU A . n 
A 1 137 TYR 137 785 785 TYR TYR A . n 
A 1 138 CYS 138 786 786 CYS CYS A . n 
A 1 139 HIS 139 787 787 HIS HIS A . n 
A 1 140 GLN 140 788 788 GLN GLN A . n 
A 1 141 LEU 141 789 789 LEU LEU A . n 
A 1 142 ASN 142 790 790 ASN ASN A . n 
A 1 143 ILE 143 791 791 ILE ILE A . n 
A 1 144 CYS 144 792 792 CYS CYS A . n 
A 1 145 SER 145 793 793 SER SER A . n 
A 1 146 LYS 146 794 794 LYS LYS A . n 
A 1 147 VAL 147 795 795 VAL VAL A . n 
A 1 148 LYS 148 796 796 LYS LYS A . n 
A 1 149 ALA 149 797 797 ALA ALA A . n 
A 1 150 GLU 150 798 798 GLU GLU A . n 
A 1 151 VAL 151 799 799 VAL VAL A . n 
A 1 152 GLN 152 800 800 GLN GLN A . n 
A 1 153 ASN 153 801 801 ASN ASN A . n 
A 1 154 LEU 154 802 802 LEU LEU A . n 
A 1 155 GLY 155 803 803 GLY GLY A . n 
A 1 156 GLY 156 804 804 GLY GLY A . n 
A 1 157 GLU 157 805 805 GLU GLU A . n 
A 1 158 LEU 158 806 806 LEU LEU A . n 
A 1 159 ILE 159 807 807 ILE ILE A . n 
A 1 160 VAL 160 808 808 VAL VAL A . n 
A 1 161 SER 161 809 809 SER SER A . n 
A 1 162 GLY 162 810 810 GLY GLY A . n 
A 1 163 LEU 163 811 811 LEU LEU A . n 
A 1 164 ASP 164 812 812 ASP ASP A . n 
A 1 165 SER 165 813 813 SER SER A . n 
A 1 166 ALA 166 814 814 ALA ALA A . n 
A 1 167 THR 167 815 815 THR THR A . n 
A 1 168 SER 168 816 816 SER SER A . n 
A 1 169 LEU 169 817 817 LEU LEU A . n 
A 1 170 ILE 170 818 818 ILE ILE A . n 
A 1 171 GLN 171 819 819 GLN GLN A . n 
A 1 172 ALA 172 820 820 ALA ALA A . n 
A 1 173 ALA 173 821 821 ALA ALA A . n 
A 1 174 LYS 174 822 822 LYS LYS A . n 
A 1 175 ASN 175 823 823 ASN ASN A . n 
A 1 176 LEU 176 824 824 LEU LEU A . n 
A 1 177 MET 177 825 825 MET MET A . n 
A 1 178 ASN 178 826 826 ASN ASN A . n 
A 1 179 ALA 179 827 827 ALA ALA A . n 
A 1 180 VAL 180 828 828 VAL VAL A . n 
A 1 181 VAL 181 829 829 VAL VAL A . n 
A 1 182 LEU 182 830 830 LEU LEU A . n 
A 1 183 THR 183 831 831 THR THR A . n 
A 1 184 VAL 184 832 832 VAL VAL A . n 
A 1 185 LYS 185 833 833 LYS LYS A . n 
A 1 186 ALA 186 834 834 ALA ALA A . n 
A 1 187 SER 187 835 835 SER SER A . n 
A 1 188 TYR 188 836 836 TYR TYR A . n 
A 1 189 VAL 189 837 837 VAL VAL A . n 
A 1 190 ALA 190 838 838 ALA ALA A . n 
A 1 191 SER 191 839 839 SER SER A . n 
A 1 192 THR 192 840 840 THR THR A . n 
A 1 193 LYS 193 841 841 LYS LYS A . n 
A 1 194 TYR 194 842 842 TYR TYR A . n 
A 1 195 GLN 195 843 843 GLN GLN A . n 
A 1 196 LYS 196 844 844 LYS LYS A . n 
A 1 197 VAL 197 845 845 VAL VAL A . n 
A 1 198 TYR 198 846 846 TYR TYR A . n 
A 1 199 GLY 199 847 847 GLY GLY A . n 
A 1 200 THR 200 848 848 THR THR A . n 
A 1 201 ALA 201 849 849 ALA ALA A . n 
A 1 202 ALA 202 850 850 ALA ALA A . n 
A 1 203 VAL 203 851 851 VAL VAL A . n 
A 1 204 ASN 204 852 852 ASN ASN A . n 
A 1 205 SER 205 853 853 SER SER A . n 
A 1 206 PRO 206 854 854 PRO PRO A . n 
A 1 207 VAL 207 855 855 VAL VAL A . n 
A 1 208 VAL 208 856 856 VAL VAL A . n 
A 1 209 SER 209 857 857 SER SER A . n 
A 1 210 TRP 210 858 858 TRP TRP A . n 
A 1 211 LYS 211 859 859 LYS LYS A . n 
A 1 212 MET 212 860 860 MET MET A . n 
A 1 213 LYS 213 861 861 LYS LYS A . n 
A 1 214 ALA 214 862 ?   ?   ?   A . n 
A 1 215 PRO 215 863 ?   ?   ?   A . n 
A 1 216 GLU 216 864 ?   ?   ?   A . n 
A 1 217 LYS 217 865 ?   ?   ?   A . n 
A 1 218 LYS 218 866 ?   ?   ?   A . n 
A 1 219 PRO 219 867 ?   ?   ?   A . n 
A 1 220 LEU 220 868 ?   ?   ?   A . n 
A 1 221 VAL 221 869 ?   ?   ?   A . n 
A 1 222 LYS 222 870 ?   ?   ?   A . n 
A 1 223 ARG 223 871 ?   ?   ?   A . n 
A 1 224 GLU 224 872 ?   ?   ?   A . n 
A 1 225 LYS 225 873 ?   ?   ?   A . n 
A 1 226 PRO 226 874 ?   ?   ?   A . n 
A 1 227 GLU 227 875 ?   ?   ?   A . n 
A 1 228 GLU 228 876 ?   ?   ?   A . n 
A 1 229 PHE 229 877 ?   ?   ?   A . n 
A 1 230 GLN 230 878 ?   ?   ?   A . n 
A 1 231 THR 231 879 ?   ?   ?   A . n 
A 1 232 ARG 232 880 ?   ?   ?   A . n 
A 1 233 VAL 233 881 ?   ?   ?   A . n 
A 1 234 ARG 234 882 ?   ?   ?   A . n 
A 1 235 ARG 235 883 ?   ?   ?   A . n 
A 1 236 GLY 236 884 ?   ?   ?   A . n 
A 1 237 SER 237 885 ?   ?   ?   A . n 
A 1 238 GLN 238 886 ?   ?   ?   A . n 
A 1 239 LYS 239 887 ?   ?   ?   A . n 
A 1 240 LYS 240 888 ?   ?   ?   A . n 
A 1 241 HIS 241 889 ?   ?   ?   A . n 
A 1 242 ILE 242 890 ?   ?   ?   A . n 
A 1 243 SER 243 891 ?   ?   ?   A . n 
A 1 244 PRO 244 892 ?   ?   ?   A . n 
A 1 245 VAL 245 893 ?   ?   ?   A . n 
A 1 246 GLN 246 894 ?   ?   ?   A . n 
A 1 247 ALA 247 895 ?   ?   ?   A . n 
A 1 248 LEU 248 896 ?   ?   ?   A . n 
A 1 249 SER 249 897 ?   ?   ?   A . n 
A 1 250 GLU 250 898 ?   ?   ?   A . n 
A 1 251 PHE 251 899 ?   ?   ?   A . n 
A 1 252 LYS 252 900 ?   ?   ?   A . n 
A 1 253 ALA 253 901 ?   ?   ?   A . n 
A 1 254 MET 254 902 ?   ?   ?   A . n 
A 1 255 ASP 255 903 ?   ?   ?   A . n 
A 1 256 SER 256 904 ?   ?   ?   A . n 
A 1 257 PHE 257 905 ?   ?   ?   A . n 
# 
loop_
_pdbx_nonpoly_scheme.asym_id 
_pdbx_nonpoly_scheme.entity_id 
_pdbx_nonpoly_scheme.mon_id 
_pdbx_nonpoly_scheme.ndb_seq_num 
_pdbx_nonpoly_scheme.pdb_seq_num 
_pdbx_nonpoly_scheme.auth_seq_num 
_pdbx_nonpoly_scheme.pdb_mon_id 
_pdbx_nonpoly_scheme.auth_mon_id 
_pdbx_nonpoly_scheme.pdb_strand_id 
_pdbx_nonpoly_scheme.pdb_ins_code 
B 2 HOH 1  1001 44 HOH HOH A . 
B 2 HOH 2  1002 67 HOH HOH A . 
B 2 HOH 3  1003 69 HOH HOH A . 
B 2 HOH 4  1004 39 HOH HOH A . 
B 2 HOH 5  1005 24 HOH HOH A . 
B 2 HOH 6  1006 70 HOH HOH A . 
B 2 HOH 7  1007 72 HOH HOH A . 
B 2 HOH 8  1008 50 HOH HOH A . 
B 2 HOH 9  1009 60 HOH HOH A . 
B 2 HOH 10 1010 83 HOH HOH A . 
B 2 HOH 11 1011 74 HOH HOH A . 
B 2 HOH 12 1012 86 HOH HOH A . 
B 2 HOH 13 1013 10 HOH HOH A . 
B 2 HOH 14 1014 34 HOH HOH A . 
B 2 HOH 15 1015 9  HOH HOH A . 
B 2 HOH 16 1016 26 HOH HOH A . 
B 2 HOH 17 1017 1  HOH HOH A . 
B 2 HOH 18 1018 25 HOH HOH A . 
B 2 HOH 19 1019 21 HOH HOH A . 
B 2 HOH 20 1020 5  HOH HOH A . 
B 2 HOH 21 1021 55 HOH HOH A . 
B 2 HOH 22 1022 77 HOH HOH A . 
B 2 HOH 23 1023 42 HOH HOH A . 
B 2 HOH 24 1024 8  HOH HOH A . 
B 2 HOH 25 1025 13 HOH HOH A . 
B 2 HOH 26 1026 32 HOH HOH A . 
B 2 HOH 27 1027 15 HOH HOH A . 
B 2 HOH 28 1028 36 HOH HOH A . 
B 2 HOH 29 1029 4  HOH HOH A . 
B 2 HOH 30 1030 29 HOH HOH A . 
B 2 HOH 31 1031 17 HOH HOH A . 
B 2 HOH 32 1032 6  HOH HOH A . 
B 2 HOH 33 1033 59 HOH HOH A . 
B 2 HOH 34 1034 56 HOH HOH A . 
B 2 HOH 35 1035 11 HOH HOH A . 
B 2 HOH 36 1036 23 HOH HOH A . 
B 2 HOH 37 1037 2  HOH HOH A . 
B 2 HOH 38 1038 3  HOH HOH A . 
B 2 HOH 39 1039 18 HOH HOH A . 
B 2 HOH 40 1040 12 HOH HOH A . 
B 2 HOH 41 1041 35 HOH HOH A . 
B 2 HOH 42 1042 51 HOH HOH A . 
B 2 HOH 43 1043 80 HOH HOH A . 
B 2 HOH 44 1044 87 HOH HOH A . 
B 2 HOH 45 1045 27 HOH HOH A . 
B 2 HOH 46 1046 52 HOH HOH A . 
B 2 HOH 47 1047 14 HOH HOH A . 
B 2 HOH 48 1048 62 HOH HOH A . 
B 2 HOH 49 1049 22 HOH HOH A . 
B 2 HOH 50 1050 7  HOH HOH A . 
B 2 HOH 51 1051 46 HOH HOH A . 
B 2 HOH 52 1052 28 HOH HOH A . 
B 2 HOH 53 1053 31 HOH HOH A . 
B 2 HOH 54 1054 20 HOH HOH A . 
B 2 HOH 55 1055 71 HOH HOH A . 
B 2 HOH 56 1056 38 HOH HOH A . 
B 2 HOH 57 1057 61 HOH HOH A . 
B 2 HOH 58 1058 64 HOH HOH A . 
B 2 HOH 59 1059 66 HOH HOH A . 
B 2 HOH 60 1060 19 HOH HOH A . 
B 2 HOH 61 1061 84 HOH HOH A . 
B 2 HOH 62 1062 89 HOH HOH A . 
B 2 HOH 63 1063 47 HOH HOH A . 
B 2 HOH 64 1064 58 HOH HOH A . 
B 2 HOH 65 1065 30 HOH HOH A . 
B 2 HOH 66 1066 33 HOH HOH A . 
B 2 HOH 67 1067 73 HOH HOH A . 
B 2 HOH 68 1068 37 HOH HOH A . 
B 2 HOH 69 1069 63 HOH HOH A . 
B 2 HOH 70 1070 65 HOH HOH A . 
B 2 HOH 71 1071 88 HOH HOH A . 
B 2 HOH 72 1072 75 HOH HOH A . 
B 2 HOH 73 1073 54 HOH HOH A . 
B 2 HOH 74 1074 68 HOH HOH A . 
B 2 HOH 75 1075 49 HOH HOH A . 
B 2 HOH 76 1076 40 HOH HOH A . 
B 2 HOH 77 1077 78 HOH HOH A . 
B 2 HOH 78 1078 48 HOH HOH A . 
B 2 HOH 79 1079 41 HOH HOH A . 
B 2 HOH 80 1080 43 HOH HOH A . 
B 2 HOH 81 1081 85 HOH HOH A . 
B 2 HOH 82 1082 76 HOH HOH A . 
B 2 HOH 83 1083 16 HOH HOH A . 
B 2 HOH 84 1084 57 HOH HOH A . 
B 2 HOH 85 1085 79 HOH HOH A . 
B 2 HOH 86 1086 81 HOH HOH A . 
B 2 HOH 87 1087 82 HOH HOH A . 
B 2 HOH 88 1088 45 HOH HOH A . 
B 2 HOH 89 1089 53 HOH HOH A . 
# 
_pdbx_struct_assembly.id                   1 
_pdbx_struct_assembly.details              author_and_software_defined_assembly 
_pdbx_struct_assembly.method_details       PISA 
_pdbx_struct_assembly.oligomeric_details   dimeric 
_pdbx_struct_assembly.oligomeric_count     2 
# 
_pdbx_struct_assembly_gen.assembly_id       1 
_pdbx_struct_assembly_gen.oper_expression   1,2 
_pdbx_struct_assembly_gen.asym_id_list      A,B 
# 
loop_
_pdbx_struct_assembly_prop.biol_id 
_pdbx_struct_assembly_prop.type 
_pdbx_struct_assembly_prop.value 
_pdbx_struct_assembly_prop.details 
1 'ABSA (A^2)' 2910  ? 
1 MORE         -13   ? 
1 'SSA (A^2)'  17990 ? 
# 
loop_
_pdbx_struct_oper_list.id 
_pdbx_struct_oper_list.type 
_pdbx_struct_oper_list.name 
_pdbx_struct_oper_list.symmetry_operation 
_pdbx_struct_oper_list.matrix[1][1] 
_pdbx_struct_oper_list.matrix[1][2] 
_pdbx_struct_oper_list.matrix[1][3] 
_pdbx_struct_oper_list.vector[1] 
_pdbx_struct_oper_list.matrix[2][1] 
_pdbx_struct_oper_list.matrix[2][2] 
_pdbx_struct_oper_list.matrix[2][3] 
_pdbx_struct_oper_list.vector[2] 
_pdbx_struct_oper_list.matrix[3][1] 
_pdbx_struct_oper_list.matrix[3][2] 
_pdbx_struct_oper_list.matrix[3][3] 
_pdbx_struct_oper_list.vector[3] 
1 'identity operation'         1_555  x,y,z        1.0000000000  0.0000000000 0.0000000000  0.0000000000   0.0000000000 1.0000000000 0.0000000000  0.0000000000  0.0000000000  0.0000000000  1.0000000000  0.0000000000  
2 'crystal symmetry operation' 10_555 -y,-x,-z+1/6 -0.1567981438 0.9868909466 -0.0382178176 -12.0905270662 0.9868909466 0.1550659352 -0.0447304734 12.0946618056 -0.0382178176 -0.0447304734 -0.9982677913 45.5640191592 
# 
_pdbx_struct_special_symmetry.id              1 
_pdbx_struct_special_symmetry.PDB_model_num   1 
_pdbx_struct_special_symmetry.auth_asym_id    A 
_pdbx_struct_special_symmetry.auth_comp_id    HOH 
_pdbx_struct_special_symmetry.auth_seq_id     1083 
_pdbx_struct_special_symmetry.PDB_ins_code    ? 
_pdbx_struct_special_symmetry.label_asym_id   B 
_pdbx_struct_special_symmetry.label_comp_id   HOH 
_pdbx_struct_special_symmetry.label_seq_id    . 
# 
loop_
_pdbx_audit_revision_history.ordinal 
_pdbx_audit_revision_history.data_content_type 
_pdbx_audit_revision_history.major_revision 
_pdbx_audit_revision_history.minor_revision 
_pdbx_audit_revision_history.revision_date 
1 'Structure model' 1 0 2018-12-19 
2 'Structure model' 1 1 2020-01-08 
3 'Structure model' 1 2 2023-10-11 
# 
_pdbx_audit_revision_details.ordinal             1 
_pdbx_audit_revision_details.revision_ordinal    1 
_pdbx_audit_revision_details.data_content_type   'Structure model' 
_pdbx_audit_revision_details.provider            repository 
_pdbx_audit_revision_details.type                'Initial release' 
_pdbx_audit_revision_details.description         ? 
_pdbx_audit_revision_details.details             ? 
# 
loop_
_pdbx_audit_revision_group.ordinal 
_pdbx_audit_revision_group.revision_ordinal 
_pdbx_audit_revision_group.data_content_type 
_pdbx_audit_revision_group.group 
1 2 'Structure model' 'Author supporting evidence' 
2 3 'Structure model' 'Data collection'            
3 3 'Structure model' 'Database references'        
4 3 'Structure model' 'Refinement description'     
# 
loop_
_pdbx_audit_revision_category.ordinal 
_pdbx_audit_revision_category.revision_ordinal 
_pdbx_audit_revision_category.data_content_type 
_pdbx_audit_revision_category.category 
1 2 'Structure model' pdbx_audit_support            
2 3 'Structure model' chem_comp_atom                
3 3 'Structure model' chem_comp_bond                
4 3 'Structure model' database_2                    
5 3 'Structure model' pdbx_initial_refinement_model 
# 
loop_
_pdbx_audit_revision_item.ordinal 
_pdbx_audit_revision_item.revision_ordinal 
_pdbx_audit_revision_item.data_content_type 
_pdbx_audit_revision_item.item 
1 2 'Structure model' '_pdbx_audit_support.funding_organization' 
2 3 'Structure model' '_database_2.pdbx_DOI'                     
3 3 'Structure model' '_database_2.pdbx_database_accession'      
# 
loop_
_space_group_symop.id 
_space_group_symop.operation_xyz 
1  x,y,z          
2  x-y,x,z+5/6    
3  y,-x+y,z+1/6   
4  -y,x-y,z+2/3   
5  -x+y,-x,z+1/3  
6  x-y,-y,-z      
7  -x,-x+y,-z+1/3 
8  -x,-y,z+1/2    
9  y,x,-z+2/3     
10 -y,-x,-z+1/6   
11 -x+y,y,-z+1/2  
12 x,x-y,-z+5/6   
# 
loop_
_software.citation_id 
_software.classification 
_software.compiler_name 
_software.compiler_version 
_software.contact_author 
_software.contact_author_email 
_software.date 
_software.description 
_software.dependencies 
_software.hardware 
_software.language 
_software.location 
_software.mods 
_software.name 
_software.os 
_software.os_version 
_software.type 
_software.version 
_software.pdbx_ordinal 
? refinement       ? ? ? ? ? ? ? ? ? ? ? PHENIX    ? ? ? 1.13_2998 1 
? 'data reduction' ? ? ? ? ? ? ? ? ? ? ? HKL-2000  ? ? ? .         2 
? 'data scaling'   ? ? ? ? ? ? ? ? ? ? ? SCALEPACK ? ? ? .         3 
? phasing          ? ? ? ? ? ? ? ? ? ? ? PHASER    ? ? ? .         4 
# 
loop_
_pdbx_validate_close_contact.id 
_pdbx_validate_close_contact.PDB_model_num 
_pdbx_validate_close_contact.auth_atom_id_1 
_pdbx_validate_close_contact.auth_asym_id_1 
_pdbx_validate_close_contact.auth_comp_id_1 
_pdbx_validate_close_contact.auth_seq_id_1 
_pdbx_validate_close_contact.PDB_ins_code_1 
_pdbx_validate_close_contact.label_alt_id_1 
_pdbx_validate_close_contact.auth_atom_id_2 
_pdbx_validate_close_contact.auth_asym_id_2 
_pdbx_validate_close_contact.auth_comp_id_2 
_pdbx_validate_close_contact.auth_seq_id_2 
_pdbx_validate_close_contact.PDB_ins_code_2 
_pdbx_validate_close_contact.label_alt_id_2 
_pdbx_validate_close_contact.dist 
1 1 NE2 A GLN 773  ? ? O A HOH 1001 ? ? 1.96 
2 1 O   A SER 670  ? ? O A HOH 1002 ? ? 2.01 
3 1 N   A GLY 803  ? ? O A HOH 1003 ? ? 2.06 
4 1 O   A HOH 1011 ? ? O A HOH 1081 ? ? 2.06 
5 1 O   A LYS 680  ? ? O A HOH 1004 ? ? 2.12 
6 1 OD2 A ASP 764  ? ? O A HOH 1005 ? ? 2.15 
# 
_pdbx_validate_symm_contact.id                1 
_pdbx_validate_symm_contact.PDB_model_num     1 
_pdbx_validate_symm_contact.auth_atom_id_1    O 
_pdbx_validate_symm_contact.auth_asym_id_1    A 
_pdbx_validate_symm_contact.auth_comp_id_1    HOH 
_pdbx_validate_symm_contact.auth_seq_id_1     1030 
_pdbx_validate_symm_contact.PDB_ins_code_1    ? 
_pdbx_validate_symm_contact.label_alt_id_1    ? 
_pdbx_validate_symm_contact.site_symmetry_1   1_555 
_pdbx_validate_symm_contact.auth_atom_id_2    O 
_pdbx_validate_symm_contact.auth_asym_id_2    A 
_pdbx_validate_symm_contact.auth_comp_id_2    HOH 
_pdbx_validate_symm_contact.auth_seq_id_2     1030 
_pdbx_validate_symm_contact.PDB_ins_code_2    ? 
_pdbx_validate_symm_contact.label_alt_id_2    ? 
_pdbx_validate_symm_contact.site_symmetry_2   10_445 
_pdbx_validate_symm_contact.dist              1.97 
# 
_pdbx_validate_torsion.id              1 
_pdbx_validate_torsion.PDB_model_num   1 
_pdbx_validate_torsion.auth_comp_id    VAL 
_pdbx_validate_torsion.auth_asym_id    A 
_pdbx_validate_torsion.auth_seq_id     795 
_pdbx_validate_torsion.PDB_ins_code    ? 
_pdbx_validate_torsion.label_alt_id    ? 
_pdbx_validate_torsion.phi             30.52 
_pdbx_validate_torsion.psi             61.10 
# 
loop_
_pdbx_unobs_or_zero_occ_residues.id 
_pdbx_unobs_or_zero_occ_residues.PDB_model_num 
_pdbx_unobs_or_zero_occ_residues.polymer_flag 
_pdbx_unobs_or_zero_occ_residues.occupancy_flag 
_pdbx_unobs_or_zero_occ_residues.auth_asym_id 
_pdbx_unobs_or_zero_occ_residues.auth_comp_id 
_pdbx_unobs_or_zero_occ_residues.auth_seq_id 
_pdbx_unobs_or_zero_occ_residues.PDB_ins_code 
_pdbx_unobs_or_zero_occ_residues.label_asym_id 
_pdbx_unobs_or_zero_occ_residues.label_comp_id 
_pdbx_unobs_or_zero_occ_residues.label_seq_id 
1  1 Y 1 A GLY 649 ? A GLY 1   
2  1 Y 1 A SER 650 ? A SER 2   
3  1 Y 1 A SER 651 ? A SER 3   
4  1 Y 1 A ARG 652 ? A ARG 4   
5  1 Y 1 A THR 653 ? A THR 5   
6  1 Y 1 A SER 654 ? A SER 6   
7  1 Y 1 A VAL 655 ? A VAL 7   
8  1 Y 1 A GLN 656 ? A GLN 8   
9  1 Y 1 A THR 657 ? A THR 9   
10 1 Y 1 A GLU 658 ? A GLU 10  
11 1 Y 1 A ASP 659 ? A ASP 11  
12 1 Y 1 A ASP 660 ? A ASP 12  
13 1 Y 1 A GLN 661 ? A GLN 13  
14 1 Y 1 A LEU 662 ? A LEU 14  
15 1 Y 1 A ILE 663 ? A ILE 15  
16 1 Y 1 A ALA 664 ? A ALA 16  
17 1 Y 1 A GLY 665 ? A GLY 17  
18 1 Y 1 A GLN 666 ? A GLN 18  
19 1 Y 1 A SER 667 ? A SER 19  
20 1 Y 1 A ALA 668 ? A ALA 20  
21 1 Y 1 A GLY 669 ? A GLY 21  
22 1 Y 1 A ALA 862 ? A ALA 214 
23 1 Y 1 A PRO 863 ? A PRO 215 
24 1 Y 1 A GLU 864 ? A GLU 216 
25 1 Y 1 A LYS 865 ? A LYS 217 
26 1 Y 1 A LYS 866 ? A LYS 218 
27 1 Y 1 A PRO 867 ? A PRO 219 
28 1 Y 1 A LEU 868 ? A LEU 220 
29 1 Y 1 A VAL 869 ? A VAL 221 
30 1 Y 1 A LYS 870 ? A LYS 222 
31 1 Y 1 A ARG 871 ? A ARG 223 
32 1 Y 1 A GLU 872 ? A GLU 224 
33 1 Y 1 A LYS 873 ? A LYS 225 
34 1 Y 1 A PRO 874 ? A PRO 226 
35 1 Y 1 A GLU 875 ? A GLU 227 
36 1 Y 1 A GLU 876 ? A GLU 228 
37 1 Y 1 A PHE 877 ? A PHE 229 
38 1 Y 1 A GLN 878 ? A GLN 230 
39 1 Y 1 A THR 879 ? A THR 231 
40 1 Y 1 A ARG 880 ? A ARG 232 
41 1 Y 1 A VAL 881 ? A VAL 233 
42 1 Y 1 A ARG 882 ? A ARG 234 
43 1 Y 1 A ARG 883 ? A ARG 235 
44 1 Y 1 A GLY 884 ? A GLY 236 
45 1 Y 1 A SER 885 ? A SER 237 
46 1 Y 1 A GLN 886 ? A GLN 238 
47 1 Y 1 A LYS 887 ? A LYS 239 
48 1 Y 1 A LYS 888 ? A LYS 240 
49 1 Y 1 A HIS 889 ? A HIS 241 
50 1 Y 1 A ILE 890 ? A ILE 242 
51 1 Y 1 A SER 891 ? A SER 243 
52 1 Y 1 A PRO 892 ? A PRO 244 
53 1 Y 1 A VAL 893 ? A VAL 245 
54 1 Y 1 A GLN 894 ? A GLN 246 
55 1 Y 1 A ALA 895 ? A ALA 247 
56 1 Y 1 A LEU 896 ? A LEU 248 
57 1 Y 1 A SER 897 ? A SER 249 
58 1 Y 1 A GLU 898 ? A GLU 250 
59 1 Y 1 A PHE 899 ? A PHE 251 
60 1 Y 1 A LYS 900 ? A LYS 252 
61 1 Y 1 A ALA 901 ? A ALA 253 
62 1 Y 1 A MET 902 ? A MET 254 
63 1 Y 1 A ASP 903 ? A ASP 255 
64 1 Y 1 A SER 904 ? A SER 256 
65 1 Y 1 A PHE 905 ? A PHE 257 
# 
loop_
_chem_comp_atom.comp_id 
_chem_comp_atom.atom_id 
_chem_comp_atom.type_symbol 
_chem_comp_atom.pdbx_aromatic_flag 
_chem_comp_atom.pdbx_stereo_config 
_chem_comp_atom.pdbx_ordinal 
ALA N    N N N 1   
ALA CA   C N S 2   
ALA C    C N N 3   
ALA O    O N N 4   
ALA CB   C N N 5   
ALA OXT  O N N 6   
ALA H    H N N 7   
ALA H2   H N N 8   
ALA HA   H N N 9   
ALA HB1  H N N 10  
ALA HB2  H N N 11  
ALA HB3  H N N 12  
ALA HXT  H N N 13  
ARG N    N N N 14  
ARG CA   C N S 15  
ARG C    C N N 16  
ARG O    O N N 17  
ARG CB   C N N 18  
ARG CG   C N N 19  
ARG CD   C N N 20  
ARG NE   N N N 21  
ARG CZ   C N N 22  
ARG NH1  N N N 23  
ARG NH2  N N N 24  
ARG OXT  O N N 25  
ARG H    H N N 26  
ARG H2   H N N 27  
ARG HA   H N N 28  
ARG HB2  H N N 29  
ARG HB3  H N N 30  
ARG HG2  H N N 31  
ARG HG3  H N N 32  
ARG HD2  H N N 33  
ARG HD3  H N N 34  
ARG HE   H N N 35  
ARG HH11 H N N 36  
ARG HH12 H N N 37  
ARG HH21 H N N 38  
ARG HH22 H N N 39  
ARG HXT  H N N 40  
ASN N    N N N 41  
ASN CA   C N S 42  
ASN C    C N N 43  
ASN O    O N N 44  
ASN CB   C N N 45  
ASN CG   C N N 46  
ASN OD1  O N N 47  
ASN ND2  N N N 48  
ASN OXT  O N N 49  
ASN H    H N N 50  
ASN H2   H N N 51  
ASN HA   H N N 52  
ASN HB2  H N N 53  
ASN HB3  H N N 54  
ASN HD21 H N N 55  
ASN HD22 H N N 56  
ASN HXT  H N N 57  
ASP N    N N N 58  
ASP CA   C N S 59  
ASP C    C N N 60  
ASP O    O N N 61  
ASP CB   C N N 62  
ASP CG   C N N 63  
ASP OD1  O N N 64  
ASP OD2  O N N 65  
ASP OXT  O N N 66  
ASP H    H N N 67  
ASP H2   H N N 68  
ASP HA   H N N 69  
ASP HB2  H N N 70  
ASP HB3  H N N 71  
ASP HD2  H N N 72  
ASP HXT  H N N 73  
CYS N    N N N 74  
CYS CA   C N R 75  
CYS C    C N N 76  
CYS O    O N N 77  
CYS CB   C N N 78  
CYS SG   S N N 79  
CYS OXT  O N N 80  
CYS H    H N N 81  
CYS H2   H N N 82  
CYS HA   H N N 83  
CYS HB2  H N N 84  
CYS HB3  H N N 85  
CYS HG   H N N 86  
CYS HXT  H N N 87  
GLN N    N N N 88  
GLN CA   C N S 89  
GLN C    C N N 90  
GLN O    O N N 91  
GLN CB   C N N 92  
GLN CG   C N N 93  
GLN CD   C N N 94  
GLN OE1  O N N 95  
GLN NE2  N N N 96  
GLN OXT  O N N 97  
GLN H    H N N 98  
GLN H2   H N N 99  
GLN HA   H N N 100 
GLN HB2  H N N 101 
GLN HB3  H N N 102 
GLN HG2  H N N 103 
GLN HG3  H N N 104 
GLN HE21 H N N 105 
GLN HE22 H N N 106 
GLN HXT  H N N 107 
GLU N    N N N 108 
GLU CA   C N S 109 
GLU C    C N N 110 
GLU O    O N N 111 
GLU CB   C N N 112 
GLU CG   C N N 113 
GLU CD   C N N 114 
GLU OE1  O N N 115 
GLU OE2  O N N 116 
GLU OXT  O N N 117 
GLU H    H N N 118 
GLU H2   H N N 119 
GLU HA   H N N 120 
GLU HB2  H N N 121 
GLU HB3  H N N 122 
GLU HG2  H N N 123 
GLU HG3  H N N 124 
GLU HE2  H N N 125 
GLU HXT  H N N 126 
GLY N    N N N 127 
GLY CA   C N N 128 
GLY C    C N N 129 
GLY O    O N N 130 
GLY OXT  O N N 131 
GLY H    H N N 132 
GLY H2   H N N 133 
GLY HA2  H N N 134 
GLY HA3  H N N 135 
GLY HXT  H N N 136 
HIS N    N N N 137 
HIS CA   C N S 138 
HIS C    C N N 139 
HIS O    O N N 140 
HIS CB   C N N 141 
HIS CG   C Y N 142 
HIS ND1  N Y N 143 
HIS CD2  C Y N 144 
HIS CE1  C Y N 145 
HIS NE2  N Y N 146 
HIS OXT  O N N 147 
HIS H    H N N 148 
HIS H2   H N N 149 
HIS HA   H N N 150 
HIS HB2  H N N 151 
HIS HB3  H N N 152 
HIS HD1  H N N 153 
HIS HD2  H N N 154 
HIS HE1  H N N 155 
HIS HE2  H N N 156 
HIS HXT  H N N 157 
HOH O    O N N 158 
HOH H1   H N N 159 
HOH H2   H N N 160 
ILE N    N N N 161 
ILE CA   C N S 162 
ILE C    C N N 163 
ILE O    O N N 164 
ILE CB   C N S 165 
ILE CG1  C N N 166 
ILE CG2  C N N 167 
ILE CD1  C N N 168 
ILE OXT  O N N 169 
ILE H    H N N 170 
ILE H2   H N N 171 
ILE HA   H N N 172 
ILE HB   H N N 173 
ILE HG12 H N N 174 
ILE HG13 H N N 175 
ILE HG21 H N N 176 
ILE HG22 H N N 177 
ILE HG23 H N N 178 
ILE HD11 H N N 179 
ILE HD12 H N N 180 
ILE HD13 H N N 181 
ILE HXT  H N N 182 
LEU N    N N N 183 
LEU CA   C N S 184 
LEU C    C N N 185 
LEU O    O N N 186 
LEU CB   C N N 187 
LEU CG   C N N 188 
LEU CD1  C N N 189 
LEU CD2  C N N 190 
LEU OXT  O N N 191 
LEU H    H N N 192 
LEU H2   H N N 193 
LEU HA   H N N 194 
LEU HB2  H N N 195 
LEU HB3  H N N 196 
LEU HG   H N N 197 
LEU HD11 H N N 198 
LEU HD12 H N N 199 
LEU HD13 H N N 200 
LEU HD21 H N N 201 
LEU HD22 H N N 202 
LEU HD23 H N N 203 
LEU HXT  H N N 204 
LYS N    N N N 205 
LYS CA   C N S 206 
LYS C    C N N 207 
LYS O    O N N 208 
LYS CB   C N N 209 
LYS CG   C N N 210 
LYS CD   C N N 211 
LYS CE   C N N 212 
LYS NZ   N N N 213 
LYS OXT  O N N 214 
LYS H    H N N 215 
LYS H2   H N N 216 
LYS HA   H N N 217 
LYS HB2  H N N 218 
LYS HB3  H N N 219 
LYS HG2  H N N 220 
LYS HG3  H N N 221 
LYS HD2  H N N 222 
LYS HD3  H N N 223 
LYS HE2  H N N 224 
LYS HE3  H N N 225 
LYS HZ1  H N N 226 
LYS HZ2  H N N 227 
LYS HZ3  H N N 228 
LYS HXT  H N N 229 
MET N    N N N 230 
MET CA   C N S 231 
MET C    C N N 232 
MET O    O N N 233 
MET CB   C N N 234 
MET CG   C N N 235 
MET SD   S N N 236 
MET CE   C N N 237 
MET OXT  O N N 238 
MET H    H N N 239 
MET H2   H N N 240 
MET HA   H N N 241 
MET HB2  H N N 242 
MET HB3  H N N 243 
MET HG2  H N N 244 
MET HG3  H N N 245 
MET HE1  H N N 246 
MET HE2  H N N 247 
MET HE3  H N N 248 
MET HXT  H N N 249 
PHE N    N N N 250 
PHE CA   C N S 251 
PHE C    C N N 252 
PHE O    O N N 253 
PHE CB   C N N 254 
PHE CG   C Y N 255 
PHE CD1  C Y N 256 
PHE CD2  C Y N 257 
PHE CE1  C Y N 258 
PHE CE2  C Y N 259 
PHE CZ   C Y N 260 
PHE OXT  O N N 261 
PHE H    H N N 262 
PHE H2   H N N 263 
PHE HA   H N N 264 
PHE HB2  H N N 265 
PHE HB3  H N N 266 
PHE HD1  H N N 267 
PHE HD2  H N N 268 
PHE HE1  H N N 269 
PHE HE2  H N N 270 
PHE HZ   H N N 271 
PHE HXT  H N N 272 
PRO N    N N N 273 
PRO CA   C N S 274 
PRO C    C N N 275 
PRO O    O N N 276 
PRO CB   C N N 277 
PRO CG   C N N 278 
PRO CD   C N N 279 
PRO OXT  O N N 280 
PRO H    H N N 281 
PRO HA   H N N 282 
PRO HB2  H N N 283 
PRO HB3  H N N 284 
PRO HG2  H N N 285 
PRO HG3  H N N 286 
PRO HD2  H N N 287 
PRO HD3  H N N 288 
PRO HXT  H N N 289 
SER N    N N N 290 
SER CA   C N S 291 
SER C    C N N 292 
SER O    O N N 293 
SER CB   C N N 294 
SER OG   O N N 295 
SER OXT  O N N 296 
SER H    H N N 297 
SER H2   H N N 298 
SER HA   H N N 299 
SER HB2  H N N 300 
SER HB3  H N N 301 
SER HG   H N N 302 
SER HXT  H N N 303 
THR N    N N N 304 
THR CA   C N S 305 
THR C    C N N 306 
THR O    O N N 307 
THR CB   C N R 308 
THR OG1  O N N 309 
THR CG2  C N N 310 
THR OXT  O N N 311 
THR H    H N N 312 
THR H2   H N N 313 
THR HA   H N N 314 
THR HB   H N N 315 
THR HG1  H N N 316 
THR HG21 H N N 317 
THR HG22 H N N 318 
THR HG23 H N N 319 
THR HXT  H N N 320 
TRP N    N N N 321 
TRP CA   C N S 322 
TRP C    C N N 323 
TRP O    O N N 324 
TRP CB   C N N 325 
TRP CG   C Y N 326 
TRP CD1  C Y N 327 
TRP CD2  C Y N 328 
TRP NE1  N Y N 329 
TRP CE2  C Y N 330 
TRP CE3  C Y N 331 
TRP CZ2  C Y N 332 
TRP CZ3  C Y N 333 
TRP CH2  C Y N 334 
TRP OXT  O N N 335 
TRP H    H N N 336 
TRP H2   H N N 337 
TRP HA   H N N 338 
TRP HB2  H N N 339 
TRP HB3  H N N 340 
TRP HD1  H N N 341 
TRP HE1  H N N 342 
TRP HE3  H N N 343 
TRP HZ2  H N N 344 
TRP HZ3  H N N 345 
TRP HH2  H N N 346 
TRP HXT  H N N 347 
TYR N    N N N 348 
TYR CA   C N S 349 
TYR C    C N N 350 
TYR O    O N N 351 
TYR CB   C N N 352 
TYR CG   C Y N 353 
TYR CD1  C Y N 354 
TYR CD2  C Y N 355 
TYR CE1  C Y N 356 
TYR CE2  C Y N 357 
TYR CZ   C Y N 358 
TYR OH   O N N 359 
TYR OXT  O N N 360 
TYR H    H N N 361 
TYR H2   H N N 362 
TYR HA   H N N 363 
TYR HB2  H N N 364 
TYR HB3  H N N 365 
TYR HD1  H N N 366 
TYR HD2  H N N 367 
TYR HE1  H N N 368 
TYR HE2  H N N 369 
TYR HH   H N N 370 
TYR HXT  H N N 371 
VAL N    N N N 372 
VAL CA   C N S 373 
VAL C    C N N 374 
VAL O    O N N 375 
VAL CB   C N N 376 
VAL CG1  C N N 377 
VAL CG2  C N N 378 
VAL OXT  O N N 379 
VAL H    H N N 380 
VAL H2   H N N 381 
VAL HA   H N N 382 
VAL HB   H N N 383 
VAL HG11 H N N 384 
VAL HG12 H N N 385 
VAL HG13 H N N 386 
VAL HG21 H N N 387 
VAL HG22 H N N 388 
VAL HG23 H N N 389 
VAL HXT  H N N 390 
# 
loop_
_chem_comp_bond.comp_id 
_chem_comp_bond.atom_id_1 
_chem_comp_bond.atom_id_2 
_chem_comp_bond.value_order 
_chem_comp_bond.pdbx_aromatic_flag 
_chem_comp_bond.pdbx_stereo_config 
_chem_comp_bond.pdbx_ordinal 
ALA N   CA   sing N N 1   
ALA N   H    sing N N 2   
ALA N   H2   sing N N 3   
ALA CA  C    sing N N 4   
ALA CA  CB   sing N N 5   
ALA CA  HA   sing N N 6   
ALA C   O    doub N N 7   
ALA C   OXT  sing N N 8   
ALA CB  HB1  sing N N 9   
ALA CB  HB2  sing N N 10  
ALA CB  HB3  sing N N 11  
ALA OXT HXT  sing N N 12  
ARG N   CA   sing N N 13  
ARG N   H    sing N N 14  
ARG N   H2   sing N N 15  
ARG CA  C    sing N N 16  
ARG CA  CB   sing N N 17  
ARG CA  HA   sing N N 18  
ARG C   O    doub N N 19  
ARG C   OXT  sing N N 20  
ARG CB  CG   sing N N 21  
ARG CB  HB2  sing N N 22  
ARG CB  HB3  sing N N 23  
ARG CG  CD   sing N N 24  
ARG CG  HG2  sing N N 25  
ARG CG  HG3  sing N N 26  
ARG CD  NE   sing N N 27  
ARG CD  HD2  sing N N 28  
ARG CD  HD3  sing N N 29  
ARG NE  CZ   sing N N 30  
ARG NE  HE   sing N N 31  
ARG CZ  NH1  sing N N 32  
ARG CZ  NH2  doub N N 33  
ARG NH1 HH11 sing N N 34  
ARG NH1 HH12 sing N N 35  
ARG NH2 HH21 sing N N 36  
ARG NH2 HH22 sing N N 37  
ARG OXT HXT  sing N N 38  
ASN N   CA   sing N N 39  
ASN N   H    sing N N 40  
ASN N   H2   sing N N 41  
ASN CA  C    sing N N 42  
ASN CA  CB   sing N N 43  
ASN CA  HA   sing N N 44  
ASN C   O    doub N N 45  
ASN C   OXT  sing N N 46  
ASN CB  CG   sing N N 47  
ASN CB  HB2  sing N N 48  
ASN CB  HB3  sing N N 49  
ASN CG  OD1  doub N N 50  
ASN CG  ND2  sing N N 51  
ASN ND2 HD21 sing N N 52  
ASN ND2 HD22 sing N N 53  
ASN OXT HXT  sing N N 54  
ASP N   CA   sing N N 55  
ASP N   H    sing N N 56  
ASP N   H2   sing N N 57  
ASP CA  C    sing N N 58  
ASP CA  CB   sing N N 59  
ASP CA  HA   sing N N 60  
ASP C   O    doub N N 61  
ASP C   OXT  sing N N 62  
ASP CB  CG   sing N N 63  
ASP CB  HB2  sing N N 64  
ASP CB  HB3  sing N N 65  
ASP CG  OD1  doub N N 66  
ASP CG  OD2  sing N N 67  
ASP OD2 HD2  sing N N 68  
ASP OXT HXT  sing N N 69  
CYS N   CA   sing N N 70  
CYS N   H    sing N N 71  
CYS N   H2   sing N N 72  
CYS CA  C    sing N N 73  
CYS CA  CB   sing N N 74  
CYS CA  HA   sing N N 75  
CYS C   O    doub N N 76  
CYS C   OXT  sing N N 77  
CYS CB  SG   sing N N 78  
CYS CB  HB2  sing N N 79  
CYS CB  HB3  sing N N 80  
CYS SG  HG   sing N N 81  
CYS OXT HXT  sing N N 82  
GLN N   CA   sing N N 83  
GLN N   H    sing N N 84  
GLN N   H2   sing N N 85  
GLN CA  C    sing N N 86  
GLN CA  CB   sing N N 87  
GLN CA  HA   sing N N 88  
GLN C   O    doub N N 89  
GLN C   OXT  sing N N 90  
GLN CB  CG   sing N N 91  
GLN CB  HB2  sing N N 92  
GLN CB  HB3  sing N N 93  
GLN CG  CD   sing N N 94  
GLN CG  HG2  sing N N 95  
GLN CG  HG3  sing N N 96  
GLN CD  OE1  doub N N 97  
GLN CD  NE2  sing N N 98  
GLN NE2 HE21 sing N N 99  
GLN NE2 HE22 sing N N 100 
GLN OXT HXT  sing N N 101 
GLU N   CA   sing N N 102 
GLU N   H    sing N N 103 
GLU N   H2   sing N N 104 
GLU CA  C    sing N N 105 
GLU CA  CB   sing N N 106 
GLU CA  HA   sing N N 107 
GLU C   O    doub N N 108 
GLU C   OXT  sing N N 109 
GLU CB  CG   sing N N 110 
GLU CB  HB2  sing N N 111 
GLU CB  HB3  sing N N 112 
GLU CG  CD   sing N N 113 
GLU CG  HG2  sing N N 114 
GLU CG  HG3  sing N N 115 
GLU CD  OE1  doub N N 116 
GLU CD  OE2  sing N N 117 
GLU OE2 HE2  sing N N 118 
GLU OXT HXT  sing N N 119 
GLY N   CA   sing N N 120 
GLY N   H    sing N N 121 
GLY N   H2   sing N N 122 
GLY CA  C    sing N N 123 
GLY CA  HA2  sing N N 124 
GLY CA  HA3  sing N N 125 
GLY C   O    doub N N 126 
GLY C   OXT  sing N N 127 
GLY OXT HXT  sing N N 128 
HIS N   CA   sing N N 129 
HIS N   H    sing N N 130 
HIS N   H2   sing N N 131 
HIS CA  C    sing N N 132 
HIS CA  CB   sing N N 133 
HIS CA  HA   sing N N 134 
HIS C   O    doub N N 135 
HIS C   OXT  sing N N 136 
HIS CB  CG   sing N N 137 
HIS CB  HB2  sing N N 138 
HIS CB  HB3  sing N N 139 
HIS CG  ND1  sing Y N 140 
HIS CG  CD2  doub Y N 141 
HIS ND1 CE1  doub Y N 142 
HIS ND1 HD1  sing N N 143 
HIS CD2 NE2  sing Y N 144 
HIS CD2 HD2  sing N N 145 
HIS CE1 NE2  sing Y N 146 
HIS CE1 HE1  sing N N 147 
HIS NE2 HE2  sing N N 148 
HIS OXT HXT  sing N N 149 
HOH O   H1   sing N N 150 
HOH O   H2   sing N N 151 
ILE N   CA   sing N N 152 
ILE N   H    sing N N 153 
ILE N   H2   sing N N 154 
ILE CA  C    sing N N 155 
ILE CA  CB   sing N N 156 
ILE CA  HA   sing N N 157 
ILE C   O    doub N N 158 
ILE C   OXT  sing N N 159 
ILE CB  CG1  sing N N 160 
ILE CB  CG2  sing N N 161 
ILE CB  HB   sing N N 162 
ILE CG1 CD1  sing N N 163 
ILE CG1 HG12 sing N N 164 
ILE CG1 HG13 sing N N 165 
ILE CG2 HG21 sing N N 166 
ILE CG2 HG22 sing N N 167 
ILE CG2 HG23 sing N N 168 
ILE CD1 HD11 sing N N 169 
ILE CD1 HD12 sing N N 170 
ILE CD1 HD13 sing N N 171 
ILE OXT HXT  sing N N 172 
LEU N   CA   sing N N 173 
LEU N   H    sing N N 174 
LEU N   H2   sing N N 175 
LEU CA  C    sing N N 176 
LEU CA  CB   sing N N 177 
LEU CA  HA   sing N N 178 
LEU C   O    doub N N 179 
LEU C   OXT  sing N N 180 
LEU CB  CG   sing N N 181 
LEU CB  HB2  sing N N 182 
LEU CB  HB3  sing N N 183 
LEU CG  CD1  sing N N 184 
LEU CG  CD2  sing N N 185 
LEU CG  HG   sing N N 186 
LEU CD1 HD11 sing N N 187 
LEU CD1 HD12 sing N N 188 
LEU CD1 HD13 sing N N 189 
LEU CD2 HD21 sing N N 190 
LEU CD2 HD22 sing N N 191 
LEU CD2 HD23 sing N N 192 
LEU OXT HXT  sing N N 193 
LYS N   CA   sing N N 194 
LYS N   H    sing N N 195 
LYS N   H2   sing N N 196 
LYS CA  C    sing N N 197 
LYS CA  CB   sing N N 198 
LYS CA  HA   sing N N 199 
LYS C   O    doub N N 200 
LYS C   OXT  sing N N 201 
LYS CB  CG   sing N N 202 
LYS CB  HB2  sing N N 203 
LYS CB  HB3  sing N N 204 
LYS CG  CD   sing N N 205 
LYS CG  HG2  sing N N 206 
LYS CG  HG3  sing N N 207 
LYS CD  CE   sing N N 208 
LYS CD  HD2  sing N N 209 
LYS CD  HD3  sing N N 210 
LYS CE  NZ   sing N N 211 
LYS CE  HE2  sing N N 212 
LYS CE  HE3  sing N N 213 
LYS NZ  HZ1  sing N N 214 
LYS NZ  HZ2  sing N N 215 
LYS NZ  HZ3  sing N N 216 
LYS OXT HXT  sing N N 217 
MET N   CA   sing N N 218 
MET N   H    sing N N 219 
MET N   H2   sing N N 220 
MET CA  C    sing N N 221 
MET CA  CB   sing N N 222 
MET CA  HA   sing N N 223 
MET C   O    doub N N 224 
MET C   OXT  sing N N 225 
MET CB  CG   sing N N 226 
MET CB  HB2  sing N N 227 
MET CB  HB3  sing N N 228 
MET CG  SD   sing N N 229 
MET CG  HG2  sing N N 230 
MET CG  HG3  sing N N 231 
MET SD  CE   sing N N 232 
MET CE  HE1  sing N N 233 
MET CE  HE2  sing N N 234 
MET CE  HE3  sing N N 235 
MET OXT HXT  sing N N 236 
PHE N   CA   sing N N 237 
PHE N   H    sing N N 238 
PHE N   H2   sing N N 239 
PHE CA  C    sing N N 240 
PHE CA  CB   sing N N 241 
PHE CA  HA   sing N N 242 
PHE C   O    doub N N 243 
PHE C   OXT  sing N N 244 
PHE CB  CG   sing N N 245 
PHE CB  HB2  sing N N 246 
PHE CB  HB3  sing N N 247 
PHE CG  CD1  doub Y N 248 
PHE CG  CD2  sing Y N 249 
PHE CD1 CE1  sing Y N 250 
PHE CD1 HD1  sing N N 251 
PHE CD2 CE2  doub Y N 252 
PHE CD2 HD2  sing N N 253 
PHE CE1 CZ   doub Y N 254 
PHE CE1 HE1  sing N N 255 
PHE CE2 CZ   sing Y N 256 
PHE CE2 HE2  sing N N 257 
PHE CZ  HZ   sing N N 258 
PHE OXT HXT  sing N N 259 
PRO N   CA   sing N N 260 
PRO N   CD   sing N N 261 
PRO N   H    sing N N 262 
PRO CA  C    sing N N 263 
PRO CA  CB   sing N N 264 
PRO CA  HA   sing N N 265 
PRO C   O    doub N N 266 
PRO C   OXT  sing N N 267 
PRO CB  CG   sing N N 268 
PRO CB  HB2  sing N N 269 
PRO CB  HB3  sing N N 270 
PRO CG  CD   sing N N 271 
PRO CG  HG2  sing N N 272 
PRO CG  HG3  sing N N 273 
PRO CD  HD2  sing N N 274 
PRO CD  HD3  sing N N 275 
PRO OXT HXT  sing N N 276 
SER N   CA   sing N N 277 
SER N   H    sing N N 278 
SER N   H2   sing N N 279 
SER CA  C    sing N N 280 
SER CA  CB   sing N N 281 
SER CA  HA   sing N N 282 
SER C   O    doub N N 283 
SER C   OXT  sing N N 284 
SER CB  OG   sing N N 285 
SER CB  HB2  sing N N 286 
SER CB  HB3  sing N N 287 
SER OG  HG   sing N N 288 
SER OXT HXT  sing N N 289 
THR N   CA   sing N N 290 
THR N   H    sing N N 291 
THR N   H2   sing N N 292 
THR CA  C    sing N N 293 
THR CA  CB   sing N N 294 
THR CA  HA   sing N N 295 
THR C   O    doub N N 296 
THR C   OXT  sing N N 297 
THR CB  OG1  sing N N 298 
THR CB  CG2  sing N N 299 
THR CB  HB   sing N N 300 
THR OG1 HG1  sing N N 301 
THR CG2 HG21 sing N N 302 
THR CG2 HG22 sing N N 303 
THR CG2 HG23 sing N N 304 
THR OXT HXT  sing N N 305 
TRP N   CA   sing N N 306 
TRP N   H    sing N N 307 
TRP N   H2   sing N N 308 
TRP CA  C    sing N N 309 
TRP CA  CB   sing N N 310 
TRP CA  HA   sing N N 311 
TRP C   O    doub N N 312 
TRP C   OXT  sing N N 313 
TRP CB  CG   sing N N 314 
TRP CB  HB2  sing N N 315 
TRP CB  HB3  sing N N 316 
TRP CG  CD1  doub Y N 317 
TRP CG  CD2  sing Y N 318 
TRP CD1 NE1  sing Y N 319 
TRP CD1 HD1  sing N N 320 
TRP CD2 CE2  doub Y N 321 
TRP CD2 CE3  sing Y N 322 
TRP NE1 CE2  sing Y N 323 
TRP NE1 HE1  sing N N 324 
TRP CE2 CZ2  sing Y N 325 
TRP CE3 CZ3  doub Y N 326 
TRP CE3 HE3  sing N N 327 
TRP CZ2 CH2  doub Y N 328 
TRP CZ2 HZ2  sing N N 329 
TRP CZ3 CH2  sing Y N 330 
TRP CZ3 HZ3  sing N N 331 
TRP CH2 HH2  sing N N 332 
TRP OXT HXT  sing N N 333 
TYR N   CA   sing N N 334 
TYR N   H    sing N N 335 
TYR N   H2   sing N N 336 
TYR CA  C    sing N N 337 
TYR CA  CB   sing N N 338 
TYR CA  HA   sing N N 339 
TYR C   O    doub N N 340 
TYR C   OXT  sing N N 341 
TYR CB  CG   sing N N 342 
TYR CB  HB2  sing N N 343 
TYR CB  HB3  sing N N 344 
TYR CG  CD1  doub Y N 345 
TYR CG  CD2  sing Y N 346 
TYR CD1 CE1  sing Y N 347 
TYR CD1 HD1  sing N N 348 
TYR CD2 CE2  doub Y N 349 
TYR CD2 HD2  sing N N 350 
TYR CE1 CZ   doub Y N 351 
TYR CE1 HE1  sing N N 352 
TYR CE2 CZ   sing Y N 353 
TYR CE2 HE2  sing N N 354 
TYR CZ  OH   sing N N 355 
TYR OH  HH   sing N N 356 
TYR OXT HXT  sing N N 357 
VAL N   CA   sing N N 358 
VAL N   H    sing N N 359 
VAL N   H2   sing N N 360 
VAL CA  C    sing N N 361 
VAL CA  CB   sing N N 362 
VAL CA  HA   sing N N 363 
VAL C   O    doub N N 364 
VAL C   OXT  sing N N 365 
VAL CB  CG1  sing N N 366 
VAL CB  CG2  sing N N 367 
VAL CB  HB   sing N N 368 
VAL CG1 HG11 sing N N 369 
VAL CG1 HG12 sing N N 370 
VAL CG1 HG13 sing N N 371 
VAL CG2 HG21 sing N N 372 
VAL CG2 HG22 sing N N 373 
VAL CG2 HG23 sing N N 374 
VAL OXT HXT  sing N N 375 
# 
_pdbx_audit_support.funding_organization   'Canadian Institutes of Health Research (CIHR)' 
_pdbx_audit_support.country                Canada 
_pdbx_audit_support.grant_number           ? 
_pdbx_audit_support.ordinal                1 
# 
_pdbx_entity_nonpoly.entity_id   2 
_pdbx_entity_nonpoly.name        water 
_pdbx_entity_nonpoly.comp_id     HOH 
# 
_pdbx_initial_refinement_model.id               1 
_pdbx_initial_refinement_model.entity_id_list   ? 
_pdbx_initial_refinement_model.type             'experimental model' 
_pdbx_initial_refinement_model.source_name      PDB 
_pdbx_initial_refinement_model.accession_code   4K1O 
_pdbx_initial_refinement_model.details          'PDB entry 4K1O' 
# 
_pdbx_struct_assembly_auth_evidence.id                     1 
_pdbx_struct_assembly_auth_evidence.assembly_id            1 
_pdbx_struct_assembly_auth_evidence.experimental_support   'gel filtration' 
_pdbx_struct_assembly_auth_evidence.details                ? 
# 
_space_group.name_H-M_alt     'P 65 2 2' 
_space_group.name_Hall        'P 65 2 (x,y,z+1/12)' 
_space_group.IT_number        179 
_space_group.crystal_system   hexagonal 
_space_group.id               1 
# 
